data_4FH1
# 
_entry.id   4FH1 
# 
_audit_conform.dict_name       mmcif_pdbx.dic 
_audit_conform.dict_version    5.379 
_audit_conform.dict_location   http://mmcif.pdb.org/dictionaries/ascii/mmcif_pdbx.dic 
# 
loop_
_database_2.database_id 
_database_2.database_code 
_database_2.pdbx_database_accession 
_database_2.pdbx_DOI 
PDB   4FH1         pdb_00004fh1 10.2210/pdb4fh1/pdb 
RCSB  RCSB072890   ?            ?                   
WWPDB D_1000072890 ?            ?                   
# 
_pdbx_database_status.status_code                     REL 
_pdbx_database_status.entry_id                        4FH1 
_pdbx_database_status.recvd_initial_deposition_date   2012-06-05 
_pdbx_database_status.deposit_site                    RCSB 
_pdbx_database_status.process_site                    RCSB 
_pdbx_database_status.status_code_sf                  REL 
_pdbx_database_status.status_code_mr                  ? 
_pdbx_database_status.SG_entry                        ? 
_pdbx_database_status.status_code_cs                  ? 
_pdbx_database_status.methods_development_category    ? 
_pdbx_database_status.pdb_format_compatible           Y 
_pdbx_database_status.status_code_nmr_data            ? 
# 
loop_
_audit_author.name 
_audit_author.pdbx_ordinal 
'Berndsen, C.E.' 1 
'Wolberger, C.'  2 
'Wiener, R.'     3 
# 
_citation.id                        primary 
_citation.title                     'A conserved asparagine has a structural role in ubiquitin-conjugating enzymes.' 
_citation.journal_abbrev            Nat.Chem.Biol. 
_citation.journal_volume            9 
_citation.page_first                154 
_citation.page_last                 156 
_citation.year                      2013 
_citation.journal_id_ASTM           ? 
_citation.country                   US 
_citation.journal_id_ISSN           1552-4450 
_citation.journal_id_CSD            ? 
_citation.book_publisher            ? 
_citation.pdbx_database_id_PubMed   23292652 
_citation.pdbx_database_id_DOI      10.1038/nchembio.1159 
# 
loop_
_citation_author.citation_id 
_citation_author.name 
_citation_author.ordinal 
_citation_author.identifier_ORCID 
primary 'Berndsen, C.E.' 1 ? 
primary 'Wiener, R.'     2 ? 
primary 'Yu, I.W.'       3 ? 
primary 'Ringel, A.E.'   4 ? 
primary 'Wolberger, C.'  5 ? 
# 
_cell.entry_id           4FH1 
_cell.length_a           77.026 
_cell.length_b           77.026 
_cell.length_c           68.350 
_cell.angle_alpha        90.00 
_cell.angle_beta         90.00 
_cell.angle_gamma        120.00 
_cell.Z_PDB              6 
_cell.pdbx_unique_axis   ? 
_cell.length_a_esd       ? 
_cell.length_b_esd       ? 
_cell.length_c_esd       ? 
_cell.angle_alpha_esd    ? 
_cell.angle_beta_esd     ? 
_cell.angle_gamma_esd    ? 
# 
_symmetry.entry_id                         4FH1 
_symmetry.space_group_name_H-M             'P 31 2 1' 
_symmetry.pdbx_full_space_group_name_H-M   ? 
_symmetry.cell_setting                     ? 
_symmetry.Int_Tables_number                152 
_symmetry.space_group_name_Hall            ? 
# 
loop_
_entity.id 
_entity.type 
_entity.src_method 
_entity.pdbx_description 
_entity.formula_weight 
_entity.pdbx_number_of_molecules 
_entity.pdbx_ec 
_entity.pdbx_mutation 
_entity.pdbx_fragment 
_entity.details 
1 polymer     man 'Ubiquitin-conjugating enzyme E2 13'        17430.893 1 6.3.2.19 'N79A, C87S' ? ? 
2 non-polymer syn '2-[N-CYCLOHEXYLAMINO]ETHANE SULFONIC ACID' 207.290   1 ?        ?            ? ? 
3 water       nat water                                       18.015    8 ?        ?            ? ? 
# 
_entity_name_com.entity_id   1 
_entity_name_com.name        'Ubiquitin carrier protein 13, Ubiquitin-protein ligase 13' 
# 
_entity_poly.entity_id                      1 
_entity_poly.type                           'polypeptide(L)' 
_entity_poly.nstd_linkage                   no 
_entity_poly.nstd_monomer                   no 
_entity_poly.pdbx_seq_one_letter_code       
;MASLPKRIIKETEKLVSDPVPGITAEPHDDNLRYFQVTIEGPEQSPYEDGIFELELYLPDDYPMEAPKVRFLTKIYHPAI
DRLGRISLDVLKTNWSPALQIRTVLLSIQALLASPNPNDPLANDVAEDWIKNEQGAKAKAREWTKLYAKKKPE
;
_entity_poly.pdbx_seq_one_letter_code_can   
;MASLPKRIIKETEKLVSDPVPGITAEPHDDNLRYFQVTIEGPEQSPYEDGIFELELYLPDDYPMEAPKVRFLTKIYHPAI
DRLGRISLDVLKTNWSPALQIRTVLLSIQALLASPNPNDPLANDVAEDWIKNEQGAKAKAREWTKLYAKKKPE
;
_entity_poly.pdbx_strand_id                 A 
_entity_poly.pdbx_target_identifier         ? 
# 
loop_
_entity_poly_seq.entity_id 
_entity_poly_seq.num 
_entity_poly_seq.mon_id 
_entity_poly_seq.hetero 
1 1   MET n 
1 2   ALA n 
1 3   SER n 
1 4   LEU n 
1 5   PRO n 
1 6   LYS n 
1 7   ARG n 
1 8   ILE n 
1 9   ILE n 
1 10  LYS n 
1 11  GLU n 
1 12  THR n 
1 13  GLU n 
1 14  LYS n 
1 15  LEU n 
1 16  VAL n 
1 17  SER n 
1 18  ASP n 
1 19  PRO n 
1 20  VAL n 
1 21  PRO n 
1 22  GLY n 
1 23  ILE n 
1 24  THR n 
1 25  ALA n 
1 26  GLU n 
1 27  PRO n 
1 28  HIS n 
1 29  ASP n 
1 30  ASP n 
1 31  ASN n 
1 32  LEU n 
1 33  ARG n 
1 34  TYR n 
1 35  PHE n 
1 36  GLN n 
1 37  VAL n 
1 38  THR n 
1 39  ILE n 
1 40  GLU n 
1 41  GLY n 
1 42  PRO n 
1 43  GLU n 
1 44  GLN n 
1 45  SER n 
1 46  PRO n 
1 47  TYR n 
1 48  GLU n 
1 49  ASP n 
1 50  GLY n 
1 51  ILE n 
1 52  PHE n 
1 53  GLU n 
1 54  LEU n 
1 55  GLU n 
1 56  LEU n 
1 57  TYR n 
1 58  LEU n 
1 59  PRO n 
1 60  ASP n 
1 61  ASP n 
1 62  TYR n 
1 63  PRO n 
1 64  MET n 
1 65  GLU n 
1 66  ALA n 
1 67  PRO n 
1 68  LYS n 
1 69  VAL n 
1 70  ARG n 
1 71  PHE n 
1 72  LEU n 
1 73  THR n 
1 74  LYS n 
1 75  ILE n 
1 76  TYR n 
1 77  HIS n 
1 78  PRO n 
1 79  ALA n 
1 80  ILE n 
1 81  ASP n 
1 82  ARG n 
1 83  LEU n 
1 84  GLY n 
1 85  ARG n 
1 86  ILE n 
1 87  SER n 
1 88  LEU n 
1 89  ASP n 
1 90  VAL n 
1 91  LEU n 
1 92  LYS n 
1 93  THR n 
1 94  ASN n 
1 95  TRP n 
1 96  SER n 
1 97  PRO n 
1 98  ALA n 
1 99  LEU n 
1 100 GLN n 
1 101 ILE n 
1 102 ARG n 
1 103 THR n 
1 104 VAL n 
1 105 LEU n 
1 106 LEU n 
1 107 SER n 
1 108 ILE n 
1 109 GLN n 
1 110 ALA n 
1 111 LEU n 
1 112 LEU n 
1 113 ALA n 
1 114 SER n 
1 115 PRO n 
1 116 ASN n 
1 117 PRO n 
1 118 ASN n 
1 119 ASP n 
1 120 PRO n 
1 121 LEU n 
1 122 ALA n 
1 123 ASN n 
1 124 ASP n 
1 125 VAL n 
1 126 ALA n 
1 127 GLU n 
1 128 ASP n 
1 129 TRP n 
1 130 ILE n 
1 131 LYS n 
1 132 ASN n 
1 133 GLU n 
1 134 GLN n 
1 135 GLY n 
1 136 ALA n 
1 137 LYS n 
1 138 ALA n 
1 139 LYS n 
1 140 ALA n 
1 141 ARG n 
1 142 GLU n 
1 143 TRP n 
1 144 THR n 
1 145 LYS n 
1 146 LEU n 
1 147 TYR n 
1 148 ALA n 
1 149 LYS n 
1 150 LYS n 
1 151 LYS n 
1 152 PRO n 
1 153 GLU n 
# 
_entity_src_gen.entity_id                          1 
_entity_src_gen.pdbx_src_id                        1 
_entity_src_gen.pdbx_alt_source_flag               sample 
_entity_src_gen.pdbx_seq_type                      ? 
_entity_src_gen.pdbx_beg_seq_num                   ? 
_entity_src_gen.pdbx_end_seq_num                   ? 
_entity_src_gen.gene_src_common_name               
;Baker's yeast
;
_entity_src_gen.gene_src_genus                     ? 
_entity_src_gen.pdbx_gene_src_gene                 'UBC13, YDR092W, YD6652.04' 
_entity_src_gen.gene_src_species                   ? 
_entity_src_gen.gene_src_strain                    'ATCC 204508 / S288c' 
_entity_src_gen.gene_src_tissue                    ? 
_entity_src_gen.gene_src_tissue_fraction           ? 
_entity_src_gen.gene_src_details                   ? 
_entity_src_gen.pdbx_gene_src_fragment             ? 
_entity_src_gen.pdbx_gene_src_scientific_name      'Saccharomyces cerevisiae' 
_entity_src_gen.pdbx_gene_src_ncbi_taxonomy_id     559292 
_entity_src_gen.pdbx_gene_src_variant              ? 
_entity_src_gen.pdbx_gene_src_cell_line            ? 
_entity_src_gen.pdbx_gene_src_atcc                 ? 
_entity_src_gen.pdbx_gene_src_organ                ? 
_entity_src_gen.pdbx_gene_src_organelle            ? 
_entity_src_gen.pdbx_gene_src_cell                 ? 
_entity_src_gen.pdbx_gene_src_cellular_location    ? 
_entity_src_gen.host_org_common_name               ? 
_entity_src_gen.pdbx_host_org_scientific_name      'Escherichia coli' 
_entity_src_gen.pdbx_host_org_ncbi_taxonomy_id     562 
_entity_src_gen.host_org_genus                     ? 
_entity_src_gen.pdbx_host_org_gene                 ? 
_entity_src_gen.pdbx_host_org_organ                ? 
_entity_src_gen.host_org_species                   ? 
_entity_src_gen.pdbx_host_org_tissue               ? 
_entity_src_gen.pdbx_host_org_tissue_fraction      ? 
_entity_src_gen.pdbx_host_org_strain               'BL21(DE3)pLysS' 
_entity_src_gen.pdbx_host_org_variant              ? 
_entity_src_gen.pdbx_host_org_cell_line            ? 
_entity_src_gen.pdbx_host_org_atcc                 ? 
_entity_src_gen.pdbx_host_org_culture_collection   ? 
_entity_src_gen.pdbx_host_org_cell                 ? 
_entity_src_gen.pdbx_host_org_organelle            ? 
_entity_src_gen.pdbx_host_org_cellular_location    ? 
_entity_src_gen.pdbx_host_org_vector_type          pET32a 
_entity_src_gen.pdbx_host_org_vector               ? 
_entity_src_gen.host_org_details                   ? 
_entity_src_gen.expression_system_id               ? 
_entity_src_gen.plasmid_name                       ? 
_entity_src_gen.plasmid_details                    ? 
_entity_src_gen.pdbx_description                   ? 
# 
_struct_ref.id                         1 
_struct_ref.db_name                    UNP 
_struct_ref.db_code                    UBC13_YEAST 
_struct_ref.pdbx_db_accession          P52490 
_struct_ref.entity_id                  1 
_struct_ref.pdbx_seq_one_letter_code   
;MASLPKRIIKETEKLVSDPVPGITAEPHDDNLRYFQVTIEGPEQSPYEDGIFELELYLPDDYPMEAPKVRFLTKIYHPNI
DRLGRICLDVLKTNWSPALQIRTVLLSIQALLASPNPNDPLANDVAEDWIKNEQGAKAKAREWTKLYAKKKPE
;
_struct_ref.pdbx_align_begin           1 
_struct_ref.pdbx_db_isoform            ? 
# 
_struct_ref_seq.align_id                      1 
_struct_ref_seq.ref_id                        1 
_struct_ref_seq.pdbx_PDB_id_code              4FH1 
_struct_ref_seq.pdbx_strand_id                A 
_struct_ref_seq.seq_align_beg                 1 
_struct_ref_seq.pdbx_seq_align_beg_ins_code   ? 
_struct_ref_seq.seq_align_end                 152 
_struct_ref_seq.pdbx_seq_align_end_ins_code   ? 
_struct_ref_seq.pdbx_db_accession             P52490 
_struct_ref_seq.db_align_beg                  1 
_struct_ref_seq.pdbx_db_align_beg_ins_code    ? 
_struct_ref_seq.db_align_end                  153 
_struct_ref_seq.pdbx_db_align_end_ins_code    ? 
_struct_ref_seq.pdbx_auth_seq_align_beg       1 
_struct_ref_seq.pdbx_auth_seq_align_end       152 
# 
loop_
_struct_ref_seq_dif.align_id 
_struct_ref_seq_dif.pdbx_pdb_id_code 
_struct_ref_seq_dif.mon_id 
_struct_ref_seq_dif.pdbx_pdb_strand_id 
_struct_ref_seq_dif.seq_num 
_struct_ref_seq_dif.pdbx_pdb_ins_code 
_struct_ref_seq_dif.pdbx_seq_db_name 
_struct_ref_seq_dif.pdbx_seq_db_accession_code 
_struct_ref_seq_dif.db_mon_id 
_struct_ref_seq_dif.pdbx_seq_db_seq_num 
_struct_ref_seq_dif.details 
_struct_ref_seq_dif.pdbx_auth_seq_num 
_struct_ref_seq_dif.pdbx_ordinal 
1 4FH1 ALA A 79 ? UNP P52490 ASN 79 'engineered mutation' 79 1 
1 4FH1 SER A 87 ? UNP P52490 CYS 87 'engineered mutation' 87 2 
# 
loop_
_chem_comp.id 
_chem_comp.type 
_chem_comp.mon_nstd_flag 
_chem_comp.name 
_chem_comp.pdbx_synonyms 
_chem_comp.formula 
_chem_comp.formula_weight 
ALA 'L-peptide linking' y ALANINE                                     ?                           'C3 H7 N O2'     89.093  
ARG 'L-peptide linking' y ARGININE                                    ?                           'C6 H15 N4 O2 1' 175.209 
ASN 'L-peptide linking' y ASPARAGINE                                  ?                           'C4 H8 N2 O3'    132.118 
ASP 'L-peptide linking' y 'ASPARTIC ACID'                             ?                           'C4 H7 N O4'     133.103 
CYS 'L-peptide linking' y CYSTEINE                                    ?                           'C3 H7 N O2 S'   121.158 
GLN 'L-peptide linking' y GLUTAMINE                                   ?                           'C5 H10 N2 O3'   146.144 
GLU 'L-peptide linking' y 'GLUTAMIC ACID'                             ?                           'C5 H9 N O4'     147.129 
GLY 'peptide linking'   y GLYCINE                                     ?                           'C2 H5 N O2'     75.067  
HIS 'L-peptide linking' y HISTIDINE                                   ?                           'C6 H10 N3 O2 1' 156.162 
HOH non-polymer         . WATER                                       ?                           'H2 O'           18.015  
ILE 'L-peptide linking' y ISOLEUCINE                                  ?                           'C6 H13 N O2'    131.173 
LEU 'L-peptide linking' y LEUCINE                                     ?                           'C6 H13 N O2'    131.173 
LYS 'L-peptide linking' y LYSINE                                      ?                           'C6 H15 N2 O2 1' 147.195 
MET 'L-peptide linking' y METHIONINE                                  ?                           'C5 H11 N O2 S'  149.211 
NHE non-polymer         . '2-[N-CYCLOHEXYLAMINO]ETHANE SULFONIC ACID' 'N-CYCLOHEXYLTAURINE; CHES' 'C8 H17 N O3 S'  207.290 
PHE 'L-peptide linking' y PHENYLALANINE                               ?                           'C9 H11 N O2'    165.189 
PRO 'L-peptide linking' y PROLINE                                     ?                           'C5 H9 N O2'     115.130 
SER 'L-peptide linking' y SERINE                                      ?                           'C3 H7 N O3'     105.093 
THR 'L-peptide linking' y THREONINE                                   ?                           'C4 H9 N O3'     119.119 
TRP 'L-peptide linking' y TRYPTOPHAN                                  ?                           'C11 H12 N2 O2'  204.225 
TYR 'L-peptide linking' y TYROSINE                                    ?                           'C9 H11 N O3'    181.189 
VAL 'L-peptide linking' y VALINE                                      ?                           'C5 H11 N O2'    117.146 
# 
_exptl.entry_id          4FH1 
_exptl.method            'X-RAY DIFFRACTION' 
_exptl.crystals_number   1 
# 
_exptl_crystal.id                    1 
_exptl_crystal.density_meas          ? 
_exptl_crystal.density_Matthews      3.36 
_exptl_crystal.density_percent_sol   63.37 
_exptl_crystal.description           ? 
_exptl_crystal.F_000                 ? 
_exptl_crystal.preparation           ? 
# 
_exptl_crystal_grow.crystal_id      1 
_exptl_crystal_grow.method          'VAPOR DIFFUSION, HANGING DROP' 
_exptl_crystal_grow.temp            296 
_exptl_crystal_grow.temp_details    ? 
_exptl_crystal_grow.pH              10.3 
_exptl_crystal_grow.pdbx_pH_range   ? 
_exptl_crystal_grow.pdbx_details    '0.1 M CHES, pH 10.3, 20% PEG8000, VAPOR DIFFUSION, HANGING DROP, temperature 296K' 
# 
_diffrn.id                     1 
_diffrn.ambient_temp           110 
_diffrn.ambient_temp_details   ? 
_diffrn.crystal_id             1 
# 
_diffrn_detector.diffrn_id              1 
_diffrn_detector.detector               'IMAGE PLATE' 
_diffrn_detector.type                   'MAR scanner 345 mm plate' 
_diffrn_detector.pdbx_collection_date   2012-03-11 
_diffrn_detector.details                ? 
# 
_diffrn_radiation.diffrn_id                        1 
_diffrn_radiation.wavelength_id                    1 
_diffrn_radiation.pdbx_monochromatic_or_laue_m_l   M 
_diffrn_radiation.monochromator                    ? 
_diffrn_radiation.pdbx_diffrn_protocol             'SINGLE WAVELENGTH' 
_diffrn_radiation.pdbx_scattering_type             x-ray 
# 
_diffrn_radiation_wavelength.id           1 
_diffrn_radiation_wavelength.wavelength   1.033 
_diffrn_radiation_wavelength.wt           1.0 
# 
_diffrn_source.diffrn_id                   1 
_diffrn_source.source                      SYNCHROTRON 
_diffrn_source.type                        'APS BEAMLINE 23-ID-B' 
_diffrn_source.pdbx_synchrotron_site       APS 
_diffrn_source.pdbx_synchrotron_beamline   23-ID-B 
_diffrn_source.pdbx_wavelength             ? 
_diffrn_source.pdbx_wavelength_list        1.033 
# 
_reflns.pdbx_diffrn_id               1 
_reflns.pdbx_ordinal                 1 
_reflns.entry_id                     4FH1 
_reflns.observed_criterion_sigma_I   1.0 
_reflns.observed_criterion_sigma_F   2.0 
_reflns.d_resolution_low             66.71 
_reflns.d_resolution_high            2.65 
_reflns.number_obs                   7065 
_reflns.number_all                   ? 
_reflns.percent_possible_obs         99.8 
_reflns.pdbx_Rmerge_I_obs            ? 
_reflns.pdbx_Rsym_value              0.139 
_reflns.pdbx_netI_over_sigmaI        12.3 
_reflns.B_iso_Wilson_estimate        ? 
_reflns.pdbx_redundancy              4.9 
_reflns.R_free_details               ? 
_reflns.limit_h_max                  ? 
_reflns.limit_h_min                  ? 
_reflns.limit_k_max                  ? 
_reflns.limit_k_min                  ? 
_reflns.limit_l_max                  ? 
_reflns.limit_l_min                  ? 
_reflns.observed_criterion_F_max     ? 
_reflns.observed_criterion_F_min     ? 
_reflns.pdbx_chi_squared             ? 
_reflns.pdbx_scaling_rejects         ? 
# 
_reflns_shell.pdbx_diffrn_id         1 
_reflns_shell.pdbx_ordinal           1 
_reflns_shell.d_res_high             2.65 
_reflns_shell.d_res_low              2.7 
_reflns_shell.percent_possible_all   100 
_reflns_shell.Rmerge_I_obs           ? 
_reflns_shell.pdbx_Rsym_value        ? 
_reflns_shell.meanI_over_sigI_obs    ? 
_reflns_shell.pdbx_redundancy        ? 
_reflns_shell.percent_possible_obs   ? 
_reflns_shell.number_unique_all      ? 
_reflns_shell.number_measured_all    ? 
_reflns_shell.number_measured_obs    ? 
_reflns_shell.number_unique_obs      ? 
_reflns_shell.pdbx_chi_squared       ? 
# 
_refine.pdbx_refine_id                           'X-RAY DIFFRACTION' 
_refine.entry_id                                 4FH1 
_refine.pdbx_diffrn_id                           1 
_refine.pdbx_TLS_residual_ADP_flag               ? 
_refine.ls_number_reflns_obs                     7065 
_refine.ls_number_reflns_all                     7410 
_refine.pdbx_ls_sigma_I                          ? 
_refine.pdbx_ls_sigma_F                          . 
_refine.pdbx_data_cutoff_high_absF               ? 
_refine.pdbx_data_cutoff_low_absF                ? 
_refine.pdbx_data_cutoff_high_rms_absF           ? 
_refine.ls_d_res_low                             33.35 
_refine.ls_d_res_high                            2.61 
_refine.ls_percent_reflns_obs                    99.36 
_refine.ls_R_factor_obs                          0.21990 
_refine.ls_R_factor_all                          ? 
_refine.ls_R_factor_R_work                       0.21866 
_refine.ls_R_factor_R_free                       0.24553 
_refine.ls_R_factor_R_free_error                 ? 
_refine.ls_R_factor_R_free_error_details         ? 
_refine.ls_percent_reflns_R_free                 4.7 
_refine.ls_number_reflns_R_free                  345 
_refine.ls_number_parameters                     ? 
_refine.ls_number_restraints                     ? 
_refine.occupancy_min                            ? 
_refine.occupancy_max                            ? 
_refine.correlation_coeff_Fo_to_Fc               0.942 
_refine.correlation_coeff_Fo_to_Fc_free          0.926 
_refine.B_iso_mean                               56.209 
_refine.aniso_B[1][1]                            1.43 
_refine.aniso_B[2][2]                            1.43 
_refine.aniso_B[3][3]                            -2.15 
_refine.aniso_B[1][2]                            0.72 
_refine.aniso_B[1][3]                            -0.00 
_refine.aniso_B[2][3]                            -0.00 
_refine.solvent_model_details                    MASK 
_refine.solvent_model_param_ksol                 ? 
_refine.solvent_model_param_bsol                 ? 
_refine.pdbx_solvent_vdw_probe_radii             1.20 
_refine.pdbx_solvent_ion_probe_radii             0.80 
_refine.pdbx_solvent_shrinkage_radii             0.80 
_refine.pdbx_ls_cross_valid_method               THROUGHOUT 
_refine.details                                  'HYDROGENS HAVE BEEN USED IF PRESENT IN THE INPUT' 
_refine.pdbx_starting_model                      1JBB 
_refine.pdbx_method_to_determine_struct          'MOLECULAR REPLACEMENT' 
_refine.pdbx_isotropic_thermal_model             ? 
_refine.pdbx_stereochemistry_target_values       'MAXIMUM LIKELIHOOD' 
_refine.pdbx_stereochem_target_val_spec_case     ? 
_refine.pdbx_R_Free_selection_details            RANDOM 
_refine.pdbx_overall_ESU_R                       0.387 
_refine.pdbx_overall_ESU_R_Free                  0.261 
_refine.overall_SU_ML                            0.202 
_refine.pdbx_overall_phase_error                 ? 
_refine.overall_SU_B                             9.487 
_refine.overall_SU_R_Cruickshank_DPI             ? 
_refine.pdbx_overall_SU_R_free_Cruickshank_DPI   ? 
_refine.pdbx_overall_SU_R_Blow_DPI               ? 
_refine.pdbx_overall_SU_R_free_Blow_DPI          ? 
_refine.ls_redundancy_reflns_obs                 ? 
_refine.B_iso_min                                ? 
_refine.B_iso_max                                ? 
_refine.overall_SU_R_free                        ? 
_refine.ls_wR_factor_R_free                      ? 
_refine.ls_wR_factor_R_work                      ? 
_refine.overall_FOM_free_R_set                   ? 
_refine.overall_FOM_work_R_set                   ? 
# 
_refine_hist.pdbx_refine_id                   'X-RAY DIFFRACTION' 
_refine_hist.cycle_id                         LAST 
_refine_hist.pdbx_number_atoms_protein        1109 
_refine_hist.pdbx_number_atoms_nucleic_acid   0 
_refine_hist.pdbx_number_atoms_ligand         13 
_refine_hist.number_atoms_solvent             8 
_refine_hist.number_atoms_total               1130 
_refine_hist.d_res_high                       2.61 
_refine_hist.d_res_low                        33.35 
# 
loop_
_refine_ls_restr.type 
_refine_ls_restr.dev_ideal 
_refine_ls_restr.dev_ideal_target 
_refine_ls_restr.weight 
_refine_ls_restr.number 
_refine_ls_restr.pdbx_refine_id 
_refine_ls_restr.pdbx_restraint_function 
r_bond_refined_d             0.007  0.020  ? 1150 'X-RAY DIFFRACTION' ? 
r_bond_other_d               ?      ?      ? ?    'X-RAY DIFFRACTION' ? 
r_angle_refined_deg          1.045  1.999  ? 1574 'X-RAY DIFFRACTION' ? 
r_angle_other_deg            ?      ?      ? ?    'X-RAY DIFFRACTION' ? 
r_dihedral_angle_1_deg       5.141  5.000  ? 143  'X-RAY DIFFRACTION' ? 
r_dihedral_angle_2_deg       35.312 24.419 ? 43   'X-RAY DIFFRACTION' ? 
r_dihedral_angle_3_deg       18.075 15.000 ? 176  'X-RAY DIFFRACTION' ? 
r_dihedral_angle_4_deg       19.158 15.000 ? 5    'X-RAY DIFFRACTION' ? 
r_chiral_restr               0.062  0.200  ? 183  'X-RAY DIFFRACTION' ? 
r_gen_planes_refined         0.005  0.022  ? 856  'X-RAY DIFFRACTION' ? 
r_gen_planes_other           ?      ?      ? ?    'X-RAY DIFFRACTION' ? 
r_nbd_refined                ?      ?      ? ?    'X-RAY DIFFRACTION' ? 
r_nbd_other                  ?      ?      ? ?    'X-RAY DIFFRACTION' ? 
r_nbtor_refined              ?      ?      ? ?    'X-RAY DIFFRACTION' ? 
r_nbtor_other                ?      ?      ? ?    'X-RAY DIFFRACTION' ? 
r_xyhbond_nbd_refined        ?      ?      ? ?    'X-RAY DIFFRACTION' ? 
r_xyhbond_nbd_other          ?      ?      ? ?    'X-RAY DIFFRACTION' ? 
r_metal_ion_refined          ?      ?      ? ?    'X-RAY DIFFRACTION' ? 
r_metal_ion_other            ?      ?      ? ?    'X-RAY DIFFRACTION' ? 
r_symmetry_vdw_refined       ?      ?      ? ?    'X-RAY DIFFRACTION' ? 
r_symmetry_vdw_other         ?      ?      ? ?    'X-RAY DIFFRACTION' ? 
r_symmetry_hbond_refined     ?      ?      ? ?    'X-RAY DIFFRACTION' ? 
r_symmetry_hbond_other       ?      ?      ? ?    'X-RAY DIFFRACTION' ? 
r_symmetry_metal_ion_refined ?      ?      ? ?    'X-RAY DIFFRACTION' ? 
r_symmetry_metal_ion_other   ?      ?      ? ?    'X-RAY DIFFRACTION' ? 
r_mcbond_it                  ?      ?      ? ?    'X-RAY DIFFRACTION' ? 
r_mcbond_other               ?      ?      ? ?    'X-RAY DIFFRACTION' ? 
r_mcangle_it                 ?      ?      ? ?    'X-RAY DIFFRACTION' ? 
r_scbond_it                  ?      ?      ? ?    'X-RAY DIFFRACTION' ? 
r_scangle_it                 ?      ?      ? ?    'X-RAY DIFFRACTION' ? 
r_rigid_bond_restr           ?      ?      ? ?    'X-RAY DIFFRACTION' ? 
r_sphericity_free            ?      ?      ? ?    'X-RAY DIFFRACTION' ? 
r_sphericity_bonded          ?      ?      ? ?    'X-RAY DIFFRACTION' ? 
# 
_refine_ls_shell.pdbx_refine_id                   'X-RAY DIFFRACTION' 
_refine_ls_shell.pdbx_total_number_of_bins_used   20 
_refine_ls_shell.d_res_high                       2.607 
_refine_ls_shell.d_res_low                        2.674 
_refine_ls_shell.number_reflns_R_work             475 
_refine_ls_shell.R_factor_R_work                  0.328 
_refine_ls_shell.percent_reflns_obs               99.60 
_refine_ls_shell.R_factor_R_free                  0.369 
_refine_ls_shell.R_factor_R_free_error            ? 
_refine_ls_shell.percent_reflns_R_free            ? 
_refine_ls_shell.number_reflns_R_free             21 
_refine_ls_shell.number_reflns_all                ? 
_refine_ls_shell.R_factor_all                     ? 
_refine_ls_shell.redundancy_reflns_obs            ? 
_refine_ls_shell.number_reflns_obs                ? 
# 
_struct.entry_id                  4FH1 
_struct.title                     'S. cerevisiae Ubc13-N79A' 
_struct.pdbx_model_details        ? 
_struct.pdbx_CASP_flag            ? 
_struct.pdbx_model_type_details   ? 
# 
_struct_keywords.entry_id        4FH1 
_struct_keywords.pdbx_keywords   LIGASE 
_struct_keywords.text            'Ubiquitin Conjugating Enzyme, LIGASE' 
# 
loop_
_struct_asym.id 
_struct_asym.pdbx_blank_PDB_chainid_flag 
_struct_asym.pdbx_modified 
_struct_asym.entity_id 
_struct_asym.details 
A N N 1 ? 
B N N 2 ? 
C N N 3 ? 
# 
_struct_biol.id        1 
_struct_biol.details   ? 
# 
loop_
_struct_conf.conf_type_id 
_struct_conf.id 
_struct_conf.pdbx_PDB_helix_id 
_struct_conf.beg_label_comp_id 
_struct_conf.beg_label_asym_id 
_struct_conf.beg_label_seq_id 
_struct_conf.pdbx_beg_PDB_ins_code 
_struct_conf.end_label_comp_id 
_struct_conf.end_label_asym_id 
_struct_conf.end_label_seq_id 
_struct_conf.pdbx_end_PDB_ins_code 
_struct_conf.beg_auth_comp_id 
_struct_conf.beg_auth_asym_id 
_struct_conf.beg_auth_seq_id 
_struct_conf.end_auth_comp_id 
_struct_conf.end_auth_asym_id 
_struct_conf.end_auth_seq_id 
_struct_conf.pdbx_PDB_helix_class 
_struct_conf.details 
_struct_conf.pdbx_PDB_helix_length 
HELX_P HELX_P1 1 PRO A 5   ? ASP A 18  ? PRO A 5   ASP A 18  1 ? 14 
HELX_P HELX_P2 2 LEU A 88  ? LYS A 92  ? LEU A 88  LYS A 92  5 ? 5  
HELX_P HELX_P3 3 GLN A 100 ? SER A 114 ? GLN A 100 SER A 114 1 ? 15 
HELX_P HELX_P4 4 ASP A 124 ? TRP A 129 ? ASP A 124 TRP A 129 1 ? 6  
HELX_P HELX_P5 5 ASN A 132 ? ALA A 148 ? ASN A 132 ALA A 148 1 ? 17 
# 
_struct_conf_type.id          HELX_P 
_struct_conf_type.criteria    ? 
_struct_conf_type.reference   ? 
# 
_struct_mon_prot_cis.pdbx_id                1 
_struct_mon_prot_cis.label_comp_id          TYR 
_struct_mon_prot_cis.label_seq_id           62 
_struct_mon_prot_cis.label_asym_id          A 
_struct_mon_prot_cis.label_alt_id           . 
_struct_mon_prot_cis.pdbx_PDB_ins_code      ? 
_struct_mon_prot_cis.auth_comp_id           TYR 
_struct_mon_prot_cis.auth_seq_id            62 
_struct_mon_prot_cis.auth_asym_id           A 
_struct_mon_prot_cis.pdbx_label_comp_id_2   PRO 
_struct_mon_prot_cis.pdbx_label_seq_id_2    63 
_struct_mon_prot_cis.pdbx_label_asym_id_2   A 
_struct_mon_prot_cis.pdbx_PDB_ins_code_2    ? 
_struct_mon_prot_cis.pdbx_auth_comp_id_2    PRO 
_struct_mon_prot_cis.pdbx_auth_seq_id_2     63 
_struct_mon_prot_cis.pdbx_auth_asym_id_2    A 
_struct_mon_prot_cis.pdbx_PDB_model_num     1 
_struct_mon_prot_cis.pdbx_omega_angle       10.15 
# 
_struct_sheet.id               A 
_struct_sheet.type             ? 
_struct_sheet.number_strands   4 
_struct_sheet.details          ? 
# 
loop_
_struct_sheet_order.sheet_id 
_struct_sheet_order.range_id_1 
_struct_sheet_order.range_id_2 
_struct_sheet_order.offset 
_struct_sheet_order.sense 
A 1 2 ? anti-parallel 
A 2 3 ? anti-parallel 
A 3 4 ? anti-parallel 
# 
loop_
_struct_sheet_range.sheet_id 
_struct_sheet_range.id 
_struct_sheet_range.beg_label_comp_id 
_struct_sheet_range.beg_label_asym_id 
_struct_sheet_range.beg_label_seq_id 
_struct_sheet_range.pdbx_beg_PDB_ins_code 
_struct_sheet_range.end_label_comp_id 
_struct_sheet_range.end_label_asym_id 
_struct_sheet_range.end_label_seq_id 
_struct_sheet_range.pdbx_end_PDB_ins_code 
_struct_sheet_range.beg_auth_comp_id 
_struct_sheet_range.beg_auth_asym_id 
_struct_sheet_range.beg_auth_seq_id 
_struct_sheet_range.end_auth_comp_id 
_struct_sheet_range.end_auth_asym_id 
_struct_sheet_range.end_auth_seq_id 
A 1 ILE A 23 ? HIS A 28 ? ILE A 23 HIS A 28 
A 2 ASN A 31 ? GLU A 40 ? ASN A 31 GLU A 40 
A 3 ILE A 51 ? TYR A 57 ? ILE A 51 TYR A 57 
A 4 LYS A 68 ? PHE A 71 ? LYS A 68 PHE A 71 
# 
loop_
_pdbx_struct_sheet_hbond.sheet_id 
_pdbx_struct_sheet_hbond.range_id_1 
_pdbx_struct_sheet_hbond.range_id_2 
_pdbx_struct_sheet_hbond.range_1_label_atom_id 
_pdbx_struct_sheet_hbond.range_1_label_comp_id 
_pdbx_struct_sheet_hbond.range_1_label_asym_id 
_pdbx_struct_sheet_hbond.range_1_label_seq_id 
_pdbx_struct_sheet_hbond.range_1_PDB_ins_code 
_pdbx_struct_sheet_hbond.range_1_auth_atom_id 
_pdbx_struct_sheet_hbond.range_1_auth_comp_id 
_pdbx_struct_sheet_hbond.range_1_auth_asym_id 
_pdbx_struct_sheet_hbond.range_1_auth_seq_id 
_pdbx_struct_sheet_hbond.range_2_label_atom_id 
_pdbx_struct_sheet_hbond.range_2_label_comp_id 
_pdbx_struct_sheet_hbond.range_2_label_asym_id 
_pdbx_struct_sheet_hbond.range_2_label_seq_id 
_pdbx_struct_sheet_hbond.range_2_PDB_ins_code 
_pdbx_struct_sheet_hbond.range_2_auth_atom_id 
_pdbx_struct_sheet_hbond.range_2_auth_comp_id 
_pdbx_struct_sheet_hbond.range_2_auth_asym_id 
_pdbx_struct_sheet_hbond.range_2_auth_seq_id 
A 1 2 N GLU A 26 ? N GLU A 26 O GLN A 36 ? O GLN A 36 
A 2 3 N PHE A 35 ? N PHE A 35 O LEU A 56 ? O LEU A 56 
A 3 4 N TYR A 57 ? N TYR A 57 O LYS A 68 ? O LYS A 68 
# 
_struct_site.id                   AC1 
_struct_site.pdbx_evidence_code   Software 
_struct_site.pdbx_auth_asym_id    A 
_struct_site.pdbx_auth_comp_id    NHE 
_struct_site.pdbx_auth_seq_id     201 
_struct_site.pdbx_auth_ins_code   ? 
_struct_site.pdbx_num_residues    2 
_struct_site.details              'BINDING SITE FOR RESIDUE NHE A 201' 
# 
loop_
_struct_site_gen.id 
_struct_site_gen.site_id 
_struct_site_gen.pdbx_num_res 
_struct_site_gen.label_comp_id 
_struct_site_gen.label_asym_id 
_struct_site_gen.label_seq_id 
_struct_site_gen.pdbx_auth_ins_code 
_struct_site_gen.auth_comp_id 
_struct_site_gen.auth_asym_id 
_struct_site_gen.auth_seq_id 
_struct_site_gen.label_atom_id 
_struct_site_gen.label_alt_id 
_struct_site_gen.symmetry 
_struct_site_gen.details 
1 AC1 2 LYS A 14  ? LYS A 14  . ? 3_454 ? 
2 AC1 2 GLN A 100 ? GLN A 100 . ? 3_454 ? 
# 
_atom_sites.entry_id                    4FH1 
_atom_sites.fract_transf_matrix[1][1]   0.00084560 
_atom_sites.fract_transf_matrix[1][2]   0.00304110 
_atom_sites.fract_transf_matrix[1][3]   -0.01465555 
_atom_sites.fract_transf_matrix[2][1]   0.00938701 
_atom_sites.fract_transf_matrix[2][2]   -0.00776393 
_atom_sites.fract_transf_matrix[2][3]   -0.00873702 
_atom_sites.fract_transf_matrix[3][1]   -0.01055104 
_atom_sites.fract_transf_matrix[3][2]   -0.00978645 
_atom_sites.fract_transf_matrix[3][3]   -0.00263951 
_atom_sites.fract_transf_vector[1]      -0.474164 
_atom_sites.fract_transf_vector[2]      0.129416 
_atom_sites.fract_transf_vector[3]      0.205406 
# 
loop_
_atom_type.symbol 
C 
N 
O 
S 
# 
loop_
_atom_site.group_PDB 
_atom_site.id 
_atom_site.type_symbol 
_atom_site.label_atom_id 
_atom_site.label_alt_id 
_atom_site.label_comp_id 
_atom_site.label_asym_id 
_atom_site.label_entity_id 
_atom_site.label_seq_id 
_atom_site.pdbx_PDB_ins_code 
_atom_site.Cartn_x 
_atom_site.Cartn_y 
_atom_site.Cartn_z 
_atom_site.occupancy 
_atom_site.B_iso_or_equiv 
_atom_site.pdbx_formal_charge 
_atom_site.auth_seq_id 
_atom_site.auth_comp_id 
_atom_site.auth_asym_id 
_atom_site.auth_atom_id 
_atom_site.pdbx_PDB_model_num 
ATOM   1    N N     . SER A 1 3   ? 9.714   -3.018  -24.964 1.00 87.85  ? 3   SER A N     1 
ATOM   2    C CA    . SER A 1 3   ? 8.448   -3.798  -25.080 1.00 85.24  ? 3   SER A CA    1 
ATOM   3    C C     . SER A 1 3   ? 8.287   -4.793  -23.929 1.00 81.85  ? 3   SER A C     1 
ATOM   4    O O     . SER A 1 3   ? 9.015   -5.787  -23.838 1.00 81.13  ? 3   SER A O     1 
ATOM   5    C CB    . SER A 1 3   ? 8.372   -4.516  -26.434 1.00 89.44  ? 3   SER A CB    1 
ATOM   6    O OG    . SER A 1 3   ? 9.431   -5.450  -26.582 1.00 90.43  ? 3   SER A OG    1 
ATOM   7    N N     . LEU A 1 4   ? 7.326   -4.504  -23.056 1.00 75.42  ? 4   LEU A N     1 
ATOM   8    C CA    . LEU A 1 4   ? 6.996   -5.353  -21.914 1.00 68.64  ? 4   LEU A CA    1 
ATOM   9    C C     . LEU A 1 4   ? 5.963   -6.403  -22.322 1.00 63.65  ? 4   LEU A C     1 
ATOM   10   O O     . LEU A 1 4   ? 5.340   -6.263  -23.379 1.00 64.71  ? 4   LEU A O     1 
ATOM   11   C CB    . LEU A 1 4   ? 6.413   -4.492  -20.795 1.00 67.05  ? 4   LEU A CB    1 
ATOM   12   C CG    . LEU A 1 4   ? 7.147   -3.200  -20.455 1.00 67.91  ? 4   LEU A CG    1 
ATOM   13   C CD1   . LEU A 1 4   ? 6.139   -2.116  -20.108 1.00 67.77  ? 4   LEU A CD1   1 
ATOM   14   C CD2   . LEU A 1 4   ? 8.159   -3.418  -19.339 1.00 65.58  ? 4   LEU A CD2   1 
ATOM   15   N N     . PRO A 1 5   ? 5.770   -7.455  -21.489 1.00 59.69  ? 5   PRO A N     1 
ATOM   16   C CA    . PRO A 1 5   ? 4.635   -8.358  -21.695 1.00 57.40  ? 5   PRO A CA    1 
ATOM   17   C C     . PRO A 1 5   ? 3.332   -7.571  -21.817 1.00 55.26  ? 5   PRO A C     1 
ATOM   18   O O     . PRO A 1 5   ? 3.120   -6.612  -21.071 1.00 55.25  ? 5   PRO A O     1 
ATOM   19   C CB    . PRO A 1 5   ? 4.622   -9.200  -20.418 1.00 56.57  ? 5   PRO A CB    1 
ATOM   20   C CG    . PRO A 1 5   ? 6.047   -9.245  -19.994 1.00 57.50  ? 5   PRO A CG    1 
ATOM   21   C CD    . PRO A 1 5   ? 6.647   -7.922  -20.394 1.00 60.30  ? 5   PRO A CD    1 
ATOM   22   N N     . LYS A 1 6   ? 2.478   -7.961  -22.759 1.00 52.57  ? 6   LYS A N     1 
ATOM   23   C CA    . LYS A 1 6   ? 1.232   -7.235  -23.001 1.00 50.95  ? 6   LYS A CA    1 
ATOM   24   C C     . LYS A 1 6   ? 0.336   -7.259  -21.772 1.00 47.53  ? 6   LYS A C     1 
ATOM   25   O O     . LYS A 1 6   ? -0.514  -6.388  -21.606 1.00 49.54  ? 6   LYS A O     1 
ATOM   26   C CB    . LYS A 1 6   ? 0.494   -7.780  -24.227 1.00 53.01  ? 6   LYS A CB    1 
ATOM   27   C CG    . LYS A 1 6   ? 1.293   -7.685  -25.514 1.00 55.23  ? 6   LYS A CG    1 
ATOM   28   C CD    . LYS A 1 6   ? 0.433   -7.991  -26.728 1.00 57.30  ? 6   LYS A CD    1 
ATOM   29   C CE    . LYS A 1 6   ? 1.299   -8.274  -27.943 1.00 58.02  ? 6   LYS A CE    1 
ATOM   30   N NZ    . LYS A 1 6   ? 0.461   -8.710  -29.092 1.00 62.38  ? 6   LYS A NZ    1 
ATOM   31   N N     . ARG A 1 7   ? 0.545   -8.255  -20.911 1.00 44.24  ? 7   ARG A N     1 
ATOM   32   C CA    . ARG A 1 7   ? -0.110  -8.329  -19.603 1.00 42.59  ? 7   ARG A CA    1 
ATOM   33   C C     . ARG A 1 7   ? 0.132   -7.044  -18.802 1.00 42.87  ? 7   ARG A C     1 
ATOM   34   O O     . ARG A 1 7   ? -0.806  -6.465  -18.246 1.00 43.92  ? 7   ARG A O     1 
ATOM   35   C CB    . ARG A 1 7   ? 0.367   -9.578  -18.841 1.00 40.25  ? 7   ARG A CB    1 
ATOM   36   C CG    . ARG A 1 7   ? 0.103   -9.602  -17.336 1.00 39.37  ? 7   ARG A CG    1 
ATOM   37   C CD    . ARG A 1 7   ? -1.370  -9.769  -16.989 1.00 37.92  ? 7   ARG A CD    1 
ATOM   38   N NE    . ARG A 1 7   ? -1.604  -9.621  -15.553 1.00 37.10  ? 7   ARG A NE    1 
ATOM   39   C CZ    . ARG A 1 7   ? -2.026  -10.589 -14.738 1.00 36.14  ? 7   ARG A CZ    1 
ATOM   40   N NH1   . ARG A 1 7   ? -2.281  -11.805 -15.201 1.00 36.50  ? 7   ARG A NH1   1 
ATOM   41   N NH2   . ARG A 1 7   ? -2.201  -10.336 -13.452 1.00 34.70  ? 7   ARG A NH2   1 
ATOM   42   N N     . ILE A 1 8   ? 1.387   -6.599  -18.772 1.00 41.71  ? 8   ILE A N     1 
ATOM   43   C CA    . ILE A 1 8   ? 1.779   -5.380  -18.065 1.00 41.49  ? 8   ILE A CA    1 
ATOM   44   C C     . ILE A 1 8   ? 1.240   -4.118  -18.751 1.00 42.41  ? 8   ILE A C     1 
ATOM   45   O O     . ILE A 1 8   ? 0.747   -3.209  -18.082 1.00 44.82  ? 8   ILE A O     1 
ATOM   46   C CB    . ILE A 1 8   ? 3.314   -5.304  -17.875 1.00 40.74  ? 8   ILE A CB    1 
ATOM   47   C CG1   . ILE A 1 8   ? 3.808   -6.518  -17.079 1.00 38.79  ? 8   ILE A CG1   1 
ATOM   48   C CG2   . ILE A 1 8   ? 3.706   -4.008  -17.178 1.00 40.56  ? 8   ILE A CG2   1 
ATOM   49   C CD1   . ILE A 1 8   ? 5.312   -6.649  -16.992 1.00 37.22  ? 8   ILE A CD1   1 
ATOM   50   N N     . ILE A 1 9   ? 1.331   -4.066  -20.078 1.00 43.22  ? 9   ILE A N     1 
ATOM   51   C CA    . ILE A 1 9   ? 0.758   -2.952  -20.846 1.00 43.99  ? 9   ILE A CA    1 
ATOM   52   C C     . ILE A 1 9   ? -0.750  -2.807  -20.576 1.00 44.80  ? 9   ILE A C     1 
ATOM   53   O O     . ILE A 1 9   ? -1.242  -1.697  -20.338 1.00 44.46  ? 9   ILE A O     1 
ATOM   54   C CB    . ILE A 1 9   ? 1.030   -3.096  -22.364 1.00 43.24  ? 9   ILE A CB    1 
ATOM   55   C CG1   . ILE A 1 9   ? 2.539   -3.113  -22.638 1.00 43.66  ? 9   ILE A CG1   1 
ATOM   56   C CG2   . ILE A 1 9   ? 0.360   -1.975  -23.149 1.00 42.04  ? 9   ILE A CG2   1 
ATOM   57   C CD1   . ILE A 1 9   ? 2.918   -3.379  -24.083 1.00 44.28  ? 9   ILE A CD1   1 
ATOM   58   N N     . LYS A 1 10  ? -1.464  -3.934  -20.596 1.00 45.31  ? 10  LYS A N     1 
ATOM   59   C CA    . LYS A 1 10  ? -2.914  -3.953  -20.361 1.00 46.92  ? 10  LYS A CA    1 
ATOM   60   C C     . LYS A 1 10  ? -3.287  -3.467  -18.968 1.00 45.29  ? 10  LYS A C     1 
ATOM   61   O O     . LYS A 1 10  ? -4.220  -2.674  -18.811 1.00 43.91  ? 10  LYS A O     1 
ATOM   62   C CB    . LYS A 1 10  ? -3.496  -5.351  -20.607 1.00 48.13  ? 10  LYS A CB    1 
ATOM   63   C CG    . LYS A 1 10  ? -4.262  -5.485  -21.911 1.00 50.74  ? 10  LYS A CG    1 
ATOM   64   C CD    . LYS A 1 10  ? -5.664  -4.902  -21.775 1.00 53.20  ? 10  LYS A CD    1 
ATOM   65   C CE    . LYS A 1 10  ? -6.441  -4.956  -23.083 1.00 54.34  ? 10  LYS A CE    1 
ATOM   66   N NZ    . LYS A 1 10  ? -5.826  -4.117  -24.152 1.00 55.87  ? 10  LYS A NZ    1 
ATOM   67   N N     . GLU A 1 11  ? -2.552  -3.942  -17.965 1.00 44.46  ? 11  GLU A N     1 
ATOM   68   C CA    . GLU A 1 11  ? -2.753  -3.494  -16.590 1.00 45.05  ? 11  GLU A CA    1 
ATOM   69   C C     . GLU A 1 11  ? -2.500  -1.988  -16.432 1.00 44.60  ? 11  GLU A C     1 
ATOM   70   O O     . GLU A 1 11  ? -3.270  -1.294  -15.772 1.00 43.94  ? 11  GLU A O     1 
ATOM   71   C CB    . GLU A 1 11  ? -1.897  -4.303  -15.609 1.00 44.17  ? 11  GLU A CB    1 
ATOM   72   C CG    . GLU A 1 11  ? -2.442  -5.697  -15.322 1.00 44.99  ? 11  GLU A CG    1 
ATOM   73   C CD    . GLU A 1 11  ? -1.887  -6.306  -14.040 1.00 46.37  ? 11  GLU A CD    1 
ATOM   74   O OE1   . GLU A 1 11  ? -1.918  -5.627  -12.987 1.00 45.27  ? 11  GLU A OE1   1 
ATOM   75   O OE2   . GLU A 1 11  ? -1.426  -7.471  -14.082 1.00 44.35  ? 11  GLU A OE2   1 
ATOM   76   N N     . THR A 1 12  ? -1.435  -1.494  -17.060 1.00 45.01  ? 12  THR A N     1 
ATOM   77   C CA    . THR A 1 12  ? -1.070  -0.080  -16.993 1.00 47.59  ? 12  THR A CA    1 
ATOM   78   C C     . THR A 1 12  ? -2.150  0.824   -17.598 1.00 49.77  ? 12  THR A C     1 
ATOM   79   O O     . THR A 1 12  ? -2.509  1.844   -17.005 1.00 52.19  ? 12  THR A O     1 
ATOM   80   C CB    . THR A 1 12  ? 0.296   0.161   -17.666 1.00 47.01  ? 12  THR A CB    1 
ATOM   81   O OG1   . THR A 1 12  ? 1.273   -0.665  -17.029 1.00 48.10  ? 12  THR A OG1   1 
ATOM   82   C CG2   . THR A 1 12  ? 0.731   1.615   -17.557 1.00 45.40  ? 12  THR A CG2   1 
ATOM   83   N N     . GLU A 1 13  ? -2.675  0.437   -18.759 1.00 52.64  ? 13  GLU A N     1 
ATOM   84   C CA    . GLU A 1 13  ? -3.752  1.187   -19.422 1.00 55.24  ? 13  GLU A CA    1 
ATOM   85   C C     . GLU A 1 13  ? -5.020  1.294   -18.572 1.00 54.63  ? 13  GLU A C     1 
ATOM   86   O O     . GLU A 1 13  ? -5.670  2.338   -18.558 1.00 56.23  ? 13  GLU A O     1 
ATOM   87   C CB    . GLU A 1 13  ? -4.081  0.573   -20.784 1.00 55.94  ? 13  GLU A CB    1 
ATOM   88   C CG    . GLU A 1 13  ? -3.033  0.858   -21.849 1.00 60.40  ? 13  GLU A CG    1 
ATOM   89   C CD    . GLU A 1 13  ? -3.084  -0.108  -23.025 1.00 65.19  ? 13  GLU A CD    1 
ATOM   90   O OE1   . GLU A 1 13  ? -4.030  -0.931  -23.106 1.00 64.62  ? 13  GLU A OE1   1 
ATOM   91   O OE2   . GLU A 1 13  ? -2.166  -0.040  -23.875 1.00 64.95  ? 13  GLU A OE2   1 
ATOM   92   N N     . LYS A 1 14  ? -5.349  0.217   -17.863 1.00 55.74  ? 14  LYS A N     1 
ATOM   93   C CA    . LYS A 1 14  ? -6.540  0.155   -17.010 1.00 57.37  ? 14  LYS A CA    1 
ATOM   94   C C     . LYS A 1 14  ? -6.412  1.057   -15.776 1.00 57.32  ? 14  LYS A C     1 
ATOM   95   O O     . LYS A 1 14  ? -7.421  1.522   -15.234 1.00 56.18  ? 14  LYS A O     1 
ATOM   96   C CB    . LYS A 1 14  ? -6.808  -1.296  -16.587 1.00 59.41  ? 14  LYS A CB    1 
ATOM   97   C CG    . LYS A 1 14  ? -8.278  -1.673  -16.432 1.00 62.46  ? 14  LYS A CG    1 
ATOM   98   C CD    . LYS A 1 14  ? -8.795  -1.432  -15.021 1.00 66.36  ? 14  LYS A CD    1 
ATOM   99   C CE    . LYS A 1 14  ? -10.208 -1.964  -14.827 1.00 66.72  ? 14  LYS A CE    1 
ATOM   100  N NZ    . LYS A 1 14  ? -10.234 -3.445  -14.685 1.00 68.37  ? 14  LYS A NZ    1 
ATOM   101  N N     . LEU A 1 15  ? -5.174  1.298   -15.342 1.00 56.10  ? 15  LEU A N     1 
ATOM   102  C CA    . LEU A 1 15  ? -4.901  2.177   -14.199 1.00 56.12  ? 15  LEU A CA    1 
ATOM   103  C C     . LEU A 1 15  ? -5.117  3.641   -14.567 1.00 57.06  ? 15  LEU A C     1 
ATOM   104  O O     . LEU A 1 15  ? -5.531  4.440   -13.726 1.00 56.11  ? 15  LEU A O     1 
ATOM   105  C CB    . LEU A 1 15  ? -3.475  1.977   -13.677 1.00 53.75  ? 15  LEU A CB    1 
ATOM   106  C CG    . LEU A 1 15  ? -3.150  0.663   -12.961 1.00 53.76  ? 15  LEU A CG    1 
ATOM   107  C CD1   . LEU A 1 15  ? -1.643  0.510   -12.822 1.00 54.54  ? 15  LEU A CD1   1 
ATOM   108  C CD2   . LEU A 1 15  ? -3.829  0.565   -11.600 1.00 52.07  ? 15  LEU A CD2   1 
ATOM   109  N N     . VAL A 1 16  ? -4.836  3.974   -15.825 1.00 56.36  ? 16  VAL A N     1 
ATOM   110  C CA    . VAL A 1 16  ? -5.044  5.318   -16.355 1.00 58.05  ? 16  VAL A CA    1 
ATOM   111  C C     . VAL A 1 16  ? -6.524  5.580   -16.663 1.00 60.21  ? 16  VAL A C     1 
ATOM   112  O O     . VAL A 1 16  ? -7.067  6.622   -16.284 1.00 60.80  ? 16  VAL A O     1 
ATOM   113  C CB    . VAL A 1 16  ? -4.196  5.567   -17.628 1.00 57.80  ? 16  VAL A CB    1 
ATOM   114  C CG1   . VAL A 1 16  ? -4.469  6.952   -18.206 1.00 56.61  ? 16  VAL A CG1   1 
ATOM   115  C CG2   . VAL A 1 16  ? -2.712  5.398   -17.332 1.00 56.58  ? 16  VAL A CG2   1 
ATOM   116  N N     . SER A 1 17  ? -7.173  4.631   -17.338 1.00 59.90  ? 17  SER A N     1 
ATOM   117  C CA    . SER A 1 17  ? -8.529  4.838   -17.844 1.00 61.93  ? 17  SER A CA    1 
ATOM   118  C C     . SER A 1 17  ? -9.620  4.608   -16.800 1.00 63.05  ? 17  SER A C     1 
ATOM   119  O O     . SER A 1 17  ? -10.614 5.333   -16.771 1.00 65.06  ? 17  SER A O     1 
ATOM   120  C CB    . SER A 1 17  ? -8.787  3.966   -19.075 1.00 60.89  ? 17  SER A CB    1 
ATOM   121  O OG    . SER A 1 17  ? -8.898  2.604   -18.710 1.00 61.34  ? 17  SER A OG    1 
ATOM   122  N N     . ASP A 1 18  ? -9.433  3.599   -15.950 1.00 64.55  ? 18  ASP A N     1 
ATOM   123  C CA    . ASP A 1 18  ? -10.413 3.271   -14.911 1.00 62.69  ? 18  ASP A CA    1 
ATOM   124  C C     . ASP A 1 18  ? -9.782  3.282   -13.510 1.00 61.50  ? 18  ASP A C     1 
ATOM   125  O O     . ASP A 1 18  ? -9.676  2.232   -12.866 1.00 60.87  ? 18  ASP A O     1 
ATOM   126  C CB    . ASP A 1 18  ? -11.076 1.921   -15.213 1.00 60.93  ? 18  ASP A CB    1 
ATOM   127  N N     . PRO A 1 19  ? -9.383  4.476   -13.024 1.00 61.22  ? 19  PRO A N     1 
ATOM   128  C CA    . PRO A 1 19  ? -8.635  4.583   -11.765 1.00 61.65  ? 19  PRO A CA    1 
ATOM   129  C C     . PRO A 1 19  ? -9.482  4.253   -10.536 1.00 61.95  ? 19  PRO A C     1 
ATOM   130  O O     . PRO A 1 19  ? -10.713 4.238   -10.616 1.00 65.55  ? 19  PRO A O     1 
ATOM   131  C CB    . PRO A 1 19  ? -8.215  6.056   -11.735 1.00 60.91  ? 19  PRO A CB    1 
ATOM   132  C CG    . PRO A 1 19  ? -9.295  6.759   -12.483 1.00 61.53  ? 19  PRO A CG    1 
ATOM   133  C CD    . PRO A 1 19  ? -9.764  5.805   -13.547 1.00 61.94  ? 19  PRO A CD    1 
ATOM   134  N N     . VAL A 1 20  ? -8.819  3.992   -9.413  1.00 60.60  ? 20  VAL A N     1 
ATOM   135  C CA    . VAL A 1 20  ? -9.501  3.689   -8.159  1.00 59.80  ? 20  VAL A CA    1 
ATOM   136  C C     . VAL A 1 20  ? -9.472  4.917   -7.249  1.00 60.25  ? 20  VAL A C     1 
ATOM   137  O O     . VAL A 1 20  ? -8.396  5.393   -6.892  1.00 62.06  ? 20  VAL A O     1 
ATOM   138  C CB    . VAL A 1 20  ? -8.859  2.487   -7.439  1.00 59.33  ? 20  VAL A CB    1 
ATOM   139  C CG1   . VAL A 1 20  ? -9.482  2.290   -6.064  1.00 58.48  ? 20  VAL A CG1   1 
ATOM   140  C CG2   . VAL A 1 20  ? -8.995  1.229   -8.281  1.00 59.70  ? 20  VAL A CG2   1 
ATOM   141  N N     . PRO A 1 21  ? -10.658 5.431   -6.872  1.00 61.05  ? 21  PRO A N     1 
ATOM   142  C CA    . PRO A 1 21  ? -10.747 6.632   -6.033  1.00 59.77  ? 21  PRO A CA    1 
ATOM   143  C C     . PRO A 1 21  ? -9.828  6.572   -4.809  1.00 58.29  ? 21  PRO A C     1 
ATOM   144  O O     . PRO A 1 21  ? -9.861  5.596   -4.052  1.00 56.76  ? 21  PRO A O     1 
ATOM   145  C CB    . PRO A 1 21  ? -12.217 6.648   -5.608  1.00 59.80  ? 21  PRO A CB    1 
ATOM   146  C CG    . PRO A 1 21  ? -12.928 5.977   -6.737  1.00 59.09  ? 21  PRO A CG    1 
ATOM   147  C CD    . PRO A 1 21  ? -11.993 4.909   -7.231  1.00 58.07  ? 21  PRO A CD    1 
ATOM   148  N N     . GLY A 1 22  ? -9.000  7.604   -4.648  1.00 57.37  ? 22  GLY A N     1 
ATOM   149  C CA    . GLY A 1 22  ? -8.080  7.708   -3.512  1.00 55.24  ? 22  GLY A CA    1 
ATOM   150  C C     . GLY A 1 22  ? -6.713  7.081   -3.721  1.00 54.34  ? 22  GLY A C     1 
ATOM   151  O O     . GLY A 1 22  ? -5.857  7.143   -2.833  1.00 55.24  ? 22  GLY A O     1 
ATOM   152  N N     . ILE A 1 23  ? -6.510  6.468   -4.886  1.00 51.73  ? 23  ILE A N     1 
ATOM   153  C CA    . ILE A 1 23  ? -5.243  5.823   -5.235  1.00 51.03  ? 23  ILE A CA    1 
ATOM   154  C C     . ILE A 1 23  ? -4.721  6.360   -6.570  1.00 50.16  ? 23  ILE A C     1 
ATOM   155  O O     . ILE A 1 23  ? -5.474  6.455   -7.539  1.00 49.35  ? 23  ILE A O     1 
ATOM   156  C CB    . ILE A 1 23  ? -5.385  4.279   -5.323  1.00 49.96  ? 23  ILE A CB    1 
ATOM   157  C CG1   . ILE A 1 23  ? -5.780  3.689   -3.964  1.00 49.50  ? 23  ILE A CG1   1 
ATOM   158  C CG2   . ILE A 1 23  ? -4.094  3.638   -5.826  1.00 48.53  ? 23  ILE A CG2   1 
ATOM   159  C CD1   . ILE A 1 23  ? -6.079  2.206   -3.998  1.00 50.17  ? 23  ILE A CD1   1 
ATOM   160  N N     . THR A 1 24  ? -3.439  6.721   -6.611  1.00 50.29  ? 24  THR A N     1 
ATOM   161  C CA    . THR A 1 24  ? -2.773  7.039   -7.879  1.00 53.58  ? 24  THR A CA    1 
ATOM   162  C C     . THR A 1 24  ? -1.602  6.085   -8.096  1.00 54.48  ? 24  THR A C     1 
ATOM   163  O O     . THR A 1 24  ? -0.942  5.665   -7.143  1.00 56.19  ? 24  THR A O     1 
ATOM   164  C CB    . THR A 1 24  ? -2.288  8.511   -7.975  1.00 54.68  ? 24  THR A CB    1 
ATOM   165  O OG1   . THR A 1 24  ? -1.163  8.717   -7.108  1.00 56.41  ? 24  THR A OG1   1 
ATOM   166  C CG2   . THR A 1 24  ? -3.409  9.503   -7.622  1.00 52.65  ? 24  THR A CG2   1 
ATOM   167  N N     . ALA A 1 25  ? -1.359  5.735   -9.351  1.00 54.43  ? 25  ALA A N     1 
ATOM   168  C CA    . ALA A 1 25  ? -0.293  4.810   -9.692  1.00 56.08  ? 25  ALA A CA    1 
ATOM   169  C C     . ALA A 1 25  ? 0.347   5.202   -11.023 1.00 57.80  ? 25  ALA A C     1 
ATOM   170  O O     . ALA A 1 25  ? -0.246  5.020   -12.089 1.00 56.89  ? 25  ALA A O     1 
ATOM   171  C CB    . ALA A 1 25  ? -0.823  3.384   -9.733  1.00 55.05  ? 25  ALA A CB    1 
ATOM   172  N N     . GLU A 1 26  ? 1.556   5.753   -10.947 1.00 59.81  ? 26  GLU A N     1 
ATOM   173  C CA    . GLU A 1 26  ? 2.251   6.265   -12.127 1.00 61.19  ? 26  GLU A CA    1 
ATOM   174  C C     . GLU A 1 26  ? 3.493   5.441   -12.418 1.00 55.76  ? 26  GLU A C     1 
ATOM   175  O O     . GLU A 1 26  ? 4.431   5.452   -11.625 1.00 57.26  ? 26  GLU A O     1 
ATOM   176  C CB    . GLU A 1 26  ? 2.658   7.737   -11.931 1.00 66.88  ? 26  GLU A CB    1 
ATOM   177  C CG    . GLU A 1 26  ? 1.600   8.644   -11.309 1.00 73.61  ? 26  GLU A CG    1 
ATOM   178  C CD    . GLU A 1 26  ? 0.424   8.921   -12.233 1.00 80.77  ? 26  GLU A CD    1 
ATOM   179  O OE1   . GLU A 1 26  ? -0.687  9.178   -11.714 1.00 83.06  ? 26  GLU A OE1   1 
ATOM   180  O OE2   . GLU A 1 26  ? 0.604   8.885   -13.475 1.00 84.07  ? 26  GLU A OE2   1 
ATOM   181  N N     . PRO A 1 27  ? 3.509   4.727   -13.556 1.00 53.69  ? 27  PRO A N     1 
ATOM   182  C CA    . PRO A 1 27  ? 4.746   4.063   -13.975 1.00 54.54  ? 27  PRO A CA    1 
ATOM   183  C C     . PRO A 1 27  ? 5.760   5.096   -14.464 1.00 54.87  ? 27  PRO A C     1 
ATOM   184  O O     . PRO A 1 27  ? 5.378   6.216   -14.802 1.00 54.07  ? 27  PRO A O     1 
ATOM   185  C CB    . PRO A 1 27  ? 4.294   3.155   -15.122 1.00 52.54  ? 27  PRO A CB    1 
ATOM   186  C CG    . PRO A 1 27  ? 3.070   3.798   -15.658 1.00 51.51  ? 27  PRO A CG    1 
ATOM   187  C CD    . PRO A 1 27  ? 2.420   4.552   -14.531 1.00 52.68  ? 27  PRO A CD    1 
ATOM   188  N N     . HIS A 1 28  ? 7.038   4.733   -14.487 1.00 58.06  ? 28  HIS A N     1 
ATOM   189  C CA    . HIS A 1 28  ? 8.080   5.678   -14.887 1.00 61.49  ? 28  HIS A CA    1 
ATOM   190  C C     . HIS A 1 28  ? 8.522   5.471   -16.311 1.00 62.51  ? 28  HIS A C     1 
ATOM   191  O O     . HIS A 1 28  ? 8.728   4.334   -16.742 1.00 61.75  ? 28  HIS A O     1 
ATOM   192  C CB    . HIS A 1 28  ? 9.267   5.597   -13.937 1.00 62.88  ? 28  HIS A CB    1 
ATOM   193  C CG    . HIS A 1 28  ? 10.072  6.868   -13.870 1.00 66.47  ? 28  HIS A CG    1 
ATOM   194  N ND1   . HIS A 1 28  ? 10.982  7.204   -14.812 1.00 67.08  ? 28  HIS A ND1   1 
ATOM   195  C CD2   . HIS A 1 28  ? 10.067  7.904   -12.937 1.00 66.22  ? 28  HIS A CD2   1 
ATOM   196  C CE1   . HIS A 1 28  ? 11.537  8.387   -14.494 1.00 66.64  ? 28  HIS A CE1   1 
ATOM   197  N NE2   . HIS A 1 28  ? 10.976  8.817   -13.346 1.00 69.00  ? 28  HIS A NE2   1 
ATOM   198  N N     . ASP A 1 29  ? 8.670   6.571   -17.052 1.00 65.29  ? 29  ASP A N     1 
ATOM   199  C CA    . ASP A 1 29  ? 9.058   6.531   -18.475 1.00 67.43  ? 29  ASP A CA    1 
ATOM   200  C C     . ASP A 1 29  ? 10.359  5.774   -18.726 1.00 67.49  ? 29  ASP A C     1 
ATOM   201  O O     . ASP A 1 29  ? 10.465  5.019   -19.698 1.00 67.43  ? 29  ASP A O     1 
ATOM   202  C CB    . ASP A 1 29  ? 9.175   7.946   -19.059 1.00 70.68  ? 29  ASP A CB    1 
ATOM   203  C CG    . ASP A 1 29  ? 7.836   8.518   -19.507 1.00 74.78  ? 29  ASP A CG    1 
ATOM   204  O OD1   . ASP A 1 29  ? 6.924   7.736   -19.861 1.00 75.56  ? 29  ASP A OD1   1 
ATOM   205  O OD2   . ASP A 1 29  ? 7.702   9.764   -19.516 1.00 76.48  ? 29  ASP A OD2   1 
ATOM   206  N N     . ASP A 1 30  ? 11.337  5.977   -17.844 1.00 65.91  ? 30  ASP A N     1 
ATOM   207  C CA    . ASP A 1 30  ? 12.637  5.323   -17.962 1.00 65.13  ? 30  ASP A CA    1 
ATOM   208  C C     . ASP A 1 30  ? 12.579  3.828   -17.630 1.00 63.67  ? 30  ASP A C     1 
ATOM   209  O O     . ASP A 1 30  ? 13.397  3.051   -18.129 1.00 65.70  ? 30  ASP A O     1 
ATOM   210  C CB    . ASP A 1 30  ? 13.679  6.031   -17.091 1.00 66.07  ? 30  ASP A CB    1 
ATOM   211  N N     . ASN A 1 31  ? 11.617  3.435   -16.789 1.00 59.81  ? 31  ASN A N     1 
ATOM   212  C CA    . ASN A 1 31  ? 11.393  2.021   -16.446 1.00 56.78  ? 31  ASN A CA    1 
ATOM   213  C C     . ASN A 1 31  ? 9.935   1.736   -16.089 1.00 55.60  ? 31  ASN A C     1 
ATOM   214  O O     . ASN A 1 31  ? 9.486   2.037   -14.976 1.00 55.12  ? 31  ASN A O     1 
ATOM   215  C CB    . ASN A 1 31  ? 12.321  1.560   -15.311 1.00 54.11  ? 31  ASN A CB    1 
ATOM   216  C CG    . ASN A 1 31  ? 12.421  0.045   -15.220 1.00 53.46  ? 31  ASN A CG    1 
ATOM   217  O OD1   . ASN A 1 31  ? 11.436  -0.672  -15.420 1.00 54.28  ? 31  ASN A OD1   1 
ATOM   218  N ND2   . ASN A 1 31  ? 13.615  -0.451  -14.916 1.00 50.55  ? 31  ASN A ND2   1 
ATOM   219  N N     . LEU A 1 32  ? 9.208   1.137   -17.031 1.00 54.03  ? 32  LEU A N     1 
ATOM   220  C CA    . LEU A 1 32  ? 7.753   0.975   -16.903 1.00 53.42  ? 32  LEU A CA    1 
ATOM   221  C C     . LEU A 1 32  ? 7.303   -0.125  -15.926 1.00 50.96  ? 32  LEU A C     1 
ATOM   222  O O     . LEU A 1 32  ? 6.105   -0.304  -15.703 1.00 52.12  ? 32  LEU A O     1 
ATOM   223  C CB    . LEU A 1 32  ? 7.094   0.812   -18.280 1.00 54.49  ? 32  LEU A CB    1 
ATOM   224  C CG    . LEU A 1 32  ? 7.241   1.996   -19.254 1.00 56.08  ? 32  LEU A CG    1 
ATOM   225  C CD1   . LEU A 1 32  ? 7.006   1.559   -20.693 1.00 54.62  ? 32  LEU A CD1   1 
ATOM   226  C CD2   . LEU A 1 32  ? 6.340   3.169   -18.889 1.00 55.81  ? 32  LEU A CD2   1 
ATOM   227  N N     . ARG A 1 33  ? 8.265   -0.837  -15.339 1.00 46.33  ? 33  ARG A N     1 
ATOM   228  C CA    . ARG A 1 33  ? 7.982   -1.811  -14.284 1.00 42.75  ? 33  ARG A CA    1 
ATOM   229  C C     . ARG A 1 33  ? 7.983   -1.180  -12.890 1.00 42.11  ? 33  ARG A C     1 
ATOM   230  O O     . ARG A 1 33  ? 7.713   -1.860  -11.896 1.00 41.57  ? 33  ARG A O     1 
ATOM   231  C CB    . ARG A 1 33  ? 9.006   -2.936  -14.315 1.00 41.70  ? 33  ARG A CB    1 
ATOM   232  C CG    . ARG A 1 33  ? 9.023   -3.731  -15.599 1.00 41.16  ? 33  ARG A CG    1 
ATOM   233  C CD    . ARG A 1 33  ? 10.048  -4.838  -15.512 1.00 40.73  ? 33  ARG A CD    1 
ATOM   234  N NE    . ARG A 1 33  ? 9.895   -5.766  -16.622 1.00 42.65  ? 33  ARG A NE    1 
ATOM   235  C CZ    . ARG A 1 33  ? 9.123   -6.849  -16.603 1.00 43.89  ? 33  ARG A CZ    1 
ATOM   236  N NH1   . ARG A 1 33  ? 8.420   -7.160  -15.513 1.00 41.94  ? 33  ARG A NH1   1 
ATOM   237  N NH2   . ARG A 1 33  ? 9.057   -7.621  -17.682 1.00 43.20  ? 33  ARG A NH2   1 
ATOM   238  N N     . TYR A 1 34  ? 8.284   0.114   -12.823 1.00 41.59  ? 34  TYR A N     1 
ATOM   239  C CA    . TYR A 1 34  ? 8.458   0.812   -11.551 1.00 39.80  ? 34  TYR A CA    1 
ATOM   240  C C     . TYR A 1 34  ? 7.408   1.892   -11.378 1.00 37.20  ? 34  TYR A C     1 
ATOM   241  O O     . TYR A 1 34  ? 7.320   2.812   -12.181 1.00 38.06  ? 34  TYR A O     1 
ATOM   242  C CB    . TYR A 1 34  ? 9.874   1.402   -11.460 1.00 40.42  ? 34  TYR A CB    1 
ATOM   243  C CG    . TYR A 1 34  ? 10.161  2.109   -10.155 1.00 41.75  ? 34  TYR A CG    1 
ATOM   244  C CD1   . TYR A 1 34  ? 10.367  1.390   -8.977  1.00 41.01  ? 34  TYR A CD1   1 
ATOM   245  C CD2   . TYR A 1 34  ? 10.220  3.501   -10.095 1.00 43.81  ? 34  TYR A CD2   1 
ATOM   246  C CE1   . TYR A 1 34  ? 10.619  2.032   -7.778  1.00 41.00  ? 34  TYR A CE1   1 
ATOM   247  C CE2   . TYR A 1 34  ? 10.477  4.154   -8.896  1.00 43.49  ? 34  TYR A CE2   1 
ATOM   248  C CZ    . TYR A 1 34  ? 10.674  3.414   -7.744  1.00 42.50  ? 34  TYR A CZ    1 
ATOM   249  O OH    . TYR A 1 34  ? 10.927  4.062   -6.556  1.00 43.16  ? 34  TYR A OH    1 
ATOM   250  N N     . PHE A 1 35  ? 6.619   1.780   -10.318 1.00 37.49  ? 35  PHE A N     1 
ATOM   251  C CA    . PHE A 1 35  ? 5.458   2.648   -10.122 1.00 38.14  ? 35  PHE A CA    1 
ATOM   252  C C     . PHE A 1 35  ? 5.606   3.474   -8.867  1.00 39.99  ? 35  PHE A C     1 
ATOM   253  O O     . PHE A 1 35  ? 5.985   2.945   -7.823  1.00 40.83  ? 35  PHE A O     1 
ATOM   254  C CB    . PHE A 1 35  ? 4.179   1.811   -9.998  1.00 36.91  ? 35  PHE A CB    1 
ATOM   255  C CG    . PHE A 1 35  ? 3.784   1.099   -11.263 1.00 36.16  ? 35  PHE A CG    1 
ATOM   256  C CD1   . PHE A 1 35  ? 4.519   0.009   -11.731 1.00 37.05  ? 35  PHE A CD1   1 
ATOM   257  C CD2   . PHE A 1 35  ? 2.664   1.505   -11.978 1.00 35.83  ? 35  PHE A CD2   1 
ATOM   258  C CE1   . PHE A 1 35  ? 4.156   -0.641  -12.905 1.00 37.52  ? 35  PHE A CE1   1 
ATOM   259  C CE2   . PHE A 1 35  ? 2.290   0.854   -13.144 1.00 36.61  ? 35  PHE A CE2   1 
ATOM   260  C CZ    . PHE A 1 35  ? 3.033   -0.221  -13.610 1.00 36.49  ? 35  PHE A CZ    1 
ATOM   261  N N     . GLN A 1 36  ? 5.330   4.771   -8.975  1.00 43.17  ? 36  GLN A N     1 
ATOM   262  C CA    . GLN A 1 36  ? 5.121   5.609   -7.797  1.00 46.33  ? 36  GLN A CA    1 
ATOM   263  C C     . GLN A 1 36  ? 3.629   5.595   -7.470  1.00 44.85  ? 36  GLN A C     1 
ATOM   264  O O     . GLN A 1 36  ? 2.790   5.805   -8.351  1.00 45.92  ? 36  GLN A O     1 
ATOM   265  C CB    . GLN A 1 36  ? 5.600   7.041   -8.030  1.00 51.96  ? 36  GLN A CB    1 
ATOM   266  C CG    . GLN A 1 36  ? 7.088   7.265   -7.802  1.00 59.01  ? 36  GLN A CG    1 
ATOM   267  C CD    . GLN A 1 36  ? 7.914   7.095   -9.065  1.00 64.41  ? 36  GLN A CD    1 
ATOM   268  O OE1   . GLN A 1 36  ? 7.888   6.039   -9.705  1.00 71.23  ? 36  GLN A OE1   1 
ATOM   269  N NE2   . GLN A 1 36  ? 8.662   8.132   -9.424  1.00 63.58  ? 36  GLN A NE2   1 
ATOM   270  N N     . VAL A 1 37  ? 3.305   5.332   -6.209  1.00 40.78  ? 37  VAL A N     1 
ATOM   271  C CA    . VAL A 1 37  ? 1.925   5.143   -5.790  1.00 40.71  ? 37  VAL A CA    1 
ATOM   272  C C     . VAL A 1 37  ? 1.626   6.062   -4.609  1.00 40.62  ? 37  VAL A C     1 
ATOM   273  O O     . VAL A 1 37  ? 2.430   6.157   -3.684  1.00 41.36  ? 37  VAL A O     1 
ATOM   274  C CB    . VAL A 1 37  ? 1.663   3.662   -5.392  1.00 40.37  ? 37  VAL A CB    1 
ATOM   275  C CG1   . VAL A 1 37  ? 0.282   3.474   -4.766  1.00 39.18  ? 37  VAL A CG1   1 
ATOM   276  C CG2   . VAL A 1 37  ? 1.829   2.738   -6.590  1.00 39.55  ? 37  VAL A CG2   1 
ATOM   277  N N     . THR A 1 38  ? 0.488   6.749   -4.648  1.00 40.51  ? 38  THR A N     1 
ATOM   278  C CA    . THR A 1 38  ? -0.016  7.449   -3.464  1.00 42.85  ? 38  THR A CA    1 
ATOM   279  C C     . THR A 1 38  ? -1.354  6.856   -3.068  1.00 42.88  ? 38  THR A C     1 
ATOM   280  O O     . THR A 1 38  ? -2.188  6.567   -3.925  1.00 44.01  ? 38  THR A O     1 
ATOM   281  C CB    . THR A 1 38  ? -0.183  8.981   -3.659  1.00 44.61  ? 38  THR A CB    1 
ATOM   282  O OG1   . THR A 1 38  ? -1.172  9.249   -4.666  1.00 46.31  ? 38  THR A OG1   1 
ATOM   283  C CG2   . THR A 1 38  ? 1.140   9.646   -4.038  1.00 44.22  ? 38  THR A CG2   1 
ATOM   284  N N     . ILE A 1 39  ? -1.549  6.662   -1.771  1.00 44.20  ? 39  ILE A N     1 
ATOM   285  C CA    . ILE A 1 39  ? -2.826  6.192   -1.253  1.00 46.56  ? 39  ILE A CA    1 
ATOM   286  C C     . ILE A 1 39  ? -3.344  7.183   -0.214  1.00 47.86  ? 39  ILE A C     1 
ATOM   287  O O     . ILE A 1 39  ? -2.639  7.526   0.736   1.00 47.75  ? 39  ILE A O     1 
ATOM   288  C CB    . ILE A 1 39  ? -2.723  4.751   -0.690  1.00 46.94  ? 39  ILE A CB    1 
ATOM   289  C CG1   . ILE A 1 39  ? -2.402  3.769   -1.829  1.00 48.11  ? 39  ILE A CG1   1 
ATOM   290  C CG2   . ILE A 1 39  ? -4.019  4.346   0.007   1.00 46.65  ? 39  ILE A CG2   1 
ATOM   291  C CD1   . ILE A 1 39  ? -2.230  2.321   -1.416  1.00 48.82  ? 39  ILE A CD1   1 
ATOM   292  N N     . GLU A 1 40  ? -4.567  7.666   -0.422  1.00 51.30  ? 40  GLU A N     1 
ATOM   293  C CA    . GLU A 1 40  ? -5.209  8.572   0.530   1.00 55.42  ? 40  GLU A CA    1 
ATOM   294  C C     . GLU A 1 40  ? -5.666  7.805   1.765   1.00 55.71  ? 40  GLU A C     1 
ATOM   295  O O     . GLU A 1 40  ? -6.124  6.663   1.661   1.00 56.51  ? 40  GLU A O     1 
ATOM   296  C CB    . GLU A 1 40  ? -6.408  9.280   -0.111  1.00 58.98  ? 40  GLU A CB    1 
ATOM   297  C CG    . GLU A 1 40  ? -6.049  10.334  -1.151  1.00 64.58  ? 40  GLU A CG    1 
ATOM   298  C CD    . GLU A 1 40  ? -7.236  11.187  -1.582  1.00 69.93  ? 40  GLU A CD    1 
ATOM   299  O OE1   . GLU A 1 40  ? -8.393  10.707  -1.520  1.00 69.81  ? 40  GLU A OE1   1 
ATOM   300  O OE2   . GLU A 1 40  ? -7.011  12.347  -1.994  1.00 73.10  ? 40  GLU A OE2   1 
ATOM   301  N N     . GLY A 1 41  ? -5.535  8.430   2.931   1.00 55.89  ? 41  GLY A N     1 
ATOM   302  C CA    . GLY A 1 41  ? -6.040  7.844   4.170   1.00 57.12  ? 41  GLY A CA    1 
ATOM   303  C C     . GLY A 1 41  ? -7.559  7.761   4.132   1.00 59.16  ? 41  GLY A C     1 
ATOM   304  O O     . GLY A 1 41  ? -8.220  8.771   3.881   1.00 60.08  ? 41  GLY A O     1 
ATOM   305  N N     . PRO A 1 42  ? -8.123  6.554   4.355   1.00 59.74  ? 42  PRO A N     1 
ATOM   306  C CA    . PRO A 1 42  ? -9.579  6.368   4.364   1.00 61.83  ? 42  PRO A CA    1 
ATOM   307  C C     . PRO A 1 42  ? -10.273 7.155   5.481   1.00 63.19  ? 42  PRO A C     1 
ATOM   308  O O     . PRO A 1 42  ? -9.795  7.168   6.622   1.00 63.39  ? 42  PRO A O     1 
ATOM   309  C CB    . PRO A 1 42  ? -9.740  4.859   4.599   1.00 59.56  ? 42  PRO A CB    1 
ATOM   310  C CG    . PRO A 1 42  ? -8.458  4.265   4.131   1.00 59.49  ? 42  PRO A CG    1 
ATOM   311  C CD    . PRO A 1 42  ? -7.416  5.271   4.519   1.00 59.16  ? 42  PRO A CD    1 
ATOM   312  N N     . GLU A 1 43  ? -11.387 7.808   5.144   1.00 63.91  ? 43  GLU A N     1 
ATOM   313  C CA    . GLU A 1 43  ? -12.211 8.515   6.126   1.00 66.55  ? 43  GLU A CA    1 
ATOM   314  C C     . GLU A 1 43  ? -12.648 7.558   7.233   1.00 67.47  ? 43  GLU A C     1 
ATOM   315  O O     . GLU A 1 43  ? -12.799 6.357   6.997   1.00 67.57  ? 43  GLU A O     1 
ATOM   316  C CB    . GLU A 1 43  ? -13.434 9.150   5.455   1.00 65.33  ? 43  GLU A CB    1 
ATOM   317  N N     . GLN A 1 44  ? -12.836 8.095   8.438   1.00 70.02  ? 44  GLN A N     1 
ATOM   318  C CA    . GLN A 1 44  ? -13.182 7.299   9.626   1.00 71.68  ? 44  GLN A CA    1 
ATOM   319  C C     . GLN A 1 44  ? -12.108 6.257   9.964   1.00 71.70  ? 44  GLN A C     1 
ATOM   320  O O     . GLN A 1 44  ? -12.415 5.154   10.426  1.00 73.44  ? 44  GLN A O     1 
ATOM   321  C CB    . GLN A 1 44  ? -14.570 6.648   9.491   1.00 71.14  ? 44  GLN A CB    1 
ATOM   322  N N     . SER A 1 45  ? -10.852 6.620   9.714   1.00 70.03  ? 45  SER A N     1 
ATOM   323  C CA    . SER A 1 45  ? -9.702  5.823   10.131  1.00 65.32  ? 45  SER A CA    1 
ATOM   324  C C     . SER A 1 45  ? -8.656  6.776   10.700  1.00 62.38  ? 45  SER A C     1 
ATOM   325  O O     . SER A 1 45  ? -8.694  7.976   10.407  1.00 63.19  ? 45  SER A O     1 
ATOM   326  C CB    . SER A 1 45  ? -9.133  5.010   8.960   1.00 65.41  ? 45  SER A CB    1 
ATOM   327  O OG    . SER A 1 45  ? -8.259  5.781   8.154   1.00 65.71  ? 45  SER A OG    1 
ATOM   328  N N     . PRO A 1 46  ? -7.720  6.255   11.516  1.00 59.82  ? 46  PRO A N     1 
ATOM   329  C CA    . PRO A 1 46  ? -6.706  7.132   12.119  1.00 57.02  ? 46  PRO A CA    1 
ATOM   330  C C     . PRO A 1 46  ? -5.808  7.858   11.107  1.00 55.34  ? 46  PRO A C     1 
ATOM   331  O O     . PRO A 1 46  ? -5.013  8.716   11.496  1.00 53.74  ? 46  PRO A O     1 
ATOM   332  C CB    . PRO A 1 46  ? -5.883  6.182   13.005  1.00 57.64  ? 46  PRO A CB    1 
ATOM   333  C CG    . PRO A 1 46  ? -6.249  4.799   12.581  1.00 58.37  ? 46  PRO A CG    1 
ATOM   334  C CD    . PRO A 1 46  ? -7.640  4.875   12.033  1.00 59.49  ? 46  PRO A CD    1 
ATOM   335  N N     . TYR A 1 47  ? -5.956  7.527   9.824   1.00 52.84  ? 47  TYR A N     1 
ATOM   336  C CA    . TYR A 1 47  ? -5.120  8.100   8.767   1.00 51.72  ? 47  TYR A CA    1 
ATOM   337  C C     . TYR A 1 47  ? -5.898  9.074   7.884   1.00 54.39  ? 47  TYR A C     1 
ATOM   338  O O     . TYR A 1 47  ? -5.370  9.572   6.889   1.00 54.33  ? 47  TYR A O     1 
ATOM   339  C CB    . TYR A 1 47  ? -4.474  6.979   7.934   1.00 48.17  ? 47  TYR A CB    1 
ATOM   340  C CG    . TYR A 1 47  ? -3.930  5.856   8.791   1.00 45.11  ? 47  TYR A CG    1 
ATOM   341  C CD1   . TYR A 1 47  ? -2.738  6.014   9.500   1.00 43.66  ? 47  TYR A CD1   1 
ATOM   342  C CD2   . TYR A 1 47  ? -4.620  4.651   8.919   1.00 44.02  ? 47  TYR A CD2   1 
ATOM   343  C CE1   . TYR A 1 47  ? -2.247  5.004   10.309  1.00 42.88  ? 47  TYR A CE1   1 
ATOM   344  C CE2   . TYR A 1 47  ? -4.134  3.631   9.725   1.00 43.79  ? 47  TYR A CE2   1 
ATOM   345  C CZ    . TYR A 1 47  ? -2.946  3.816   10.417  1.00 43.88  ? 47  TYR A CZ    1 
ATOM   346  O OH    . TYR A 1 47  ? -2.446  2.814   11.217  1.00 43.54  ? 47  TYR A OH    1 
ATOM   347  N N     . GLU A 1 48  ? -7.139  9.362   8.283   1.00 58.67  ? 48  GLU A N     1 
ATOM   348  C CA    . GLU A 1 48  ? -8.088  10.177  7.502   1.00 63.03  ? 48  GLU A CA    1 
ATOM   349  C C     . GLU A 1 48  ? -7.508  11.411  6.800   1.00 64.46  ? 48  GLU A C     1 
ATOM   350  O O     . GLU A 1 48  ? -7.864  11.695  5.655   1.00 67.23  ? 48  GLU A O     1 
ATOM   351  C CB    . GLU A 1 48  ? -9.283  10.595  8.372   1.00 63.82  ? 48  GLU A CB    1 
ATOM   352  N N     . ASP A 1 49  ? -6.618  12.132  7.474   1.00 67.55  ? 49  ASP A N     1 
ATOM   353  C CA    . ASP A 1 49  ? -6.136  13.424  6.965   1.00 71.16  ? 49  ASP A CA    1 
ATOM   354  C C     . ASP A 1 49  ? -4.912  13.358  6.036   1.00 71.36  ? 49  ASP A C     1 
ATOM   355  O O     . ASP A 1 49  ? -4.512  14.380  5.468   1.00 73.05  ? 49  ASP A O     1 
ATOM   356  C CB    . ASP A 1 49  ? -5.861  14.386  8.130   1.00 70.65  ? 49  ASP A CB    1 
ATOM   357  N N     . GLY A 1 50  ? -4.337  12.166  5.864   1.00 69.18  ? 50  GLY A N     1 
ATOM   358  C CA    . GLY A 1 50  ? -3.037  12.036  5.199   1.00 67.56  ? 50  GLY A CA    1 
ATOM   359  C C     . GLY A 1 50  ? -2.952  11.349  3.844   1.00 66.62  ? 50  GLY A C     1 
ATOM   360  O O     . GLY A 1 50  ? -3.815  10.550  3.472   1.00 66.84  ? 50  GLY A O     1 
ATOM   361  N N     . ILE A 1 51  ? -1.892  11.694  3.113   1.00 62.34  ? 51  ILE A N     1 
ATOM   362  C CA    . ILE A 1 51  ? -1.500  11.033  1.870   1.00 59.53  ? 51  ILE A CA    1 
ATOM   363  C C     . ILE A 1 51  ? -0.257  10.186  2.137   1.00 56.75  ? 51  ILE A C     1 
ATOM   364  O O     . ILE A 1 51  ? 0.657   10.626  2.836   1.00 57.76  ? 51  ILE A O     1 
ATOM   365  C CB    . ILE A 1 51  ? -1.215  12.070  0.757   1.00 61.01  ? 51  ILE A CB    1 
ATOM   366  C CG1   . ILE A 1 51  ? -2.463  12.295  -0.102  1.00 62.21  ? 51  ILE A CG1   1 
ATOM   367  C CG2   . ILE A 1 51  ? -0.036  11.654  -0.122  1.00 62.04  ? 51  ILE A CG2   1 
ATOM   368  C CD1   . ILE A 1 51  ? -2.685  11.243  -1.172  1.00 63.53  ? 51  ILE A CD1   1 
ATOM   369  N N     . PHE A 1 52  ? -0.221  8.978   1.582   1.00 53.45  ? 52  PHE A N     1 
ATOM   370  C CA    . PHE A 1 52  ? 0.903   8.078   1.815   1.00 50.37  ? 52  PHE A CA    1 
ATOM   371  C C     . PHE A 1 52  ? 1.571   7.638   0.523   1.00 50.94  ? 52  PHE A C     1 
ATOM   372  O O     . PHE A 1 52  ? 0.897   7.314   -0.455  1.00 50.04  ? 52  PHE A O     1 
ATOM   373  C CB    . PHE A 1 52  ? 0.466   6.868   2.637   1.00 49.25  ? 52  PHE A CB    1 
ATOM   374  C CG    . PHE A 1 52  ? -0.079  7.227   3.986   1.00 49.96  ? 52  PHE A CG    1 
ATOM   375  C CD1   . PHE A 1 52  ? 0.760   7.305   5.092   1.00 49.22  ? 52  PHE A CD1   1 
ATOM   376  C CD2   . PHE A 1 52  ? -1.433  7.504   4.154   1.00 49.41  ? 52  PHE A CD2   1 
ATOM   377  C CE1   . PHE A 1 52  ? 0.260   7.645   6.339   1.00 49.22  ? 52  PHE A CE1   1 
ATOM   378  C CE2   . PHE A 1 52  ? -1.936  7.851   5.399   1.00 50.38  ? 52  PHE A CE2   1 
ATOM   379  C CZ    . PHE A 1 52  ? -1.088  7.918   6.493   1.00 48.67  ? 52  PHE A CZ    1 
ATOM   380  N N     . GLU A 1 53  ? 2.902   7.635   0.539   1.00 49.53  ? 53  GLU A N     1 
ATOM   381  C CA    . GLU A 1 53  ? 3.695   7.248   -0.614  1.00 49.58  ? 53  GLU A CA    1 
ATOM   382  C C     . GLU A 1 53  ? 4.129   5.794   -0.550  1.00 46.19  ? 53  GLU A C     1 
ATOM   383  O O     . GLU A 1 53  ? 4.525   5.289   0.505   1.00 43.75  ? 53  GLU A O     1 
ATOM   384  C CB    . GLU A 1 53  ? 4.929   8.138   -0.748  1.00 56.14  ? 53  GLU A CB    1 
ATOM   385  C CG    . GLU A 1 53  ? 4.882   9.110   -1.910  1.00 65.74  ? 53  GLU A CG    1 
ATOM   386  C CD    . GLU A 1 53  ? 6.274   9.485   -2.402  1.00 75.28  ? 53  GLU A CD    1 
ATOM   387  O OE1   . GLU A 1 53  ? 6.998   10.200  -1.670  1.00 80.33  ? 53  GLU A OE1   1 
ATOM   388  O OE2   . GLU A 1 53  ? 6.643   9.066   -3.524  1.00 78.15  ? 53  GLU A OE2   1 
ATOM   389  N N     . LEU A 1 54  ? 4.053   5.142   -1.704  1.00 42.70  ? 54  LEU A N     1 
ATOM   390  C CA    . LEU A 1 54  ? 4.512   3.777   -1.880  1.00 40.36  ? 54  LEU A CA    1 
ATOM   391  C C     . LEU A 1 54  ? 5.263   3.690   -3.189  1.00 39.30  ? 54  LEU A C     1 
ATOM   392  O O     . LEU A 1 54  ? 5.003   4.459   -4.117  1.00 39.50  ? 54  LEU A O     1 
ATOM   393  C CB    . LEU A 1 54  ? 3.333   2.813   -1.951  1.00 40.19  ? 54  LEU A CB    1 
ATOM   394  C CG    . LEU A 1 54  ? 2.436   2.625   -0.737  1.00 41.38  ? 54  LEU A CG    1 
ATOM   395  C CD1   . LEU A 1 54  ? 1.277   3.614   -0.767  1.00 41.63  ? 54  LEU A CD1   1 
ATOM   396  C CD2   . LEU A 1 54  ? 1.925   1.198   -0.752  1.00 40.75  ? 54  LEU A CD2   1 
ATOM   397  N N     . GLU A 1 55  ? 6.196   2.750   -3.261  1.00 37.84  ? 55  GLU A N     1 
ATOM   398  C CA    . GLU A 1 55  ? 6.816   2.393   -4.524  1.00 38.04  ? 55  GLU A CA    1 
ATOM   399  C C     . GLU A 1 55  ? 6.531   0.922   -4.784  1.00 37.71  ? 55  GLU A C     1 
ATOM   400  O O     . GLU A 1 55  ? 6.430   0.117   -3.846  1.00 36.40  ? 55  GLU A O     1 
ATOM   401  C CB    . GLU A 1 55  ? 8.322   2.674   -4.517  1.00 38.82  ? 55  GLU A CB    1 
ATOM   402  C CG    . GLU A 1 55  ? 9.115   1.858   -3.500  1.00 41.38  ? 55  GLU A CG    1 
ATOM   403  C CD    . GLU A 1 55  ? 10.618  2.075   -3.595  1.00 44.86  ? 55  GLU A CD    1 
ATOM   404  O OE1   . GLU A 1 55  ? 11.098  2.716   -4.561  1.00 46.30  ? 55  GLU A OE1   1 
ATOM   405  O OE2   . GLU A 1 55  ? 11.331  1.594   -2.693  1.00 47.55  ? 55  GLU A OE2   1 
ATOM   406  N N     . LEU A 1 56  ? 6.396   0.586   -6.061  1.00 36.44  ? 56  LEU A N     1 
ATOM   407  C CA    . LEU A 1 56  ? 6.036   -0.751  -6.482  1.00 36.69  ? 56  LEU A CA    1 
ATOM   408  C C     . LEU A 1 56  ? 6.861   -1.142  -7.699  1.00 36.21  ? 56  LEU A C     1 
ATOM   409  O O     . LEU A 1 56  ? 7.071   -0.333  -8.606  1.00 36.62  ? 56  LEU A O     1 
ATOM   410  C CB    . LEU A 1 56  ? 4.543   -0.798  -6.808  1.00 37.71  ? 56  LEU A CB    1 
ATOM   411  C CG    . LEU A 1 56  ? 3.865   -2.144  -7.072  1.00 38.46  ? 56  LEU A CG    1 
ATOM   412  C CD1   . LEU A 1 56  ? 2.413   -2.087  -6.620  1.00 38.97  ? 56  LEU A CD1   1 
ATOM   413  C CD2   . LEU A 1 56  ? 3.957   -2.519  -8.542  1.00 38.71  ? 56  LEU A CD2   1 
ATOM   414  N N     . TYR A 1 57  ? 7.322   -2.384  -7.715  1.00 34.84  ? 57  TYR A N     1 
ATOM   415  C CA    . TYR A 1 57  ? 8.123   -2.874  -8.826  1.00 36.23  ? 57  TYR A CA    1 
ATOM   416  C C     . TYR A 1 57  ? 7.637   -4.239  -9.329  1.00 34.55  ? 57  TYR A C     1 
ATOM   417  O O     . TYR A 1 57  ? 7.423   -5.165  -8.543  1.00 33.64  ? 57  TYR A O     1 
ATOM   418  C CB    . TYR A 1 57  ? 9.611   -2.931  -8.438  1.00 36.29  ? 57  TYR A CB    1 
ATOM   419  C CG    . TYR A 1 57  ? 10.517  -3.280  -9.594  1.00 37.30  ? 57  TYR A CG    1 
ATOM   420  C CD1   . TYR A 1 57  ? 10.871  -2.315  -10.539 1.00 38.15  ? 57  TYR A CD1   1 
ATOM   421  C CD2   . TYR A 1 57  ? 11.007  -4.580  -9.762  1.00 38.24  ? 57  TYR A CD2   1 
ATOM   422  C CE1   . TYR A 1 57  ? 11.695  -2.627  -11.613 1.00 38.13  ? 57  TYR A CE1   1 
ATOM   423  C CE2   . TYR A 1 57  ? 11.837  -4.905  -10.833 1.00 38.19  ? 57  TYR A CE2   1 
ATOM   424  C CZ    . TYR A 1 57  ? 12.173  -3.921  -11.755 1.00 39.17  ? 57  TYR A CZ    1 
ATOM   425  O OH    . TYR A 1 57  ? 12.989  -4.216  -12.828 1.00 41.01  ? 57  TYR A OH    1 
ATOM   426  N N     . LEU A 1 58  ? 7.475   -4.353  -10.641 1.00 34.17  ? 58  LEU A N     1 
ATOM   427  C CA    . LEU A 1 58  ? 7.056   -5.613  -11.258 1.00 35.49  ? 58  LEU A CA    1 
ATOM   428  C C     . LEU A 1 58  ? 8.270   -6.424  -11.684 1.00 36.57  ? 58  LEU A C     1 
ATOM   429  O O     . LEU A 1 58  ? 8.951   -6.062  -12.641 1.00 38.14  ? 58  LEU A O     1 
ATOM   430  C CB    . LEU A 1 58  ? 6.150   -5.354  -12.465 1.00 34.14  ? 58  LEU A CB    1 
ATOM   431  C CG    . LEU A 1 58  ? 4.925   -4.459  -12.266 1.00 34.47  ? 58  LEU A CG    1 
ATOM   432  C CD1   . LEU A 1 58  ? 4.242   -4.202  -13.600 1.00 34.39  ? 58  LEU A CD1   1 
ATOM   433  C CD2   . LEU A 1 58  ? 3.951   -5.057  -11.261 1.00 33.74  ? 58  LEU A CD2   1 
ATOM   434  N N     . PRO A 1 59  ? 8.549   -7.529  -10.979 1.00 38.13  ? 59  PRO A N     1 
ATOM   435  C CA    . PRO A 1 59  ? 9.720   -8.352  -11.302 1.00 40.69  ? 59  PRO A CA    1 
ATOM   436  C C     . PRO A 1 59  ? 9.593   -9.008  -12.680 1.00 45.38  ? 59  PRO A C     1 
ATOM   437  O O     . PRO A 1 59  ? 8.538   -8.918  -13.313 1.00 46.22  ? 59  PRO A O     1 
ATOM   438  C CB    . PRO A 1 59  ? 9.720   -9.422  -10.204 1.00 39.17  ? 59  PRO A CB    1 
ATOM   439  C CG    . PRO A 1 59  ? 8.757   -8.940  -9.165  1.00 39.46  ? 59  PRO A CG    1 
ATOM   440  C CD    . PRO A 1 59  ? 7.743   -8.125  -9.903  1.00 38.14  ? 59  PRO A CD    1 
ATOM   441  N N     . ASP A 1 60  ? 10.661  -9.655  -13.140 1.00 51.59  ? 60  ASP A N     1 
ATOM   442  C CA    . ASP A 1 60  ? 10.682  -10.271 -14.469 1.00 56.64  ? 60  ASP A CA    1 
ATOM   443  C C     . ASP A 1 60  ? 9.672   -11.409 -14.636 1.00 55.94  ? 60  ASP A C     1 
ATOM   444  O O     . ASP A 1 60  ? 9.110   -11.585 -15.718 1.00 58.35  ? 60  ASP A O     1 
ATOM   445  C CB    . ASP A 1 60  ? 12.092  -10.758 -14.822 1.00 62.37  ? 60  ASP A CB    1 
ATOM   446  C CG    . ASP A 1 60  ? 12.957  -9.660  -15.424 1.00 67.60  ? 60  ASP A CG    1 
ATOM   447  O OD1   . ASP A 1 60  ? 14.085  -9.456  -14.929 1.00 72.16  ? 60  ASP A OD1   1 
ATOM   448  O OD2   . ASP A 1 60  ? 12.517  -9.000  -16.392 1.00 71.05  ? 60  ASP A OD2   1 
ATOM   449  N N     . ASP A 1 61  ? 9.431   -12.155 -13.562 1.00 54.41  ? 61  ASP A N     1 
ATOM   450  C CA    . ASP A 1 61  ? 8.518   -13.297 -13.595 1.00 54.84  ? 61  ASP A CA    1 
ATOM   451  C C     . ASP A 1 61  ? 7.046   -12.930 -13.438 1.00 51.82  ? 61  ASP A C     1 
ATOM   452  O O     . ASP A 1 61  ? 6.185   -13.804 -13.509 1.00 53.29  ? 61  ASP A O     1 
ATOM   453  C CB    . ASP A 1 61  ? 8.912   -14.339 -12.541 1.00 60.72  ? 61  ASP A CB    1 
ATOM   454  C CG    . ASP A 1 61  ? 10.089  -15.214 -12.978 1.00 64.69  ? 61  ASP A CG    1 
ATOM   455  O OD1   . ASP A 1 61  ? 10.639  -14.998 -14.082 1.00 64.72  ? 61  ASP A OD1   1 
ATOM   456  O OD2   . ASP A 1 61  ? 10.462  -16.126 -12.203 1.00 67.63  ? 61  ASP A OD2   1 
ATOM   457  N N     . TYR A 1 62  ? 6.757   -11.646 -13.220 1.00 47.68  ? 62  TYR A N     1 
ATOM   458  C CA    . TYR A 1 62  ? 5.376   -11.164 -13.146 1.00 43.59  ? 62  TYR A CA    1 
ATOM   459  C C     . TYR A 1 62  ? 4.627   -11.553 -14.430 1.00 42.98  ? 62  TYR A C     1 
ATOM   460  O O     . TYR A 1 62  ? 5.161   -11.369 -15.522 1.00 43.03  ? 62  TYR A O     1 
ATOM   461  C CB    . TYR A 1 62  ? 5.339   -9.641  -12.929 1.00 39.76  ? 62  TYR A CB    1 
ATOM   462  C CG    . TYR A 1 62  ? 3.946   -9.127  -12.669 1.00 37.76  ? 62  TYR A CG    1 
ATOM   463  C CD1   . TYR A 1 62  ? 3.393   -9.179  -11.394 1.00 36.19  ? 62  TYR A CD1   1 
ATOM   464  C CD2   . TYR A 1 62  ? 3.159   -8.626  -13.711 1.00 36.96  ? 62  TYR A CD2   1 
ATOM   465  C CE1   . TYR A 1 62  ? 2.099   -8.736  -11.158 1.00 35.90  ? 62  TYR A CE1   1 
ATOM   466  C CE2   . TYR A 1 62  ? 1.866   -8.184  -13.484 1.00 34.86  ? 62  TYR A CE2   1 
ATOM   467  C CZ    . TYR A 1 62  ? 1.343   -8.242  -12.208 1.00 35.52  ? 62  TYR A CZ    1 
ATOM   468  O OH    . TYR A 1 62  ? 0.064   -7.797  -11.977 1.00 37.28  ? 62  TYR A OH    1 
ATOM   469  N N     . PRO A 1 63  ? 3.386   -12.074 -14.313 1.00 42.60  ? 63  PRO A N     1 
ATOM   470  C CA    . PRO A 1 63  ? 2.494   -12.176 -13.151 1.00 42.80  ? 63  PRO A CA    1 
ATOM   471  C C     . PRO A 1 63  ? 2.598   -13.456 -12.296 1.00 44.81  ? 63  PRO A C     1 
ATOM   472  O O     . PRO A 1 63  ? 1.819   -13.620 -11.348 1.00 43.60  ? 63  PRO A O     1 
ATOM   473  C CB    . PRO A 1 63  ? 1.101   -12.072 -13.784 1.00 41.73  ? 63  PRO A CB    1 
ATOM   474  C CG    . PRO A 1 63  ? 1.277   -12.485 -15.217 1.00 42.05  ? 63  PRO A CG    1 
ATOM   475  C CD    . PRO A 1 63  ? 2.745   -12.651 -15.506 1.00 42.26  ? 63  PRO A CD    1 
ATOM   476  N N     . MET A 1 64  ? 3.549   -14.336 -12.612 1.00 45.69  ? 64  MET A N     1 
ATOM   477  C CA    . MET A 1 64  ? 3.802   -15.520 -11.790 1.00 48.08  ? 64  MET A CA    1 
ATOM   478  C C     . MET A 1 64  ? 4.362   -15.175 -10.414 1.00 50.96  ? 64  MET A C     1 
ATOM   479  O O     . MET A 1 64  ? 4.182   -15.927 -9.450  1.00 52.93  ? 64  MET A O     1 
ATOM   480  C CB    . MET A 1 64  ? 4.744   -16.481 -12.506 1.00 49.97  ? 64  MET A CB    1 
ATOM   481  C CG    . MET A 1 64  ? 4.055   -17.730 -13.037 1.00 54.55  ? 64  MET A CG    1 
ATOM   482  S SD    . MET A 1 64  ? 2.626   -17.415 -14.091 1.00 57.61  ? 64  MET A SD    1 
ATOM   483  C CE    . MET A 1 64  ? 3.393   -16.516 -15.445 1.00 55.89  ? 64  MET A CE    1 
ATOM   484  N N     . GLU A 1 65  ? 5.033   -14.034 -10.331 1.00 51.71  ? 65  GLU A N     1 
ATOM   485  C CA    . GLU A 1 65  ? 5.642   -13.586 -9.094  1.00 50.92  ? 65  GLU A CA    1 
ATOM   486  C C     . GLU A 1 65  ? 4.983   -12.288 -8.651  1.00 47.19  ? 65  GLU A C     1 
ATOM   487  O O     . GLU A 1 65  ? 4.624   -11.451 -9.479  1.00 44.80  ? 65  GLU A O     1 
ATOM   488  C CB    . GLU A 1 65  ? 7.139   -13.387 -9.307  1.00 54.74  ? 65  GLU A CB    1 
ATOM   489  C CG    . GLU A 1 65  ? 7.972   -13.399 -8.038  1.00 59.36  ? 65  GLU A CG    1 
ATOM   490  C CD    . GLU A 1 65  ? 9.444   -13.150 -8.317  1.00 64.50  ? 65  GLU A CD    1 
ATOM   491  O OE1   . GLU A 1 65  ? 10.010  -12.205 -7.721  1.00 65.09  ? 65  GLU A OE1   1 
ATOM   492  O OE2   . GLU A 1 65  ? 10.031  -13.889 -9.143  1.00 66.67  ? 65  GLU A OE2   1 
ATOM   493  N N     . ALA A 1 66  ? 4.822   -12.136 -7.338  1.00 45.41  ? 66  ALA A N     1 
ATOM   494  C CA    . ALA A 1 66  ? 4.165   -10.970 -6.755  1.00 43.72  ? 66  ALA A CA    1 
ATOM   495  C C     . ALA A 1 66  ? 4.960   -9.687  -7.008  1.00 43.05  ? 66  ALA A C     1 
ATOM   496  O O     . ALA A 1 66  ? 6.186   -9.727  -7.083  1.00 44.52  ? 66  ALA A O     1 
ATOM   497  C CB    . ALA A 1 66  ? 3.965   -11.182 -5.260  1.00 41.74  ? 66  ALA A CB    1 
ATOM   498  N N     . PRO A 1 67  ? 4.263   -8.546  -7.150  1.00 42.37  ? 67  PRO A N     1 
ATOM   499  C CA    . PRO A 1 67  ? 4.954   -7.259  -7.200  1.00 41.94  ? 67  PRO A CA    1 
ATOM   500  C C     . PRO A 1 67  ? 5.702   -7.001  -5.897  1.00 41.95  ? 67  PRO A C     1 
ATOM   501  O O     . PRO A 1 67  ? 5.241   -7.423  -4.831  1.00 42.25  ? 67  PRO A O     1 
ATOM   502  C CB    . PRO A 1 67  ? 3.809   -6.249  -7.336  1.00 41.61  ? 67  PRO A CB    1 
ATOM   503  C CG    . PRO A 1 67  ? 2.671   -7.023  -7.899  1.00 41.54  ? 67  PRO A CG    1 
ATOM   504  C CD    . PRO A 1 67  ? 2.805   -8.393  -7.304  1.00 43.13  ? 67  PRO A CD    1 
ATOM   505  N N     . LYS A 1 68  ? 6.856   -6.345  -5.988  1.00 40.62  ? 68  LYS A N     1 
ATOM   506  C CA    . LYS A 1 68  ? 7.581   -5.915  -4.798  1.00 40.18  ? 68  LYS A CA    1 
ATOM   507  C C     . LYS A 1 68  ? 7.076   -4.538  -4.425  1.00 38.96  ? 68  LYS A C     1 
ATOM   508  O O     . LYS A 1 68  ? 6.965   -3.659  -5.284  1.00 40.73  ? 68  LYS A O     1 
ATOM   509  C CB    . LYS A 1 68  ? 9.084   -5.873  -5.045  1.00 41.69  ? 68  LYS A CB    1 
ATOM   510  C CG    . LYS A 1 68  ? 9.712   -7.232  -5.280  1.00 44.65  ? 68  LYS A CG    1 
ATOM   511  C CD    . LYS A 1 68  ? 11.224  -7.106  -5.391  1.00 48.51  ? 68  LYS A CD    1 
ATOM   512  C CE    . LYS A 1 68  ? 11.870  -8.394  -5.887  1.00 51.18  ? 68  LYS A CE    1 
ATOM   513  N NZ    . LYS A 1 68  ? 11.457  -9.598  -5.108  1.00 51.53  ? 68  LYS A NZ    1 
ATOM   514  N N     . VAL A 1 69  ? 6.758   -4.354  -3.148  1.00 36.75  ? 69  VAL A N     1 
ATOM   515  C CA    . VAL A 1 69  ? 6.170   -3.107  -2.667  1.00 36.11  ? 69  VAL A CA    1 
ATOM   516  C C     . VAL A 1 69  ? 6.912   -2.616  -1.428  1.00 35.87  ? 69  VAL A C     1 
ATOM   517  O O     . VAL A 1 69  ? 7.374   -3.413  -0.615  1.00 34.89  ? 69  VAL A O     1 
ATOM   518  C CB    . VAL A 1 69  ? 4.661   -3.273  -2.351  1.00 35.31  ? 69  VAL A CB    1 
ATOM   519  C CG1   . VAL A 1 69  ? 4.030   -1.938  -2.004  1.00 35.94  ? 69  VAL A CG1   1 
ATOM   520  C CG2   . VAL A 1 69  ? 3.927   -3.874  -3.535  1.00 35.83  ? 69  VAL A CG2   1 
ATOM   521  N N     . ARG A 1 70  ? 7.033   -1.300  -1.295  1.00 36.84  ? 70  ARG A N     1 
ATOM   522  C CA    . ARG A 1 70  ? 7.641   -0.696  -0.117  1.00 37.90  ? 70  ARG A CA    1 
ATOM   523  C C     . ARG A 1 70  ? 6.877   0.576   0.253   1.00 38.83  ? 70  ARG A C     1 
ATOM   524  O O     . ARG A 1 70  ? 6.672   1.468   -0.576  1.00 38.00  ? 70  ARG A O     1 
ATOM   525  C CB    . ARG A 1 70  ? 9.144   -0.456  -0.353  1.00 39.53  ? 70  ARG A CB    1 
ATOM   526  C CG    . ARG A 1 70  ? 9.768   0.728   0.372   1.00 42.01  ? 70  ARG A CG    1 
ATOM   527  C CD    . ARG A 1 70  ? 10.582  0.324   1.584   1.00 43.85  ? 70  ARG A CD    1 
ATOM   528  N NE    . ARG A 1 70  ? 12.006  0.055   1.322   1.00 48.00  ? 70  ARG A NE    1 
ATOM   529  C CZ    . ARG A 1 70  ? 12.779  0.645   0.404   1.00 46.73  ? 70  ARG A CZ    1 
ATOM   530  N NH1   . ARG A 1 70  ? 12.309  1.587   -0.402  1.00 46.39  ? 70  ARG A NH1   1 
ATOM   531  N NH2   . ARG A 1 70  ? 14.050  0.290   0.301   1.00 45.47  ? 70  ARG A NH2   1 
ATOM   532  N N     . PHE A 1 71  ? 6.433   0.631   1.501   1.00 40.74  ? 71  PHE A N     1 
ATOM   533  C CA    . PHE A 1 71  ? 5.755   1.798   2.032   1.00 42.75  ? 71  PHE A CA    1 
ATOM   534  C C     . PHE A 1 71  ? 6.810   2.848   2.375   1.00 44.26  ? 71  PHE A C     1 
ATOM   535  O O     . PHE A 1 71  ? 7.724   2.570   3.151   1.00 46.61  ? 71  PHE A O     1 
ATOM   536  C CB    . PHE A 1 71  ? 4.969   1.403   3.277   1.00 42.66  ? 71  PHE A CB    1 
ATOM   537  C CG    . PHE A 1 71  ? 3.689   2.161   3.453   1.00 43.61  ? 71  PHE A CG    1 
ATOM   538  C CD1   . PHE A 1 71  ? 3.688   3.436   4.009   1.00 43.54  ? 71  PHE A CD1   1 
ATOM   539  C CD2   . PHE A 1 71  ? 2.475   1.595   3.070   1.00 44.76  ? 71  PHE A CD2   1 
ATOM   540  C CE1   . PHE A 1 71  ? 2.501   4.135   4.176   1.00 44.54  ? 71  PHE A CE1   1 
ATOM   541  C CE2   . PHE A 1 71  ? 1.282   2.289   3.231   1.00 45.17  ? 71  PHE A CE2   1 
ATOM   542  C CZ    . PHE A 1 71  ? 1.296   3.561   3.787   1.00 45.33  ? 71  PHE A CZ    1 
ATOM   543  N N     . LEU A 1 72  ? 6.688   4.040   1.793   1.00 44.94  ? 72  LEU A N     1 
ATOM   544  C CA    . LEU A 1 72  ? 7.725   5.074   1.913   1.00 45.31  ? 72  LEU A CA    1 
ATOM   545  C C     . LEU A 1 72  ? 7.454   6.141   2.976   1.00 46.72  ? 72  LEU A C     1 
ATOM   546  O O     . LEU A 1 72  ? 8.386   6.626   3.616   1.00 47.85  ? 72  LEU A O     1 
ATOM   547  C CB    . LEU A 1 72  ? 7.997   5.734   0.554   1.00 43.13  ? 72  LEU A CB    1 
ATOM   548  C CG    . LEU A 1 72  ? 8.700   4.873   -0.503  1.00 43.29  ? 72  LEU A CG    1 
ATOM   549  C CD1   . LEU A 1 72  ? 8.744   5.560   -1.864  1.00 40.83  ? 72  LEU A CD1   1 
ATOM   550  C CD2   . LEU A 1 72  ? 10.098  4.468   -0.053  1.00 42.12  ? 72  LEU A CD2   1 
ATOM   551  N N     . THR A 1 73  ? 6.189   6.519   3.146   1.00 47.74  ? 73  THR A N     1 
ATOM   552  C CA    . THR A 1 73  ? 5.797   7.456   4.196   1.00 48.38  ? 73  THR A CA    1 
ATOM   553  C C     . THR A 1 73  ? 5.910   6.787   5.568   1.00 49.92  ? 73  THR A C     1 
ATOM   554  O O     . THR A 1 73  ? 5.572   5.615   5.723   1.00 51.43  ? 73  THR A O     1 
ATOM   555  C CB    . THR A 1 73  ? 4.360   7.984   3.984   1.00 48.76  ? 73  THR A CB    1 
ATOM   556  O OG1   . THR A 1 73  ? 4.251   8.589   2.688   1.00 48.10  ? 73  THR A OG1   1 
ATOM   557  C CG2   . THR A 1 73  ? 3.987   9.018   5.049   1.00 47.43  ? 73  THR A CG2   1 
ATOM   558  N N     . LYS A 1 74  ? 6.406   7.538   6.550   1.00 52.05  ? 74  LYS A N     1 
ATOM   559  C CA    . LYS A 1 74  ? 6.495   7.070   7.931   1.00 53.45  ? 74  LYS A CA    1 
ATOM   560  C C     . LYS A 1 74  ? 5.085   6.939   8.505   1.00 52.06  ? 74  LYS A C     1 
ATOM   561  O O     . LYS A 1 74  ? 4.264   7.855   8.375   1.00 50.77  ? 74  LYS A O     1 
ATOM   562  C CB    . LYS A 1 74  ? 7.340   8.044   8.759   1.00 58.12  ? 74  LYS A CB    1 
ATOM   563  C CG    . LYS A 1 74  ? 7.823   7.517   10.103  1.00 59.81  ? 74  LYS A CG    1 
ATOM   564  C CD    . LYS A 1 74  ? 8.867   8.455   10.700  1.00 62.51  ? 74  LYS A CD    1 
ATOM   565  C CE    . LYS A 1 74  ? 8.902   8.381   12.221  1.00 63.00  ? 74  LYS A CE    1 
ATOM   566  N NZ    . LYS A 1 74  ? 9.461   7.096   12.725  1.00 63.69  ? 74  LYS A NZ    1 
ATOM   567  N N     . ILE A 1 75  ? 4.809   5.798   9.130   1.00 51.40  ? 75  ILE A N     1 
ATOM   568  C CA    . ILE A 1 75  ? 3.448   5.454   9.545   1.00 50.77  ? 75  ILE A CA    1 
ATOM   569  C C     . ILE A 1 75  ? 3.398   4.533   10.770  1.00 50.49  ? 75  ILE A C     1 
ATOM   570  O O     . ILE A 1 75  ? 4.210   3.617   10.913  1.00 47.96  ? 75  ILE A O     1 
ATOM   571  C CB    . ILE A 1 75  ? 2.648   4.822   8.373   1.00 51.19  ? 75  ILE A CB    1 
ATOM   572  C CG1   . ILE A 1 75  ? 1.153   4.748   8.711   1.00 50.99  ? 75  ILE A CG1   1 
ATOM   573  C CG2   . ILE A 1 75  ? 3.220   3.455   7.985   1.00 50.36  ? 75  ILE A CG2   1 
ATOM   574  C CD1   . ILE A 1 75  ? 0.261   4.364   7.552   1.00 51.69  ? 75  ILE A CD1   1 
ATOM   575  N N     . TYR A 1 76  ? 2.433   4.791   11.649  1.00 52.44  ? 76  TYR A N     1 
ATOM   576  C CA    . TYR A 1 76  ? 2.184   3.910   12.780  1.00 52.96  ? 76  TYR A CA    1 
ATOM   577  C C     . TYR A 1 76  ? 1.065   2.937   12.423  1.00 51.50  ? 76  TYR A C     1 
ATOM   578  O O     . TYR A 1 76  ? -0.109  3.312   12.365  1.00 50.73  ? 76  TYR A O     1 
ATOM   579  C CB    . TYR A 1 76  ? 1.860   4.712   14.046  1.00 57.16  ? 76  TYR A CB    1 
ATOM   580  C CG    . TYR A 1 76  ? 2.053   3.919   15.323  1.00 60.45  ? 76  TYR A CG    1 
ATOM   581  C CD1   . TYR A 1 76  ? 3.332   3.582   15.770  1.00 60.44  ? 76  TYR A CD1   1 
ATOM   582  C CD2   . TYR A 1 76  ? 0.958   3.501   16.081  1.00 61.80  ? 76  TYR A CD2   1 
ATOM   583  C CE1   . TYR A 1 76  ? 3.515   2.851   16.935  1.00 62.63  ? 76  TYR A CE1   1 
ATOM   584  C CE2   . TYR A 1 76  ? 1.133   2.772   17.250  1.00 63.18  ? 76  TYR A CE2   1 
ATOM   585  C CZ    . TYR A 1 76  ? 2.413   2.453   17.674  1.00 62.82  ? 76  TYR A CZ    1 
ATOM   586  O OH    . TYR A 1 76  ? 2.593   1.729   18.829  1.00 63.34  ? 76  TYR A OH    1 
ATOM   587  N N     . HIS A 1 77  ? 1.452   1.691   12.162  1.00 50.87  ? 77  HIS A N     1 
ATOM   588  C CA    . HIS A 1 77  ? 0.536   0.653   11.707  1.00 50.84  ? 77  HIS A CA    1 
ATOM   589  C C     . HIS A 1 77  ? 1.090   -0.704  12.056  1.00 52.90  ? 77  HIS A C     1 
ATOM   590  O O     . HIS A 1 77  ? 2.267   -0.974  11.801  1.00 55.00  ? 77  HIS A O     1 
ATOM   591  C CB    . HIS A 1 77  ? 0.313   0.762   10.198  1.00 49.32  ? 77  HIS A CB    1 
ATOM   592  C CG    . HIS A 1 77  ? -0.926  0.041   9.704   1.00 49.18  ? 77  HIS A CG    1 
ATOM   593  N ND1   . HIS A 1 77  ? -1.033  -1.305  9.700   1.00 48.75  ? 77  HIS A ND1   1 
ATOM   594  C CD2   . HIS A 1 77  ? -2.124  0.533   9.177   1.00 47.80  ? 77  HIS A CD2   1 
ATOM   595  C CE1   . HIS A 1 77  ? -2.239  -1.659  9.203   1.00 48.85  ? 77  HIS A CE1   1 
ATOM   596  N NE2   . HIS A 1 77  ? -2.906  -0.533  8.886   1.00 48.55  ? 77  HIS A NE2   1 
ATOM   597  N N     . PRO A 1 78  ? 0.251   -1.583  12.643  1.00 53.70  ? 78  PRO A N     1 
ATOM   598  C CA    . PRO A 1 78  ? 0.663   -2.931  13.067  1.00 53.05  ? 78  PRO A CA    1 
ATOM   599  C C     . PRO A 1 78  ? 1.063   -3.896  11.944  1.00 52.65  ? 78  PRO A C     1 
ATOM   600  O O     . PRO A 1 78  ? 1.572   -4.983  12.231  1.00 53.62  ? 78  PRO A O     1 
ATOM   601  C CB    . PRO A 1 78  ? -0.582  -3.468  13.794  1.00 53.04  ? 78  PRO A CB    1 
ATOM   602  C CG    . PRO A 1 78  ? -1.717  -2.648  13.277  1.00 54.39  ? 78  PRO A CG    1 
ATOM   603  C CD    . PRO A 1 78  ? -1.135  -1.285  13.054  1.00 52.85  ? 78  PRO A CD    1 
ATOM   604  N N     . ALA A 1 79  ? 0.834   -3.524  10.688  1.00 51.67  ? 79  ALA A N     1 
ATOM   605  C CA    . ALA A 1 79  ? 1.160   -4.415  9.566   1.00 50.49  ? 79  ALA A CA    1 
ATOM   606  C C     . ALA A 1 79  ? 2.250   -3.848  8.648   1.00 48.46  ? 79  ALA A C     1 
ATOM   607  O O     . ALA A 1 79  ? 2.619   -4.475  7.653   1.00 47.87  ? 79  ALA A O     1 
ATOM   608  C CB    . ALA A 1 79  ? -0.095  -4.751  8.774   1.00 49.42  ? 79  ALA A CB    1 
ATOM   609  N N     . ILE A 1 80  ? 2.749   -2.662  8.984   1.00 45.69  ? 80  ILE A N     1 
ATOM   610  C CA    . ILE A 1 80  ? 3.820   -2.017  8.233   1.00 47.11  ? 80  ILE A CA    1 
ATOM   611  C C     . ILE A 1 80  ? 4.959   -1.707  9.195   1.00 50.65  ? 80  ILE A C     1 
ATOM   612  O O     . ILE A 1 80  ? 4.796   -0.898  10.113  1.00 53.18  ? 80  ILE A O     1 
ATOM   613  C CB    . ILE A 1 80  ? 3.342   -0.713  7.559   1.00 44.73  ? 80  ILE A CB    1 
ATOM   614  C CG1   . ILE A 1 80  ? 2.120   -0.982  6.676   1.00 43.90  ? 80  ILE A CG1   1 
ATOM   615  C CG2   . ILE A 1 80  ? 4.467   -0.090  6.741   1.00 43.60  ? 80  ILE A CG2   1 
ATOM   616  C CD1   . ILE A 1 80  ? 1.208   0.213   6.494   1.00 43.17  ? 80  ILE A CD1   1 
ATOM   617  N N     . ASP A 1 81  ? 6.106   -2.351  8.991   1.00 53.41  ? 81  ASP A N     1 
ATOM   618  C CA    . ASP A 1 81  ? 7.250   -2.188  9.896   1.00 57.00  ? 81  ASP A CA    1 
ATOM   619  C C     . ASP A 1 81  ? 8.025   -0.878  9.668   1.00 57.35  ? 81  ASP A C     1 
ATOM   620  O O     . ASP A 1 81  ? 7.634   -0.048  8.833   1.00 55.73  ? 81  ASP A O     1 
ATOM   621  C CB    . ASP A 1 81  ? 8.174   -3.423  9.864   1.00 62.15  ? 81  ASP A CB    1 
ATOM   622  C CG    . ASP A 1 81  ? 8.973   -3.550  8.566   1.00 68.82  ? 81  ASP A CG    1 
ATOM   623  O OD1   . ASP A 1 81  ? 8.747   -2.766  7.616   1.00 73.39  ? 81  ASP A OD1   1 
ATOM   624  O OD2   . ASP A 1 81  ? 9.839   -4.452  8.494   1.00 71.78  ? 81  ASP A OD2   1 
ATOM   625  N N     . ARG A 1 82  ? 9.114   -0.707  10.417  1.00 57.46  ? 82  ARG A N     1 
ATOM   626  C CA    . ARG A 1 82  ? 9.981   0.473   10.318  1.00 56.96  ? 82  ARG A CA    1 
ATOM   627  C C     . ARG A 1 82  ? 10.641  0.574   8.939   1.00 55.46  ? 82  ARG A C     1 
ATOM   628  O O     . ARG A 1 82  ? 10.901  1.676   8.448   1.00 54.27  ? 82  ARG A O     1 
ATOM   629  C CB    . ARG A 1 82  ? 11.051  0.444   11.417  1.00 56.46  ? 82  ARG A CB    1 
ATOM   630  N N     . LEU A 1 83  ? 10.889  -0.586  8.328   1.00 53.60  ? 83  LEU A N     1 
ATOM   631  C CA    . LEU A 1 83  ? 11.503  -0.696  7.005   1.00 51.82  ? 83  LEU A CA    1 
ATOM   632  C C     . LEU A 1 83  ? 10.543  -0.364  5.860   1.00 52.24  ? 83  LEU A C     1 
ATOM   633  O O     . LEU A 1 83  ? 10.981  -0.058  4.748   1.00 52.80  ? 83  LEU A O     1 
ATOM   634  C CB    . LEU A 1 83  ? 12.068  -2.110  6.809   1.00 52.07  ? 83  LEU A CB    1 
ATOM   635  C CG    . LEU A 1 83  ? 13.488  -2.468  7.282   1.00 54.19  ? 83  LEU A CG    1 
ATOM   636  C CD1   . LEU A 1 83  ? 14.083  -1.474  8.277   1.00 52.44  ? 83  LEU A CD1   1 
ATOM   637  C CD2   . LEU A 1 83  ? 13.519  -3.892  7.834   1.00 52.15  ? 83  LEU A CD2   1 
ATOM   638  N N     . GLY A 1 84  ? 9.240   -0.429  6.130   1.00 51.24  ? 84  GLY A N     1 
ATOM   639  C CA    . GLY A 1 84  ? 8.223   -0.158  5.114   1.00 47.24  ? 84  GLY A CA    1 
ATOM   640  C C     . GLY A 1 84  ? 7.704   -1.419  4.448   1.00 44.90  ? 84  GLY A C     1 
ATOM   641  O O     . GLY A 1 84  ? 6.916   -1.345  3.504   1.00 43.20  ? 84  GLY A O     1 
ATOM   642  N N     . ARG A 1 85  ? 8.161   -2.575  4.929   1.00 42.84  ? 85  ARG A N     1 
ATOM   643  C CA    . ARG A 1 85  ? 7.643   -3.862  4.482   1.00 42.51  ? 85  ARG A CA    1 
ATOM   644  C C     . ARG A 1 85  ? 6.198   -3.969  4.945   1.00 43.78  ? 85  ARG A C     1 
ATOM   645  O O     . ARG A 1 85  ? 5.857   -3.524  6.049   1.00 44.25  ? 85  ARG A O     1 
ATOM   646  C CB    . ARG A 1 85  ? 8.474   -5.022  5.041   1.00 40.70  ? 85  ARG A CB    1 
ATOM   647  N N     . ILE A 1 86  ? 5.359   -4.549  4.095   1.00 43.41  ? 86  ILE A N     1 
ATOM   648  C CA    . ILE A 1 86  ? 3.928   -4.646  4.348   1.00 44.68  ? 86  ILE A CA    1 
ATOM   649  C C     . ILE A 1 86  ? 3.553   -6.106  4.596   1.00 46.90  ? 86  ILE A C     1 
ATOM   650  O O     . ILE A 1 86  ? 4.008   -6.998  3.876   1.00 47.55  ? 86  ILE A O     1 
ATOM   651  C CB    . ILE A 1 86  ? 3.130   -4.039  3.168   1.00 44.49  ? 86  ILE A CB    1 
ATOM   652  C CG1   . ILE A 1 86  ? 3.439   -2.538  3.058   1.00 43.72  ? 86  ILE A CG1   1 
ATOM   653  C CG2   . ILE A 1 86  ? 1.632   -4.260  3.337   1.00 43.78  ? 86  ILE A CG2   1 
ATOM   654  C CD1   . ILE A 1 86  ? 3.173   -1.930  1.697   1.00 42.85  ? 86  ILE A CD1   1 
ATOM   655  N N     . SER A 1 87  ? 2.742   -6.348  5.624   1.00 49.10  ? 87  SER A N     1 
ATOM   656  C CA    . SER A 1 87  ? 2.314   -7.707  5.961   1.00 51.31  ? 87  SER A CA    1 
ATOM   657  C C     . SER A 1 87  ? 0.998   -8.050  5.272   1.00 52.12  ? 87  SER A C     1 
ATOM   658  O O     . SER A 1 87  ? -0.088  -7.839  5.821   1.00 52.06  ? 87  SER A O     1 
ATOM   659  C CB    . SER A 1 87  ? 2.192   -7.895  7.473   1.00 52.71  ? 87  SER A CB    1 
ATOM   660  O OG    . SER A 1 87  ? 3.312   -7.349  8.147   1.00 58.81  ? 87  SER A OG    1 
ATOM   661  N N     . LEU A 1 88  ? 1.119   -8.569  4.053   1.00 52.87  ? 88  LEU A N     1 
ATOM   662  C CA    . LEU A 1 88  ? -0.017  -9.026  3.269   1.00 53.86  ? 88  LEU A CA    1 
ATOM   663  C C     . LEU A 1 88  ? 0.272   -10.399 2.701   1.00 56.94  ? 88  LEU A C     1 
ATOM   664  O O     . LEU A 1 88  ? 1.304   -10.609 2.050   1.00 57.75  ? 88  LEU A O     1 
ATOM   665  C CB    . LEU A 1 88  ? -0.303  -8.061  2.121   1.00 52.84  ? 88  LEU A CB    1 
ATOM   666  C CG    . LEU A 1 88  ? -1.152  -6.831  2.413   1.00 50.57  ? 88  LEU A CG    1 
ATOM   667  C CD1   . LEU A 1 88  ? -1.084  -5.903  1.213   1.00 50.26  ? 88  LEU A CD1   1 
ATOM   668  C CD2   . LEU A 1 88  ? -2.589  -7.233  2.721   1.00 49.81  ? 88  LEU A CD2   1 
ATOM   669  N N     . ASP A 1 89  ? -0.644  -11.329 2.944   1.00 59.79  ? 89  ASP A N     1 
ATOM   670  C CA    . ASP A 1 89  ? -0.503  -12.685 2.439   1.00 63.39  ? 89  ASP A CA    1 
ATOM   671  C C     . ASP A 1 89  ? -0.634  -12.745 0.920   1.00 61.54  ? 89  ASP A C     1 
ATOM   672  O O     . ASP A 1 89  ? -0.012  -13.596 0.275   1.00 58.29  ? 89  ASP A O     1 
ATOM   673  C CB    . ASP A 1 89  ? -1.494  -13.621 3.131   1.00 71.48  ? 89  ASP A CB    1 
ATOM   674  C CG    . ASP A 1 89  ? -0.955  -14.159 4.448   1.00 77.84  ? 89  ASP A CG    1 
ATOM   675  O OD1   . ASP A 1 89  ? -0.161  -15.130 4.414   1.00 79.97  ? 89  ASP A OD1   1 
ATOM   676  O OD2   . ASP A 1 89  ? -1.319  -13.605 5.512   1.00 78.76  ? 89  ASP A OD2   1 
ATOM   677  N N     . VAL A 1 90  ? -1.417  -11.819 0.362   1.00 59.89  ? 90  VAL A N     1 
ATOM   678  C CA    . VAL A 1 90  ? -1.535  -11.649 -1.090  1.00 59.72  ? 90  VAL A CA    1 
ATOM   679  C C     . VAL A 1 90  ? -0.178  -11.366 -1.758  1.00 59.90  ? 90  VAL A C     1 
ATOM   680  O O     . VAL A 1 90  ? -0.014  -11.600 -2.957  1.00 60.18  ? 90  VAL A O     1 
ATOM   681  C CB    . VAL A 1 90  ? -2.590  -10.569 -1.451  1.00 58.89  ? 90  VAL A CB    1 
ATOM   682  C CG1   . VAL A 1 90  ? -1.991  -9.168  -1.467  1.00 57.74  ? 90  VAL A CG1   1 
ATOM   683  C CG2   . VAL A 1 90  ? -3.245  -10.880 -2.780  1.00 57.20  ? 90  VAL A CG2   1 
ATOM   684  N N     . LEU A 1 91  ? 0.787   -10.876 -0.976  1.00 61.12  ? 91  LEU A N     1 
ATOM   685  C CA    . LEU A 1 91  ? 2.158   -10.664 -1.453  1.00 63.20  ? 91  LEU A CA    1 
ATOM   686  C C     . LEU A 1 91  ? 3.089   -11.834 -1.120  1.00 66.42  ? 91  LEU A C     1 
ATOM   687  O O     . LEU A 1 91  ? 4.225   -11.882 -1.602  1.00 67.25  ? 91  LEU A O     1 
ATOM   688  C CB    . LEU A 1 91  ? 2.745   -9.368  -0.884  1.00 59.67  ? 91  LEU A CB    1 
ATOM   689  C CG    . LEU A 1 91  ? 2.121   -8.024  -1.265  1.00 58.21  ? 91  LEU A CG    1 
ATOM   690  C CD1   . LEU A 1 91  ? 2.719   -6.916  -0.412  1.00 55.45  ? 91  LEU A CD1   1 
ATOM   691  C CD2   . LEU A 1 91  ? 2.293   -7.724  -2.747  1.00 57.52  ? 91  LEU A CD2   1 
ATOM   692  N N     . LYS A 1 92  ? 2.606   -12.767 -0.300  1.00 71.53  ? 92  LYS A N     1 
ATOM   693  C CA    . LYS A 1 92  ? 3.404   -13.915 0.142   1.00 72.83  ? 92  LYS A CA    1 
ATOM   694  C C     . LYS A 1 92  ? 2.912   -15.231 -0.478  1.00 74.45  ? 92  LYS A C     1 
ATOM   695  O O     . LYS A 1 92  ? 3.300   -15.578 -1.604  1.00 76.53  ? 92  LYS A O     1 
ATOM   696  C CB    . LYS A 1 92  ? 3.428   -13.994 1.676   1.00 71.62  ? 92  LYS A CB    1 
ATOM   697  N N     . THR A 1 93  ? 2.056   -15.953 0.253   1.00 75.09  ? 93  THR A N     1 
ATOM   698  C CA    . THR A 1 93  ? 1.560   -17.263 -0.185  1.00 75.37  ? 93  THR A CA    1 
ATOM   699  C C     . THR A 1 93  ? 0.349   -17.163 -1.107  1.00 71.01  ? 93  THR A C     1 
ATOM   700  O O     . THR A 1 93  ? 0.237   -17.914 -2.076  1.00 72.29  ? 93  THR A O     1 
ATOM   701  C CB    . THR A 1 93  ? 1.196   -18.171 1.014   1.00 78.24  ? 93  THR A CB    1 
ATOM   702  O OG1   . THR A 1 93  ? 0.618   -17.371 2.065   1.00 80.43  ? 93  THR A OG1   1 
ATOM   703  C CG2   . THR A 1 93  ? 2.440   -18.888 1.541   1.00 77.13  ? 93  THR A CG2   1 
ATOM   704  N N     . ASN A 1 94  ? -0.549  -16.232 -0.795  1.00 67.32  ? 94  ASN A N     1 
ATOM   705  C CA    . ASN A 1 94  ? -1.800  -16.061 -1.536  1.00 63.99  ? 94  ASN A CA    1 
ATOM   706  C C     . ASN A 1 94  ? -1.677  -15.530 -2.967  1.00 59.63  ? 94  ASN A C     1 
ATOM   707  O O     . ASN A 1 94  ? -2.692  -15.402 -3.656  1.00 59.61  ? 94  ASN A O     1 
ATOM   708  C CB    . ASN A 1 94  ? -2.764  -15.159 -0.759  1.00 68.33  ? 94  ASN A CB    1 
ATOM   709  C CG    . ASN A 1 94  ? -3.453  -15.876 0.389   1.00 71.63  ? 94  ASN A CG    1 
ATOM   710  O OD1   . ASN A 1 94  ? -3.568  -17.103 0.402   1.00 73.67  ? 94  ASN A OD1   1 
ATOM   711  N ND2   . ASN A 1 94  ? -3.932  -15.101 1.357   1.00 70.74  ? 94  ASN A ND2   1 
ATOM   712  N N     . TRP A 1 95  ? -0.458  -15.225 -3.418  1.00 52.55  ? 95  TRP A N     1 
ATOM   713  C CA    . TRP A 1 95  ? -0.283  -14.662 -4.759  1.00 48.92  ? 95  TRP A CA    1 
ATOM   714  C C     . TRP A 1 95  ? -0.574  -15.658 -5.845  1.00 47.93  ? 95  TRP A C     1 
ATOM   715  O O     . TRP A 1 95  ? -0.141  -16.804 -5.769  1.00 52.18  ? 95  TRP A O     1 
ATOM   716  C CB    . TRP A 1 95  ? 1.108   -14.057 -4.977  1.00 44.89  ? 95  TRP A CB    1 
ATOM   717  C CG    . TRP A 1 95  ? 1.219   -13.499 -6.377  1.00 41.55  ? 95  TRP A CG    1 
ATOM   718  C CD1   . TRP A 1 95  ? 1.850   -14.074 -7.475  1.00 41.33  ? 95  TRP A CD1   1 
ATOM   719  C CD2   . TRP A 1 95  ? 0.601   -12.271 -6.894  1.00 39.30  ? 95  TRP A CD2   1 
ATOM   720  N NE1   . TRP A 1 95  ? 1.693   -13.295 -8.591  1.00 40.25  ? 95  TRP A NE1   1 
ATOM   721  C CE2   . TRP A 1 95  ? 0.954   -12.202 -8.313  1.00 38.84  ? 95  TRP A CE2   1 
ATOM   722  C CE3   . TRP A 1 95  ? -0.160  -11.245 -6.335  1.00 39.37  ? 95  TRP A CE3   1 
ATOM   723  C CZ2   . TRP A 1 95  ? 0.550   -11.148 -9.121  1.00 38.46  ? 95  TRP A CZ2   1 
ATOM   724  C CZ3   . TRP A 1 95  ? -0.566  -10.186 -7.160  1.00 38.17  ? 95  TRP A CZ3   1 
ATOM   725  C CH2   . TRP A 1 95  ? -0.217  -10.140 -8.520  1.00 38.36  ? 95  TRP A CH2   1 
ATOM   726  N N     . SER A 1 96  ? -1.317  -15.221 -6.859  1.00 45.55  ? 96  SER A N     1 
ATOM   727  C CA    . SER A 1 96  ? -1.495  -15.991 -8.091  1.00 44.10  ? 96  SER A CA    1 
ATOM   728  C C     . SER A 1 96  ? -1.615  -15.041 -9.288  1.00 43.31  ? 96  SER A C     1 
ATOM   729  O O     . SER A 1 96  ? -1.995  -13.878 -9.114  1.00 43.74  ? 96  SER A O     1 
ATOM   730  C CB    . SER A 1 96  ? -2.725  -16.895 -7.997  1.00 43.09  ? 96  SER A CB    1 
ATOM   731  O OG    . SER A 1 96  ? -3.837  -16.318 -8.652  1.00 42.52  ? 96  SER A OG    1 
ATOM   732  N N     . PRO A 1 97  ? -1.308  -15.532 -10.507 1.00 41.94  ? 97  PRO A N     1 
ATOM   733  C CA    . PRO A 1 97  ? -1.356  -14.700 -11.720 1.00 40.26  ? 97  PRO A CA    1 
ATOM   734  C C     . PRO A 1 97  ? -2.757  -14.191 -12.076 1.00 40.10  ? 97  PRO A C     1 
ATOM   735  O O     . PRO A 1 97  ? -2.922  -13.435 -13.038 1.00 39.86  ? 97  PRO A O     1 
ATOM   736  C CB    . PRO A 1 97  ? -0.826  -15.638 -12.812 1.00 39.81  ? 97  PRO A CB    1 
ATOM   737  C CG    . PRO A 1 97  ? -1.012  -17.010 -12.269 1.00 39.90  ? 97  PRO A CG    1 
ATOM   738  C CD    . PRO A 1 97  ? -0.807  -16.888 -10.797 1.00 41.06  ? 97  PRO A CD    1 
ATOM   739  N N     . ALA A 1 98  ? -3.753  -14.605 -11.300 1.00 40.20  ? 98  ALA A N     1 
ATOM   740  C CA    . ALA A 1 98  ? -5.121  -14.125 -11.464 1.00 39.59  ? 98  ALA A CA    1 
ATOM   741  C C     . ALA A 1 98  ? -5.299  -12.778 -10.783 1.00 39.57  ? 98  ALA A C     1 
ATOM   742  O O     . ALA A 1 98  ? -6.216  -12.024 -11.115 1.00 39.99  ? 98  ALA A O     1 
ATOM   743  C CB    . ALA A 1 98  ? -6.104  -15.132 -10.898 1.00 39.08  ? 98  ALA A CB    1 
ATOM   744  N N     . LEU A 1 99  ? -4.427  -12.487 -9.819  1.00 39.45  ? 99  LEU A N     1 
ATOM   745  C CA    . LEU A 1 99  ? -4.450  -11.210 -9.114  1.00 38.51  ? 99  LEU A CA    1 
ATOM   746  C C     . LEU A 1 99  ? -3.661  -10.160 -9.886  1.00 38.63  ? 99  LEU A C     1 
ATOM   747  O O     . LEU A 1 99  ? -2.832  -10.497 -10.736 1.00 35.64  ? 99  LEU A O     1 
ATOM   748  C CB    . LEU A 1 99  ? -3.902  -11.370 -7.695  1.00 38.51  ? 99  LEU A CB    1 
ATOM   749  C CG    . LEU A 1 99  ? -4.539  -12.484 -6.853  1.00 39.99  ? 99  LEU A CG    1 
ATOM   750  C CD1   . LEU A 1 99  ? -3.859  -12.584 -5.496  1.00 38.70  ? 99  LEU A CD1   1 
ATOM   751  C CD2   . LEU A 1 99  ? -6.050  -12.292 -6.699  1.00 38.76  ? 99  LEU A CD2   1 
ATOM   752  N N     . GLN A 1 100 ? -3.933  -8.890  -9.595  1.00 41.09  ? 100 GLN A N     1 
ATOM   753  C CA    . GLN A 1 100 ? -3.300  -7.776  -10.304 1.00 42.34  ? 100 GLN A CA    1 
ATOM   754  C C     . GLN A 1 100 ? -2.733  -6.703  -9.362  1.00 43.66  ? 100 GLN A C     1 
ATOM   755  O O     . GLN A 1 100 ? -2.797  -6.837  -8.129  1.00 42.68  ? 100 GLN A O     1 
ATOM   756  C CB    . GLN A 1 100 ? -4.304  -7.143  -11.266 1.00 43.01  ? 100 GLN A CB    1 
ATOM   757  C CG    . GLN A 1 100 ? -4.896  -8.109  -12.279 1.00 44.34  ? 100 GLN A CG    1 
ATOM   758  C CD    . GLN A 1 100 ? -5.770  -7.404  -13.289 1.00 44.85  ? 100 GLN A CD    1 
ATOM   759  O OE1   . GLN A 1 100 ? -5.279  -6.814  -14.247 1.00 45.30  ? 100 GLN A OE1   1 
ATOM   760  N NE2   . GLN A 1 100 ? -7.075  -7.459  -13.079 1.00 44.85  ? 100 GLN A NE2   1 
ATOM   761  N N     . ILE A 1 101 ? -2.178  -5.642  -9.956  1.00 42.86  ? 101 ILE A N     1 
ATOM   762  C CA    . ILE A 1 101 ? -1.675  -4.487  -9.211  1.00 41.80  ? 101 ILE A CA    1 
ATOM   763  C C     . ILE A 1 101 ? -2.834  -3.866  -8.441  1.00 40.15  ? 101 ILE A C     1 
ATOM   764  O O     . ILE A 1 101 ? -2.723  -3.594  -7.242  1.00 39.31  ? 101 ILE A O     1 
ATOM   765  C CB    . ILE A 1 101 ? -1.018  -3.435  -10.145 1.00 42.98  ? 101 ILE A CB    1 
ATOM   766  C CG1   . ILE A 1 101 ? 0.134   -4.056  -10.945 1.00 44.00  ? 101 ILE A CG1   1 
ATOM   767  C CG2   . ILE A 1 101 ? -0.524  -2.225  -9.356  1.00 42.66  ? 101 ILE A CG2   1 
ATOM   768  C CD1   . ILE A 1 101 ? 0.507   -3.278  -12.195 1.00 44.76  ? 101 ILE A CD1   1 
ATOM   769  N N     . ARG A 1 102 ? -3.949  -3.667  -9.139  1.00 40.73  ? 102 ARG A N     1 
ATOM   770  C CA    . ARG A 1 102 ? -5.200  -3.204  -8.541  1.00 41.63  ? 102 ARG A CA    1 
ATOM   771  C C     . ARG A 1 102 ? -5.533  -3.947  -7.240  1.00 40.91  ? 102 ARG A C     1 
ATOM   772  O O     . ARG A 1 102 ? -5.916  -3.327  -6.248  1.00 40.13  ? 102 ARG A O     1 
ATOM   773  C CB    . ARG A 1 102 ? -6.337  -3.376  -9.547  1.00 45.18  ? 102 ARG A CB    1 
ATOM   774  C CG    . ARG A 1 102 ? -7.702  -2.965  -9.022  1.00 51.46  ? 102 ARG A CG    1 
ATOM   775  C CD    . ARG A 1 102 ? -8.815  -3.364  -9.977  1.00 53.33  ? 102 ARG A CD    1 
ATOM   776  N NE    . ARG A 1 102 ? -9.745  -2.254  -10.148 1.00 57.99  ? 102 ARG A NE    1 
ATOM   777  C CZ    . ARG A 1 102 ? -9.528  -1.215  -10.954 1.00 65.14  ? 102 ARG A CZ    1 
ATOM   778  N NH1   . ARG A 1 102 ? -10.436 -0.246  -11.045 1.00 67.75  ? 102 ARG A NH1   1 
ATOM   779  N NH2   . ARG A 1 102 ? -8.407  -1.137  -11.673 1.00 66.60  ? 102 ARG A NH2   1 
ATOM   780  N N     . THR A 1 103 ? -5.371  -5.269  -7.257  1.00 40.53  ? 103 THR A N     1 
ATOM   781  C CA    . THR A 1 103 ? -5.662  -6.121  -6.107  1.00 42.25  ? 103 THR A CA    1 
ATOM   782  C C     . THR A 1 103 ? -4.772  -5.746  -4.930  1.00 42.04  ? 103 THR A C     1 
ATOM   783  O O     . THR A 1 103 ? -5.253  -5.565  -3.811  1.00 43.34  ? 103 THR A O     1 
ATOM   784  C CB    . THR A 1 103 ? -5.445  -7.624  -6.434  1.00 45.47  ? 103 THR A CB    1 
ATOM   785  O OG1   . THR A 1 103 ? -5.977  -7.937  -7.732  1.00 46.90  ? 103 THR A OG1   1 
ATOM   786  C CG2   . THR A 1 103 ? -6.094  -8.523  -5.377  1.00 43.50  ? 103 THR A CG2   1 
ATOM   787  N N     . VAL A 1 104 ? -3.471  -5.644  -5.196  1.00 41.36  ? 104 VAL A N     1 
ATOM   788  C CA    . VAL A 1 104 ? -2.478  -5.251  -4.203  1.00 39.65  ? 104 VAL A CA    1 
ATOM   789  C C     . VAL A 1 104 ? -2.798  -3.868  -3.614  1.00 40.57  ? 104 VAL A C     1 
ATOM   790  O O     . VAL A 1 104 ? -2.768  -3.691  -2.394  1.00 41.11  ? 104 VAL A O     1 
ATOM   791  C CB    . VAL A 1 104 ? -1.057  -5.265  -4.810  1.00 40.16  ? 104 VAL A CB    1 
ATOM   792  C CG1   . VAL A 1 104 ? -0.017  -4.797  -3.797  1.00 39.89  ? 104 VAL A CG1   1 
ATOM   793  C CG2   . VAL A 1 104 ? -0.715  -6.657  -5.323  1.00 39.68  ? 104 VAL A CG2   1 
ATOM   794  N N     . LEU A 1 105 ? -3.122  -2.903  -4.474  1.00 38.61  ? 105 LEU A N     1 
ATOM   795  C CA    . LEU A 1 105 ? -3.432  -1.546  -4.011  1.00 38.83  ? 105 LEU A CA    1 
ATOM   796  C C     . LEU A 1 105 ? -4.714  -1.475  -3.175  1.00 40.51  ? 105 LEU A C     1 
ATOM   797  O O     . LEU A 1 105 ? -4.721  -0.861  -2.097  1.00 40.46  ? 105 LEU A O     1 
ATOM   798  C CB    . LEU A 1 105 ? -3.485  -0.558  -5.179  1.00 37.43  ? 105 LEU A CB    1 
ATOM   799  C CG    . LEU A 1 105 ? -2.226  -0.495  -6.050  1.00 37.16  ? 105 LEU A CG    1 
ATOM   800  C CD1   . LEU A 1 105 ? -2.438  0.430   -7.231  1.00 37.57  ? 105 LEU A CD1   1 
ATOM   801  C CD2   . LEU A 1 105 ? -0.990  -0.095  -5.257  1.00 36.35  ? 105 LEU A CD2   1 
ATOM   802  N N     . LEU A 1 106 ? -5.783  -2.110  -3.659  1.00 40.81  ? 106 LEU A N     1 
ATOM   803  C CA    . LEU A 1 106 ? -7.030  -2.208  -2.897  1.00 40.24  ? 106 LEU A CA    1 
ATOM   804  C C     . LEU A 1 106 ? -6.815  -2.881  -1.538  1.00 40.22  ? 106 LEU A C     1 
ATOM   805  O O     . LEU A 1 106 ? -7.423  -2.475  -0.543  1.00 40.64  ? 106 LEU A O     1 
ATOM   806  C CB    . LEU A 1 106 ? -8.126  -2.912  -3.701  1.00 40.40  ? 106 LEU A CB    1 
ATOM   807  C CG    . LEU A 1 106 ? -8.677  -2.116  -4.896  1.00 42.85  ? 106 LEU A CG    1 
ATOM   808  C CD1   . LEU A 1 106 ? -9.558  -2.986  -5.782  1.00 43.09  ? 106 LEU A CD1   1 
ATOM   809  C CD2   . LEU A 1 106 ? -9.424  -0.859  -4.464  1.00 41.42  ? 106 LEU A CD2   1 
ATOM   810  N N     . SER A 1 107 ? -5.932  -3.877  -1.492  1.00 38.59  ? 107 SER A N     1 
ATOM   811  C CA    . SER A 1 107 ? -5.578  -4.525  -0.224  1.00 39.57  ? 107 SER A CA    1 
ATOM   812  C C     . SER A 1 107 ? -4.846  -3.598  0.749   1.00 39.97  ? 107 SER A C     1 
ATOM   813  O O     . SER A 1 107 ? -5.135  -3.606  1.947   1.00 40.56  ? 107 SER A O     1 
ATOM   814  C CB    . SER A 1 107 ? -4.752  -5.787  -0.464  1.00 38.72  ? 107 SER A CB    1 
ATOM   815  O OG    . SER A 1 107 ? -5.472  -6.696  -1.272  1.00 39.04  ? 107 SER A OG    1 
ATOM   816  N N     . ILE A 1 108 ? -3.896  -2.811  0.240   1.00 39.54  ? 108 ILE A N     1 
ATOM   817  C CA    . ILE A 1 108 ? -3.151  -1.873  1.086   1.00 40.02  ? 108 ILE A CA    1 
ATOM   818  C C     . ILE A 1 108 ? -4.077  -0.756  1.586   1.00 40.39  ? 108 ILE A C     1 
ATOM   819  O O     . ILE A 1 108 ? -4.007  -0.363  2.752   1.00 39.92  ? 108 ILE A O     1 
ATOM   820  C CB    . ILE A 1 108 ? -1.910  -1.275  0.368   1.00 39.82  ? 108 ILE A CB    1 
ATOM   821  C CG1   . ILE A 1 108 ? -0.912  -2.377  -0.008  1.00 40.21  ? 108 ILE A CG1   1 
ATOM   822  C CG2   . ILE A 1 108 ? -1.223  -0.239  1.253   1.00 38.61  ? 108 ILE A CG2   1 
ATOM   823  C CD1   . ILE A 1 108 ? 0.105   -1.974  -1.068  1.00 39.52  ? 108 ILE A CD1   1 
ATOM   824  N N     . GLN A 1 109 ? -4.942  -0.259  0.701   1.00 39.84  ? 109 GLN A N     1 
ATOM   825  C CA    . GLN A 1 109 ? -5.976  0.705   1.074   1.00 40.13  ? 109 GLN A CA    1 
ATOM   826  C C     . GLN A 1 109 ? -6.879  0.141   2.175   1.00 40.54  ? 109 GLN A C     1 
ATOM   827  O O     . GLN A 1 109 ? -7.184  0.836   3.143   1.00 43.40  ? 109 GLN A O     1 
ATOM   828  C CB    . GLN A 1 109 ? -6.799  1.099   -0.154  1.00 40.23  ? 109 GLN A CB    1 
ATOM   829  C CG    . GLN A 1 109 ? -7.734  2.284   0.047   1.00 39.32  ? 109 GLN A CG    1 
ATOM   830  C CD    . GLN A 1 109 ? -8.586  2.545   -1.179  1.00 39.51  ? 109 GLN A CD    1 
ATOM   831  O OE1   . GLN A 1 109 ? -9.207  1.632   -1.724  1.00 40.58  ? 109 GLN A OE1   1 
ATOM   832  N NE2   . GLN A 1 109 ? -8.615  3.795   -1.627  1.00 40.57  ? 109 GLN A NE2   1 
ATOM   833  N N     . ALA A 1 110 ? -7.274  -1.125  2.037   1.00 40.46  ? 110 ALA A N     1 
ATOM   834  C CA    . ALA A 1 110 ? -8.092  -1.815  3.045   1.00 41.32  ? 110 ALA A CA    1 
ATOM   835  C C     . ALA A 1 110 ? -7.364  -1.963  4.376   1.00 42.99  ? 110 ALA A C     1 
ATOM   836  O O     . ALA A 1 110 ? -7.978  -1.869  5.443   1.00 44.15  ? 110 ALA A O     1 
ATOM   837  C CB    . ALA A 1 110 ? -8.540  -3.177  2.535   1.00 40.13  ? 110 ALA A CB    1 
ATOM   838  N N     . LEU A 1 111 ? -6.056  -2.193  4.298   1.00 43.70  ? 111 LEU A N     1 
ATOM   839  C CA    . LEU A 1 111 ? -5.183  -2.290  5.466   1.00 44.50  ? 111 LEU A CA    1 
ATOM   840  C C     . LEU A 1 111 ? -5.169  -0.991  6.283   1.00 46.74  ? 111 LEU A C     1 
ATOM   841  O O     . LEU A 1 111 ? -5.179  -1.020  7.521   1.00 46.60  ? 111 LEU A O     1 
ATOM   842  C CB    . LEU A 1 111 ? -3.770  -2.613  4.995   1.00 45.55  ? 111 LEU A CB    1 
ATOM   843  C CG    . LEU A 1 111 ? -2.909  -3.621  5.740   1.00 46.37  ? 111 LEU A CG    1 
ATOM   844  C CD1   . LEU A 1 111 ? -3.535  -5.004  5.690   1.00 46.22  ? 111 LEU A CD1   1 
ATOM   845  C CD2   . LEU A 1 111 ? -1.526  -3.638  5.110   1.00 45.78  ? 111 LEU A CD2   1 
ATOM   846  N N     . LEU A 1 112 ? -5.150  0.147   5.590   1.00 46.47  ? 112 LEU A N     1 
ATOM   847  C CA    . LEU A 1 112 ? -5.211  1.445   6.250   1.00 48.38  ? 112 LEU A CA    1 
ATOM   848  C C     . LEU A 1 112 ? -6.597  1.689   6.842   1.00 52.74  ? 112 LEU A C     1 
ATOM   849  O O     . LEU A 1 112 ? -6.722  2.267   7.927   1.00 53.72  ? 112 LEU A O     1 
ATOM   850  C CB    . LEU A 1 112 ? -4.856  2.571   5.276   1.00 47.53  ? 112 LEU A CB    1 
ATOM   851  C CG    . LEU A 1 112 ? -3.467  2.600   4.630   1.00 45.74  ? 112 LEU A CG    1 
ATOM   852  C CD1   . LEU A 1 112 ? -3.339  3.815   3.728   1.00 44.52  ? 112 LEU A CD1   1 
ATOM   853  C CD2   . LEU A 1 112 ? -2.371  2.595   5.681   1.00 45.40  ? 112 LEU A CD2   1 
ATOM   854  N N     . ALA A 1 113 ? -7.629  1.244   6.122   1.00 53.62  ? 113 ALA A N     1 
ATOM   855  C CA    . ALA A 1 113 ? -9.012  1.365   6.576   1.00 55.45  ? 113 ALA A CA    1 
ATOM   856  C C     . ALA A 1 113 ? -9.250  0.598   7.877   1.00 56.55  ? 113 ALA A C     1 
ATOM   857  O O     . ALA A 1 113 ? -9.898  1.105   8.791   1.00 58.79  ? 113 ALA A O     1 
ATOM   858  C CB    . ALA A 1 113 ? -9.975  0.896   5.494   1.00 52.32  ? 113 ALA A CB    1 
ATOM   859  N N     . SER A 1 114 ? -8.704  -0.614  7.958   1.00 57.82  ? 114 SER A N     1 
ATOM   860  C CA    . SER A 1 114 ? -8.945  -1.504  9.091   1.00 59.39  ? 114 SER A CA    1 
ATOM   861  C C     . SER A 1 114 ? -7.633  -2.036  9.683   1.00 59.92  ? 114 SER A C     1 
ATOM   862  O O     . SER A 1 114 ? -7.237  -3.174  9.399   1.00 56.83  ? 114 SER A O     1 
ATOM   863  C CB    . SER A 1 114 ? -9.847  -2.671  8.668   1.00 62.23  ? 114 SER A CB    1 
ATOM   864  O OG    . SER A 1 114 ? -10.828 -2.263  7.724   1.00 65.93  ? 114 SER A OG    1 
ATOM   865  N N     . PRO A 1 115 ? -6.949  -1.209  10.500  1.00 61.69  ? 115 PRO A N     1 
ATOM   866  C CA    . PRO A 1 115 ? -5.729  -1.663  11.173  1.00 64.12  ? 115 PRO A CA    1 
ATOM   867  C C     . PRO A 1 115 ? -6.037  -2.721  12.232  1.00 69.25  ? 115 PRO A C     1 
ATOM   868  O O     . PRO A 1 115 ? -6.548  -2.407  13.314  1.00 70.65  ? 115 PRO A O     1 
ATOM   869  C CB    . PRO A 1 115 ? -5.170  -0.382  11.807  1.00 62.74  ? 115 PRO A CB    1 
ATOM   870  C CG    . PRO A 1 115 ? -6.331  0.548   11.902  1.00 61.63  ? 115 PRO A CG    1 
ATOM   871  C CD    . PRO A 1 115 ? -7.211  0.230   10.731  1.00 60.83  ? 115 PRO A CD    1 
ATOM   872  N N     . ASN A 1 116 ? -5.737  -3.974  11.902  1.00 74.02  ? 116 ASN A N     1 
ATOM   873  C CA    . ASN A 1 116 ? -6.033  -5.093  12.784  1.00 77.29  ? 116 ASN A CA    1 
ATOM   874  C C     . ASN A 1 116 ? -4.795  -5.931  13.082  1.00 80.41  ? 116 ASN A C     1 
ATOM   875  O O     . ASN A 1 116 ? -4.131  -6.411  12.161  1.00 82.93  ? 116 ASN A O     1 
ATOM   876  C CB    . ASN A 1 116 ? -7.137  -5.968  12.187  1.00 77.21  ? 116 ASN A CB    1 
ATOM   877  N N     . PRO A 1 117 ? -4.468  -6.090  14.374  1.00 82.78  ? 117 PRO A N     1 
ATOM   878  C CA    . PRO A 1 117 ? -3.394  -6.994  14.802  1.00 86.37  ? 117 PRO A CA    1 
ATOM   879  C C     . PRO A 1 117 ? -3.833  -8.467  14.754  1.00 90.06  ? 117 PRO A C     1 
ATOM   880  O O     . PRO A 1 117 ? -4.936  -8.765  14.276  1.00 91.95  ? 117 PRO A O     1 
ATOM   881  C CB    . PRO A 1 117 ? -3.117  -6.554  16.254  1.00 85.40  ? 117 PRO A CB    1 
ATOM   882  C CG    . PRO A 1 117 ? -3.739  -5.191  16.372  1.00 83.55  ? 117 PRO A CG    1 
ATOM   883  C CD    . PRO A 1 117 ? -4.941  -5.245  15.484  1.00 82.60  ? 117 PRO A CD    1 
ATOM   884  N N     . ASN A 1 118 ? -2.962  -9.362  15.234  1.00 88.99  ? 118 ASN A N     1 
ATOM   885  C CA    . ASN A 1 118 ? -3.198  -10.817 15.326  1.00 89.17  ? 118 ASN A CA    1 
ATOM   886  C C     . ASN A 1 118 ? -1.963  -11.627 14.933  1.00 87.66  ? 118 ASN A C     1 
ATOM   887  O O     . ASN A 1 118 ? -0.863  -11.378 15.426  1.00 85.59  ? 118 ASN A O     1 
ATOM   888  C CB    . ASN A 1 118 ? -4.409  -11.279 14.503  1.00 87.49  ? 118 ASN A CB    1 
ATOM   889  N N     . ASN A 1 123 ? 5.701   -8.886  16.382  1.00 86.52  ? 123 ASN A N     1 
ATOM   890  C CA    . ASN A 1 123 ? 5.412   -7.479  16.135  1.00 87.20  ? 123 ASN A CA    1 
ATOM   891  C C     . ASN A 1 123 ? 5.134   -6.724  17.436  1.00 89.52  ? 123 ASN A C     1 
ATOM   892  O O     . ASN A 1 123 ? 4.312   -7.158  18.246  1.00 90.30  ? 123 ASN A O     1 
ATOM   893  C CB    . ASN A 1 123 ? 4.232   -7.348  15.165  1.00 88.99  ? 123 ASN A CB    1 
ATOM   894  C CG    . ASN A 1 123 ? 4.077   -5.941  14.609  1.00 89.38  ? 123 ASN A CG    1 
ATOM   895  O OD1   . ASN A 1 123 ? 4.055   -4.961  15.354  1.00 86.06  ? 123 ASN A OD1   1 
ATOM   896  N ND2   . ASN A 1 123 ? 3.953   -5.837  13.289  1.00 89.25  ? 123 ASN A ND2   1 
ATOM   897  N N     . ASP A 1 124 ? 5.814   -5.593  17.622  1.00 91.38  ? 124 ASP A N     1 
ATOM   898  C CA    . ASP A 1 124 ? 5.704   -4.800  18.854  1.00 94.12  ? 124 ASP A CA    1 
ATOM   899  C C     . ASP A 1 124 ? 4.724   -3.621  18.802  1.00 93.09  ? 124 ASP A C     1 
ATOM   900  O O     . ASP A 1 124 ? 4.278   -3.144  19.848  1.00 95.02  ? 124 ASP A O     1 
ATOM   901  C CB    . ASP A 1 124 ? 7.084   -4.326  19.328  1.00 101.34 ? 124 ASP A CB    1 
ATOM   902  C CG    . ASP A 1 124 ? 7.726   -5.283  20.328  1.00 105.43 ? 124 ASP A CG    1 
ATOM   903  O OD1   . ASP A 1 124 ? 8.970   -5.407  20.312  1.00 107.16 ? 124 ASP A OD1   1 
ATOM   904  O OD2   . ASP A 1 124 ? 6.996   -5.907  21.133  1.00 106.52 ? 124 ASP A OD2   1 
ATOM   905  N N     . VAL A 1 125 ? 4.404   -3.138  17.604  1.00 92.37  ? 125 VAL A N     1 
ATOM   906  C CA    . VAL A 1 125 ? 3.335   -2.139  17.457  1.00 92.05  ? 125 VAL A CA    1 
ATOM   907  C C     . VAL A 1 125 ? 1.958   -2.807  17.621  1.00 91.91  ? 125 VAL A C     1 
ATOM   908  O O     . VAL A 1 125 ? 1.043   -2.219  18.200  1.00 92.79  ? 125 VAL A O     1 
ATOM   909  C CB    . VAL A 1 125 ? 3.464   -1.276  16.163  1.00 89.97  ? 125 VAL A CB    1 
ATOM   910  C CG1   . VAL A 1 125 ? 3.919   -2.099  14.968  1.00 91.65  ? 125 VAL A CG1   1 
ATOM   911  C CG2   . VAL A 1 125 ? 2.170   -0.532  15.846  1.00 87.19  ? 125 VAL A CG2   1 
ATOM   912  N N     . ALA A 1 126 ? 1.840   -4.048  17.144  1.00 90.33  ? 126 ALA A N     1 
ATOM   913  C CA    . ALA A 1 126 ? 0.636   -4.863  17.339  1.00 90.05  ? 126 ALA A CA    1 
ATOM   914  C C     . ALA A 1 126 ? 0.448   -5.263  18.805  1.00 93.64  ? 126 ALA A C     1 
ATOM   915  O O     . ALA A 1 126 ? -0.666  -5.583  19.231  1.00 93.13  ? 126 ALA A O     1 
ATOM   916  C CB    . ALA A 1 126 ? 0.684   -6.099  16.454  1.00 89.61  ? 126 ALA A CB    1 
ATOM   917  N N     . GLU A 1 127 ? 1.547   -5.256  19.558  1.00 96.43  ? 127 GLU A N     1 
ATOM   918  C CA    . GLU A 1 127 ? 1.523   -5.450  21.004  1.00 95.61  ? 127 GLU A CA    1 
ATOM   919  C C     . GLU A 1 127 ? 0.775   -4.283  21.646  1.00 93.15  ? 127 GLU A C     1 
ATOM   920  O O     . GLU A 1 127 ? -0.100  -4.485  22.490  1.00 93.49  ? 127 GLU A O     1 
ATOM   921  C CB    . GLU A 1 127 ? 2.952   -5.505  21.548  1.00 102.30 ? 127 GLU A CB    1 
ATOM   922  C CG    . GLU A 1 127 ? 3.112   -6.204  22.890  1.00 109.01 ? 127 GLU A CG    1 
ATOM   923  C CD    . GLU A 1 127 ? 3.643   -7.623  22.760  1.00 113.21 ? 127 GLU A CD    1 
ATOM   924  O OE1   . GLU A 1 127 ? 4.391   -7.904  21.796  1.00 113.86 ? 127 GLU A OE1   1 
ATOM   925  O OE2   . GLU A 1 127 ? 3.323   -8.459  23.634  1.00 113.35 ? 127 GLU A OE2   1 
ATOM   926  N N     . ASP A 1 128 ? 1.127   -3.070  21.220  1.00 88.01  ? 128 ASP A N     1 
ATOM   927  C CA    . ASP A 1 128 ? 0.529   -1.831  21.715  1.00 88.04  ? 128 ASP A CA    1 
ATOM   928  C C     . ASP A 1 128 ? -0.947  -1.692  21.325  1.00 89.82  ? 128 ASP A C     1 
ATOM   929  O O     . ASP A 1 128 ? -1.734  -1.076  22.047  1.00 91.38  ? 128 ASP A O     1 
ATOM   930  C CB    . ASP A 1 128 ? 1.333   -0.632  21.198  1.00 89.59  ? 128 ASP A CB    1 
ATOM   931  C CG    . ASP A 1 128 ? 0.817   0.707   21.714  1.00 89.50  ? 128 ASP A CG    1 
ATOM   932  O OD1   . ASP A 1 128 ? 0.238   0.757   22.821  1.00 91.23  ? 128 ASP A OD1   1 
ATOM   933  O OD2   . ASP A 1 128 ? 1.006   1.719   21.007  1.00 87.50  ? 128 ASP A OD2   1 
ATOM   934  N N     . TRP A 1 129 ? -1.317  -2.269  20.186  1.00 88.93  ? 129 TRP A N     1 
ATOM   935  C CA    . TRP A 1 129 ? -2.694  -2.212  19.702  1.00 88.90  ? 129 TRP A CA    1 
ATOM   936  C C     . TRP A 1 129 ? -3.613  -3.179  20.408  1.00 91.00  ? 129 TRP A C     1 
ATOM   937  O O     . TRP A 1 129 ? -4.835  -3.079  20.287  1.00 89.18  ? 129 TRP A O     1 
ATOM   938  C CB    . TRP A 1 129 ? -2.732  -2.447  18.197  1.00 86.75  ? 129 TRP A CB    1 
ATOM   939  C CG    . TRP A 1 129 ? -2.447  -1.216  17.366  1.00 84.35  ? 129 TRP A CG    1 
ATOM   940  C CD1   . TRP A 1 129 ? -1.221  -0.587  17.164  1.00 84.04  ? 129 TRP A CD1   1 
ATOM   941  C CD2   . TRP A 1 129 ? -3.408  -0.429  16.580  1.00 81.05  ? 129 TRP A CD2   1 
ATOM   942  N NE1   . TRP A 1 129 ? -1.354  0.501   16.338  1.00 81.41  ? 129 TRP A NE1   1 
ATOM   943  C CE2   . TRP A 1 129 ? -2.636  0.654   15.953  1.00 80.11  ? 129 TRP A CE2   1 
ATOM   944  C CE3   . TRP A 1 129 ? -4.776  -0.508  16.344  1.00 79.28  ? 129 TRP A CE3   1 
ATOM   945  C CZ2   . TRP A 1 129 ? -3.229  1.601   15.135  1.00 79.32  ? 129 TRP A CZ2   1 
ATOM   946  C CZ3   . TRP A 1 129 ? -5.361  0.450   15.510  1.00 80.65  ? 129 TRP A CZ3   1 
ATOM   947  C CH2   . TRP A 1 129 ? -4.605  1.481   14.923  1.00 80.40  ? 129 TRP A CH2   1 
ATOM   948  N N     . ILE A 1 130 ? -3.035  -4.130  21.139  1.00 94.90  ? 130 ILE A N     1 
ATOM   949  C CA    . ILE A 1 130 ? -3.817  -5.110  21.901  1.00 98.19  ? 130 ILE A CA    1 
ATOM   950  C C     . ILE A 1 130 ? -3.804  -4.784  23.404  1.00 100.37 ? 130 ILE A C     1 
ATOM   951  O O     . ILE A 1 130 ? -4.731  -5.160  24.138  1.00 102.23 ? 130 ILE A O     1 
ATOM   952  C CB    . ILE A 1 130 ? -3.357  -6.567  21.600  1.00 99.64  ? 130 ILE A CB    1 
ATOM   953  C CG1   . ILE A 1 130 ? -3.829  -6.991  20.195  1.00 99.61  ? 130 ILE A CG1   1 
ATOM   954  C CG2   . ILE A 1 130 ? -3.881  -7.550  22.645  1.00 98.84  ? 130 ILE A CG2   1 
ATOM   955  C CD1   . ILE A 1 130 ? -3.198  -8.264  19.657  1.00 97.08  ? 130 ILE A CD1   1 
ATOM   956  N N     . LYS A 1 131 ? -2.765  -4.065  23.846  1.00 101.96 ? 131 LYS A N     1 
ATOM   957  C CA    . LYS A 1 131 ? -2.681  -3.585  25.227  1.00 100.78 ? 131 LYS A CA    1 
ATOM   958  C C     . LYS A 1 131 ? -2.725  -2.056  25.256  1.00 101.52 ? 131 LYS A C     1 
ATOM   959  O O     . LYS A 1 131 ? -1.717  -1.392  24.996  1.00 100.45 ? 131 LYS A O     1 
ATOM   960  C CB    . LYS A 1 131 ? -1.410  -4.105  25.907  1.00 98.91  ? 131 LYS A CB    1 
ATOM   961  N N     . ASN A 1 132 ? -3.901  -1.512  25.581  1.00 103.61 ? 132 ASN A N     1 
ATOM   962  C CA    . ASN A 1 132 ? -4.174  -0.069  25.514  1.00 106.21 ? 132 ASN A CA    1 
ATOM   963  C C     . ASN A 1 132 ? -4.164  0.427   24.065  1.00 104.58 ? 132 ASN A C     1 
ATOM   964  O O     . ASN A 1 132 ? -3.244  1.139   23.634  1.00 104.13 ? 132 ASN A O     1 
ATOM   965  C CB    . ASN A 1 132 ? -3.220  0.740   26.415  1.00 107.65 ? 132 ASN A CB    1 
ATOM   966  C CG    . ASN A 1 132 ? -3.454  2.246   26.333  1.00 109.36 ? 132 ASN A CG    1 
ATOM   967  O OD1   . ASN A 1 132 ? -4.551  2.707   25.990  1.00 107.24 ? 132 ASN A OD1   1 
ATOM   968  N ND2   . ASN A 1 132 ? -2.413  3.021   26.652  1.00 109.28 ? 132 ASN A ND2   1 
ATOM   969  N N     . GLU A 1 133 ? -5.205  0.039   23.323  1.00 102.37 ? 133 GLU A N     1 
ATOM   970  C CA    . GLU A 1 133 ? -5.289  0.358   21.902  1.00 102.93 ? 133 GLU A CA    1 
ATOM   971  C C     . GLU A 1 133 ? -5.702  1.805   21.637  1.00 102.97 ? 133 GLU A C     1 
ATOM   972  O O     . GLU A 1 133 ? -5.203  2.426   20.692  1.00 105.89 ? 133 GLU A O     1 
ATOM   973  C CB    . GLU A 1 133 ? -6.200  -0.635  21.160  1.00 104.37 ? 133 GLU A CB    1 
ATOM   974  C CG    . GLU A 1 133 ? -7.700  -0.475  21.377  1.00 105.68 ? 133 GLU A CG    1 
ATOM   975  C CD    . GLU A 1 133 ? -8.364  0.352   20.284  1.00 108.47 ? 133 GLU A CD    1 
ATOM   976  O OE1   . GLU A 1 133 ? -9.261  -0.180  19.588  1.00 110.86 ? 133 GLU A OE1   1 
ATOM   977  O OE2   . GLU A 1 133 ? -7.988  1.532   20.104  1.00 107.21 ? 133 GLU A OE2   1 
ATOM   978  N N     . GLN A 1 134 ? -6.606  2.342   22.464  1.00 102.62 ? 134 GLN A N     1 
ATOM   979  C CA    . GLN A 1 134 ? -7.131  3.696   22.250  1.00 102.81 ? 134 GLN A CA    1 
ATOM   980  C C     . GLN A 1 134 ? -6.021  4.752   22.224  1.00 101.15 ? 134 GLN A C     1 
ATOM   981  O O     . GLN A 1 134 ? -6.209  5.845   21.685  1.00 102.52 ? 134 GLN A O     1 
ATOM   982  C CB    . GLN A 1 134 ? -8.227  4.051   23.265  1.00 104.91 ? 134 GLN A CB    1 
ATOM   983  C CG    . GLN A 1 134 ? -7.742  4.347   24.680  1.00 108.98 ? 134 GLN A CG    1 
ATOM   984  C CD    . GLN A 1 134 ? -8.626  5.348   25.408  1.00 109.91 ? 134 GLN A CD    1 
ATOM   985  O OE1   . GLN A 1 134 ? -8.132  6.302   26.009  1.00 108.77 ? 134 GLN A OE1   1 
ATOM   986  N NE2   . GLN A 1 134 ? -9.940  5.140   25.349  1.00 109.50 ? 134 GLN A NE2   1 
ATOM   987  N N     . GLY A 1 135 ? -4.870  4.408   22.801  1.00 98.12  ? 135 GLY A N     1 
ATOM   988  C CA    . GLY A 1 135 ? -3.680  5.255   22.759  1.00 97.08  ? 135 GLY A CA    1 
ATOM   989  C C     . GLY A 1 135 ? -2.905  5.103   21.460  1.00 96.59  ? 135 GLY A C     1 
ATOM   990  O O     . GLY A 1 135 ? -2.355  6.078   20.938  1.00 96.70  ? 135 GLY A O     1 
ATOM   991  N N     . ALA A 1 136 ? -2.860  3.875   20.942  1.00 92.64  ? 136 ALA A N     1 
ATOM   992  C CA    . ALA A 1 136 ? -2.195  3.573   19.672  1.00 88.81  ? 136 ALA A CA    1 
ATOM   993  C C     . ALA A 1 136 ? -2.885  4.271   18.497  1.00 86.21  ? 136 ALA A C     1 
ATOM   994  O O     . ALA A 1 136 ? -2.232  4.955   17.706  1.00 83.27  ? 136 ALA A O     1 
ATOM   995  C CB    . ALA A 1 136 ? -2.132  2.069   19.448  1.00 87.62  ? 136 ALA A CB    1 
ATOM   996  N N     . LYS A 1 137 ? -4.206  4.101   18.398  1.00 83.79  ? 137 LYS A N     1 
ATOM   997  C CA    . LYS A 1 137 ? -5.024  4.807   17.405  1.00 81.74  ? 137 LYS A CA    1 
ATOM   998  C C     . LYS A 1 137 ? -4.798  6.318   17.450  1.00 80.93  ? 137 LYS A C     1 
ATOM   999  O O     . LYS A 1 137 ? -4.829  6.986   16.418  1.00 80.49  ? 137 LYS A O     1 
ATOM   1000 C CB    . LYS A 1 137 ? -6.511  4.487   17.599  1.00 81.83  ? 137 LYS A CB    1 
ATOM   1001 C CG    . LYS A 1 137 ? -6.986  3.233   16.876  1.00 82.47  ? 137 LYS A CG    1 
ATOM   1002 C CD    . LYS A 1 137 ? -8.389  2.789   17.283  1.00 84.51  ? 137 LYS A CD    1 
ATOM   1003 C CE    . LYS A 1 137 ? -9.473  3.777   16.866  1.00 86.17  ? 137 LYS A CE    1 
ATOM   1004 N NZ    . LYS A 1 137 ? -9.549  3.969   15.391  1.00 86.38  ? 137 LYS A NZ    1 
ATOM   1005 N N     . ALA A 1 138 ? -4.565  6.841   18.654  1.00 84.22  ? 138 ALA A N     1 
ATOM   1006 C CA    . ALA A 1 138 ? -4.267  8.257   18.864  1.00 83.50  ? 138 ALA A CA    1 
ATOM   1007 C C     . ALA A 1 138 ? -2.875  8.632   18.349  1.00 82.22  ? 138 ALA A C     1 
ATOM   1008 O O     . ALA A 1 138 ? -2.678  9.734   17.827  1.00 81.52  ? 138 ALA A O     1 
ATOM   1009 C CB    . ALA A 1 138 ? -4.408  8.615   20.338  1.00 82.87  ? 138 ALA A CB    1 
ATOM   1010 N N     . LYS A 1 139 ? -1.920  7.713   18.503  1.00 79.67  ? 139 LYS A N     1 
ATOM   1011 C CA    . LYS A 1 139 ? -0.550  7.916   18.030  1.00 77.79  ? 139 LYS A CA    1 
ATOM   1012 C C     . LYS A 1 139 ? -0.483  7.891   16.500  1.00 77.98  ? 139 LYS A C     1 
ATOM   1013 O O     . LYS A 1 139 ? 0.248   8.679   15.893  1.00 77.59  ? 139 LYS A O     1 
ATOM   1014 C CB    . LYS A 1 139 ? 0.388   6.861   18.625  1.00 77.12  ? 139 LYS A CB    1 
ATOM   1015 C CG    . LYS A 1 139 ? 1.867   7.171   18.459  1.00 77.28  ? 139 LYS A CG    1 
ATOM   1016 C CD    . LYS A 1 139 ? 2.724   6.036   18.990  1.00 79.96  ? 139 LYS A CD    1 
ATOM   1017 C CE    . LYS A 1 139 ? 4.169   6.475   19.175  1.00 81.33  ? 139 LYS A CE    1 
ATOM   1018 N NZ    . LYS A 1 139 ? 4.944   5.483   19.971  1.00 80.74  ? 139 LYS A NZ    1 
ATOM   1019 N N     . ALA A 1 140 ? -1.253  6.988   15.892  1.00 75.81  ? 140 ALA A N     1 
ATOM   1020 C CA    . ALA A 1 140 ? -1.351  6.887   14.435  1.00 74.81  ? 140 ALA A CA    1 
ATOM   1021 C C     . ALA A 1 140 ? -1.852  8.189   13.814  1.00 74.75  ? 140 ALA A C     1 
ATOM   1022 O O     . ALA A 1 140 ? -1.344  8.618   12.776  1.00 75.26  ? 140 ALA A O     1 
ATOM   1023 C CB    . ALA A 1 140 ? -2.247  5.720   14.036  1.00 73.24  ? 140 ALA A CB    1 
ATOM   1024 N N     . ARG A 1 141 ? -2.835  8.811   14.467  1.00 76.80  ? 141 ARG A N     1 
ATOM   1025 C CA    . ARG A 1 141 ? -3.389  10.103  14.047  1.00 77.86  ? 141 ARG A CA    1 
ATOM   1026 C C     . ARG A 1 141 ? -2.359  11.229  14.149  1.00 78.28  ? 141 ARG A C     1 
ATOM   1027 O O     . ARG A 1 141 ? -2.306  12.104  13.279  1.00 79.29  ? 141 ARG A O     1 
ATOM   1028 C CB    . ARG A 1 141 ? -4.637  10.442  14.870  1.00 82.45  ? 141 ARG A CB    1 
ATOM   1029 C CG    . ARG A 1 141 ? -5.424  11.648  14.369  1.00 86.56  ? 141 ARG A CG    1 
ATOM   1030 C CD    . ARG A 1 141 ? -6.771  11.778  15.069  1.00 91.24  ? 141 ARG A CD    1 
ATOM   1031 N NE    . ARG A 1 141 ? -7.801  10.908  14.493  1.00 94.13  ? 141 ARG A NE    1 
ATOM   1032 C CZ    . ARG A 1 141 ? -8.187  9.736   15.003  1.00 95.52  ? 141 ARG A CZ    1 
ATOM   1033 N NH1   . ARG A 1 141 ? -9.135  9.033   14.394  1.00 93.59  ? 141 ARG A NH1   1 
ATOM   1034 N NH2   . ARG A 1 141 ? -7.635  9.261   16.115  1.00 95.58  ? 141 ARG A NH2   1 
ATOM   1035 N N     . GLU A 1 142 ? -1.546  11.194  15.209  1.00 77.35  ? 142 GLU A N     1 
ATOM   1036 C CA    . GLU A 1 142 ? -0.486  12.180  15.425  1.00 74.92  ? 142 GLU A CA    1 
ATOM   1037 C C     . GLU A 1 142 ? 0.586   12.100  14.339  1.00 75.21  ? 142 GLU A C     1 
ATOM   1038 O O     . GLU A 1 142 ? 1.002   13.128  13.794  1.00 76.36  ? 142 GLU A O     1 
ATOM   1039 C CB    . GLU A 1 142 ? 0.139   12.006  16.813  1.00 74.04  ? 142 GLU A CB    1 
ATOM   1040 N N     . TRP A 1 143 ? 1.014   10.875  14.023  1.00 74.20  ? 143 TRP A N     1 
ATOM   1041 C CA    . TRP A 1 143 ? 2.008   10.615  12.968  1.00 73.57  ? 143 TRP A CA    1 
ATOM   1042 C C     . TRP A 1 143 ? 1.539   11.013  11.592  1.00 71.39  ? 143 TRP A C     1 
ATOM   1043 O O     . TRP A 1 143 ? 2.336   11.457  10.763  1.00 68.14  ? 143 TRP A O     1 
ATOM   1044 C CB    . TRP A 1 143 ? 2.417   9.146   12.976  1.00 74.35  ? 143 TRP A CB    1 
ATOM   1045 C CG    . TRP A 1 143 ? 3.405   8.778   14.061  1.00 76.68  ? 143 TRP A CG    1 
ATOM   1046 C CD1   . TRP A 1 143 ? 3.518   9.329   15.338  1.00 77.09  ? 143 TRP A CD1   1 
ATOM   1047 C CD2   . TRP A 1 143 ? 4.443   7.736   14.007  1.00 76.89  ? 143 TRP A CD2   1 
ATOM   1048 N NE1   . TRP A 1 143 ? 4.529   8.726   16.045  1.00 76.51  ? 143 TRP A NE1   1 
ATOM   1049 C CE2   . TRP A 1 143 ? 5.122   7.764   15.310  1.00 75.61  ? 143 TRP A CE2   1 
ATOM   1050 C CE3   . TRP A 1 143 ? 4.864   6.820   13.046  1.00 76.05  ? 143 TRP A CE3   1 
ATOM   1051 C CZ2   . TRP A 1 143 ? 6.171   6.907   15.612  1.00 75.24  ? 143 TRP A CZ2   1 
ATOM   1052 C CZ3   . TRP A 1 143 ? 5.924   5.959   13.364  1.00 74.82  ? 143 TRP A CZ3   1 
ATOM   1053 C CH2   . TRP A 1 143 ? 6.559   6.004   14.616  1.00 74.00  ? 143 TRP A CH2   1 
ATOM   1054 N N     . THR A 1 144 ? 0.241   10.850  11.337  1.00 70.17  ? 144 THR A N     1 
ATOM   1055 C CA    . THR A 1 144 ? -0.381  11.305  10.095  1.00 70.93  ? 144 THR A CA    1 
ATOM   1056 C C     . THR A 1 144 ? -0.201  12.813  9.925   1.00 73.10  ? 144 THR A C     1 
ATOM   1057 O O     . THR A 1 144 ? 0.117   13.284  8.832   1.00 74.47  ? 144 THR A O     1 
ATOM   1058 C CB    . THR A 1 144 ? -1.885  10.960  10.046  1.00 69.86  ? 144 THR A CB    1 
ATOM   1059 O OG1   . THR A 1 144 ? -2.090  9.604   10.465  1.00 68.24  ? 144 THR A OG1   1 
ATOM   1060 C CG2   . THR A 1 144 ? -2.435  11.137  8.641   1.00 67.15  ? 144 THR A CG2   1 
ATOM   1061 N N     . LYS A 1 145 ? -0.402  13.562  11.012  1.00 75.00  ? 145 LYS A N     1 
ATOM   1062 C CA    . LYS A 1 145 ? -0.203  15.012  11.005  1.00 75.54  ? 145 LYS A CA    1 
ATOM   1063 C C     . LYS A 1 145 ? 1.267   15.377  10.782  1.00 76.13  ? 145 LYS A C     1 
ATOM   1064 O O     . LYS A 1 145 ? 1.575   16.296  10.018  1.00 75.56  ? 145 LYS A O     1 
ATOM   1065 C CB    . LYS A 1 145 ? -0.720  15.639  12.304  1.00 75.51  ? 145 LYS A CB    1 
ATOM   1066 N N     . LEU A 1 146 ? 2.162   14.635  11.433  1.00 76.54  ? 146 LEU A N     1 
ATOM   1067 C CA    . LEU A 1 146 ? 3.601   14.904  11.369  1.00 76.73  ? 146 LEU A CA    1 
ATOM   1068 C C     . LEU A 1 146 ? 4.264   14.496  10.055  1.00 77.10  ? 146 LEU A C     1 
ATOM   1069 O O     . LEU A 1 146 ? 5.049   15.259  9.492   1.00 77.84  ? 146 LEU A O     1 
ATOM   1070 C CB    . LEU A 1 146 ? 4.330   14.237  12.543  1.00 77.86  ? 146 LEU A CB    1 
ATOM   1071 C CG    . LEU A 1 146 ? 4.175   14.853  13.941  1.00 81.25  ? 146 LEU A CG    1 
ATOM   1072 C CD1   . LEU A 1 146 ? 4.693   13.897  15.008  1.00 81.01  ? 146 LEU A CD1   1 
ATOM   1073 C CD2   . LEU A 1 146 ? 4.866   16.209  14.047  1.00 79.21  ? 146 LEU A CD2   1 
ATOM   1074 N N     . TYR A 1 147 ? 3.945   13.299  9.568   1.00 77.78  ? 147 TYR A N     1 
ATOM   1075 C CA    . TYR A 1 147 ? 4.703   12.691  8.473   1.00 76.15  ? 147 TYR A CA    1 
ATOM   1076 C C     . TYR A 1 147 ? 3.951   12.560  7.148   1.00 74.97  ? 147 TYR A C     1 
ATOM   1077 O O     . TYR A 1 147 ? 4.570   12.562  6.083   1.00 70.48  ? 147 TYR A O     1 
ATOM   1078 C CB    . TYR A 1 147 ? 5.266   11.334  8.913   1.00 76.54  ? 147 TYR A CB    1 
ATOM   1079 C CG    . TYR A 1 147 ? 6.090   11.414  10.182  1.00 77.97  ? 147 TYR A CG    1 
ATOM   1080 C CD1   . TYR A 1 147 ? 5.576   10.965  11.400  1.00 77.47  ? 147 TYR A CD1   1 
ATOM   1081 C CD2   . TYR A 1 147 ? 7.379   11.955  10.167  1.00 77.93  ? 147 TYR A CD2   1 
ATOM   1082 C CE1   . TYR A 1 147 ? 6.325   11.046  12.566  1.00 77.50  ? 147 TYR A CE1   1 
ATOM   1083 C CE2   . TYR A 1 147 ? 8.135   12.041  11.327  1.00 76.83  ? 147 TYR A CE2   1 
ATOM   1084 C CZ    . TYR A 1 147 ? 7.606   11.587  12.523  1.00 77.47  ? 147 TYR A CZ    1 
ATOM   1085 O OH    . TYR A 1 147 ? 8.357   11.670  13.673  1.00 76.53  ? 147 TYR A OH    1 
ATOM   1086 N N     . ALA A 1 148 ? 2.627   12.447  7.211   1.00 77.12  ? 148 ALA A N     1 
ATOM   1087 C CA    . ALA A 1 148 ? 1.820   12.295  6.002   1.00 81.54  ? 148 ALA A CA    1 
ATOM   1088 C C     . ALA A 1 148 ? 1.407   13.645  5.411   1.00 86.27  ? 148 ALA A C     1 
ATOM   1089 O O     . ALA A 1 148 ? 0.639   14.396  6.024   1.00 86.61  ? 148 ALA A O     1 
ATOM   1090 C CB    . ALA A 1 148 ? 0.604   11.420  6.271   1.00 78.96  ? 148 ALA A CB    1 
ATOM   1091 N N     . LYS A 1 149 ? 1.932   13.937  4.215   1.00 89.58  ? 149 LYS A N     1 
ATOM   1092 C CA    . LYS A 1 149 ? 1.623   15.165  3.475   1.00 93.24  ? 149 LYS A CA    1 
ATOM   1093 C C     . LYS A 1 149 ? 0.118   15.436  3.425   1.00 97.34  ? 149 LYS A C     1 
ATOM   1094 O O     . LYS A 1 149 ? -0.681  14.515  3.238   1.00 99.68  ? 149 LYS A O     1 
ATOM   1095 C CB    . LYS A 1 149 ? 2.196   15.093  2.055   1.00 91.08  ? 149 LYS A CB    1 
ATOM   1096 N N     . LYS A 1 150 ? -0.255  16.702  3.598   1.00 100.65 ? 150 LYS A N     1 
ATOM   1097 C CA    . LYS A 1 150 ? -1.659  17.105  3.677   1.00 104.10 ? 150 LYS A CA    1 
ATOM   1098 C C     . LYS A 1 150 ? -2.452  16.901  2.379   1.00 104.13 ? 150 LYS A C     1 
ATOM   1099 O O     . LYS A 1 150 ? -1.930  17.225  1.194   1.00 105.35 ? 150 LYS A O     1 
ATOM   1100 C CB    . LYS A 1 150 ? -1.794  18.554  4.192   1.00 108.60 ? 150 LYS A CB    1 
ATOM   1101 C CG    . LYS A 1 150 ? -1.516  19.658  3.169   1.00 112.59 ? 150 LYS A CG    1 
ATOM   1102 C CD    . LYS A 1 150 ? -0.028  19.907  2.950   1.00 113.78 ? 150 LYS A CD    1 
ATOM   1103 C CE    . LYS A 1 150 ? 0.252   20.485  1.565   1.00 112.01 ? 150 LYS A CE    1 
ATOM   1104 N NZ    . LYS A 1 150 ? -0.282  21.867  1.382   1.00 110.67 ? 150 LYS A NZ    1 
ATOM   1105 N N     . LYS A 1 151 ? -3.753  16.535  2.459   1.00 101.42 ? 151 LYS A N     1 
ATOM   1106 C CA    . LYS A 1 151 ? -4.576  16.281  1.276   1.00 99.14  ? 151 LYS A CA    1 
ATOM   1107 C C     . LYS A 1 151 ? -5.420  17.509  0.940   1.00 98.43  ? 151 LYS A C     1 
ATOM   1108 O O     . LYS A 1 151 ? -5.669  17.809  -0.229  1.00 95.01  ? 151 LYS A O     1 
ATOM   1109 C CB    . LYS A 1 151 ? -5.488  15.066  1.508   1.00 94.17  ? 151 LYS A CB    1 
HETATM 1110 C "C3'" . NHE B 2 .   ? 10.130  -2.053  -3.649  1.00 50.41  ? 201 NHE A "C3'" 1 
HETATM 1111 C "C2'" . NHE B 2 .   ? 10.778  -3.267  -2.974  1.00 52.90  ? 201 NHE A "C2'" 1 
HETATM 1112 C "C1'" . NHE B 2 .   ? 12.262  -3.098  -2.633  1.00 55.79  ? 201 NHE A "C1'" 1 
HETATM 1113 C "C6'" . NHE B 2 .   ? 12.876  -1.897  -3.356  1.00 54.26  ? 201 NHE A "C6'" 1 
HETATM 1114 N N     . NHE B 2 .   ? 12.424  -2.953  -1.196  1.00 59.49  ? 201 NHE A N     1 
HETATM 1115 C C1    . NHE B 2 .   ? 12.981  -4.035  -0.405  1.00 64.80  ? 201 NHE A C1    1 
HETATM 1116 C C2    . NHE B 2 .   ? 12.827  -3.767  1.091   1.00 72.08  ? 201 NHE A C2    1 
HETATM 1117 S S     . NHE B 2 .   ? 14.302  -3.708  1.876   1.00 77.91  ? 201 NHE A S     1 
HETATM 1118 O O1    . NHE B 2 .   ? 15.347  -3.299  0.980   1.00 78.35  ? 201 NHE A O1    1 
HETATM 1119 O O2    . NHE B 2 .   ? 14.629  -5.009  2.398   1.00 78.94  ? 201 NHE A O2    1 
HETATM 1120 O O3    . NHE B 2 .   ? 14.212  -2.631  3.104   1.00 73.48  ? 201 NHE A O3    1 
HETATM 1121 C "C5'" . NHE B 2 .   ? 12.386  -1.774  -4.802  1.00 52.66  ? 201 NHE A "C5'" 1 
HETATM 1122 C "C4'" . NHE B 2 .   ? 10.873  -1.589  -4.905  1.00 51.63  ? 201 NHE A "C4'" 1 
HETATM 1123 O O     . HOH C 3 .   ? -3.884  -3.928  -11.914 1.00 41.24  ? 301 HOH A O     1 
HETATM 1124 O O     . HOH C 3 .   ? -3.359  -10.310 1.525   1.00 53.35  ? 302 HOH A O     1 
HETATM 1125 O O     . HOH C 3 .   ? -8.150  6.050   -0.340  1.00 48.82  ? 303 HOH A O     1 
HETATM 1126 O O     . HOH C 3 .   ? 1.688   8.475   -7.976  1.00 59.05  ? 304 HOH A O     1 
HETATM 1127 O O     . HOH C 3 .   ? -5.136  -2.429  -13.866 1.00 37.23  ? 305 HOH A O     1 
HETATM 1128 O O     . HOH C 3 .   ? 3.506   -10.169 -24.142 1.00 52.87  ? 306 HOH A O     1 
HETATM 1129 O O     . HOH C 3 .   ? 7.639   9.014   -16.355 1.00 66.06  ? 307 HOH A O     1 
HETATM 1130 O O     . HOH C 3 .   ? 6.333   -5.490  1.383   1.00 37.04  ? 308 HOH A O     1 
# 
loop_
_pdbx_poly_seq_scheme.asym_id 
_pdbx_poly_seq_scheme.entity_id 
_pdbx_poly_seq_scheme.seq_id 
_pdbx_poly_seq_scheme.mon_id 
_pdbx_poly_seq_scheme.ndb_seq_num 
_pdbx_poly_seq_scheme.pdb_seq_num 
_pdbx_poly_seq_scheme.auth_seq_num 
_pdbx_poly_seq_scheme.pdb_mon_id 
_pdbx_poly_seq_scheme.auth_mon_id 
_pdbx_poly_seq_scheme.pdb_strand_id 
_pdbx_poly_seq_scheme.pdb_ins_code 
_pdbx_poly_seq_scheme.hetero 
A 1 1   MET 1   1   ?   ?   ?   A . n 
A 1 2   ALA 2   2   ?   ?   ?   A . n 
A 1 3   SER 3   3   3   SER SER A . n 
A 1 4   LEU 4   4   4   LEU LEU A . n 
A 1 5   PRO 5   5   5   PRO PRO A . n 
A 1 6   LYS 6   6   6   LYS LYS A . n 
A 1 7   ARG 7   7   7   ARG ARG A . n 
A 1 8   ILE 8   8   8   ILE ILE A . n 
A 1 9   ILE 9   9   9   ILE ILE A . n 
A 1 10  LYS 10  10  10  LYS LYS A . n 
A 1 11  GLU 11  11  11  GLU GLU A . n 
A 1 12  THR 12  12  12  THR THR A . n 
A 1 13  GLU 13  13  13  GLU GLU A . n 
A 1 14  LYS 14  14  14  LYS LYS A . n 
A 1 15  LEU 15  15  15  LEU LEU A . n 
A 1 16  VAL 16  16  16  VAL VAL A . n 
A 1 17  SER 17  17  17  SER SER A . n 
A 1 18  ASP 18  18  18  ASP ASP A . n 
A 1 19  PRO 19  19  19  PRO PRO A . n 
A 1 20  VAL 20  20  20  VAL VAL A . n 
A 1 21  PRO 21  21  21  PRO PRO A . n 
A 1 22  GLY 22  22  22  GLY GLY A . n 
A 1 23  ILE 23  23  23  ILE ILE A . n 
A 1 24  THR 24  24  24  THR THR A . n 
A 1 25  ALA 25  25  25  ALA ALA A . n 
A 1 26  GLU 26  26  26  GLU GLU A . n 
A 1 27  PRO 27  27  27  PRO PRO A . n 
A 1 28  HIS 28  28  28  HIS HIS A . n 
A 1 29  ASP 29  29  29  ASP ASP A . n 
A 1 30  ASP 30  30  30  ASP ASP A . n 
A 1 31  ASN 31  31  31  ASN ASN A . n 
A 1 32  LEU 32  32  32  LEU LEU A . n 
A 1 33  ARG 33  33  33  ARG ARG A . n 
A 1 34  TYR 34  34  34  TYR TYR A . n 
A 1 35  PHE 35  35  35  PHE PHE A . n 
A 1 36  GLN 36  36  36  GLN GLN A . n 
A 1 37  VAL 37  37  37  VAL VAL A . n 
A 1 38  THR 38  38  38  THR THR A . n 
A 1 39  ILE 39  39  39  ILE ILE A . n 
A 1 40  GLU 40  40  40  GLU GLU A . n 
A 1 41  GLY 41  41  41  GLY GLY A . n 
A 1 42  PRO 42  42  42  PRO PRO A . n 
A 1 43  GLU 43  43  43  GLU GLU A . n 
A 1 44  GLN 44  44  44  GLN GLN A . n 
A 1 45  SER 45  45  45  SER SER A . n 
A 1 46  PRO 46  46  46  PRO PRO A . n 
A 1 47  TYR 47  47  47  TYR TYR A . n 
A 1 48  GLU 48  48  48  GLU GLU A . n 
A 1 49  ASP 49  49  49  ASP ASP A . n 
A 1 50  GLY 50  50  50  GLY GLY A . n 
A 1 51  ILE 51  51  51  ILE ILE A . n 
A 1 52  PHE 52  52  52  PHE PHE A . n 
A 1 53  GLU 53  53  53  GLU GLU A . n 
A 1 54  LEU 54  54  54  LEU LEU A . n 
A 1 55  GLU 55  55  55  GLU GLU A . n 
A 1 56  LEU 56  56  56  LEU LEU A . n 
A 1 57  TYR 57  57  57  TYR TYR A . n 
A 1 58  LEU 58  58  58  LEU LEU A . n 
A 1 59  PRO 59  59  59  PRO PRO A . n 
A 1 60  ASP 60  60  60  ASP ASP A . n 
A 1 61  ASP 61  61  61  ASP ASP A . n 
A 1 62  TYR 62  62  62  TYR TYR A . n 
A 1 63  PRO 63  63  63  PRO PRO A . n 
A 1 64  MET 64  64  64  MET MET A . n 
A 1 65  GLU 65  65  65  GLU GLU A . n 
A 1 66  ALA 66  66  66  ALA ALA A . n 
A 1 67  PRO 67  67  67  PRO PRO A . n 
A 1 68  LYS 68  68  68  LYS LYS A . n 
A 1 69  VAL 69  69  69  VAL VAL A . n 
A 1 70  ARG 70  70  70  ARG ARG A . n 
A 1 71  PHE 71  71  71  PHE PHE A . n 
A 1 72  LEU 72  72  72  LEU LEU A . n 
A 1 73  THR 73  73  73  THR THR A . n 
A 1 74  LYS 74  74  74  LYS LYS A . n 
A 1 75  ILE 75  75  75  ILE ILE A . n 
A 1 76  TYR 76  76  76  TYR TYR A . n 
A 1 77  HIS 77  77  77  HIS HIS A . n 
A 1 78  PRO 78  78  78  PRO PRO A . n 
A 1 79  ALA 79  79  79  ALA ALA A . n 
A 1 80  ILE 80  80  80  ILE ILE A . n 
A 1 81  ASP 81  81  81  ASP ASP A . n 
A 1 82  ARG 82  82  82  ARG ARG A . n 
A 1 83  LEU 83  83  83  LEU LEU A . n 
A 1 84  GLY 84  84  84  GLY GLY A . n 
A 1 85  ARG 85  85  85  ARG ARG A . n 
A 1 86  ILE 86  86  86  ILE ILE A . n 
A 1 87  SER 87  87  87  SER SER A . n 
A 1 88  LEU 88  88  88  LEU LEU A . n 
A 1 89  ASP 89  89  89  ASP ASP A . n 
A 1 90  VAL 90  90  90  VAL VAL A . n 
A 1 91  LEU 91  91  91  LEU LEU A . n 
A 1 92  LYS 92  92  92  LYS LYS A . n 
A 1 93  THR 93  93  93  THR THR A . n 
A 1 94  ASN 94  94  94  ASN ASN A . n 
A 1 95  TRP 95  95  95  TRP TRP A . n 
A 1 96  SER 96  96  96  SER SER A . n 
A 1 97  PRO 97  97  97  PRO PRO A . n 
A 1 98  ALA 98  98  98  ALA ALA A . n 
A 1 99  LEU 99  99  99  LEU LEU A . n 
A 1 100 GLN 100 100 100 GLN GLN A . n 
A 1 101 ILE 101 101 101 ILE ILE A . n 
A 1 102 ARG 102 102 102 ARG ARG A . n 
A 1 103 THR 103 103 103 THR THR A . n 
A 1 104 VAL 104 104 104 VAL VAL A . n 
A 1 105 LEU 105 105 105 LEU LEU A . n 
A 1 106 LEU 106 106 106 LEU LEU A . n 
A 1 107 SER 107 107 107 SER SER A . n 
A 1 108 ILE 108 108 108 ILE ILE A . n 
A 1 109 GLN 109 109 109 GLN GLN A . n 
A 1 110 ALA 110 110 110 ALA ALA A . n 
A 1 111 LEU 111 111 111 LEU LEU A . n 
A 1 112 LEU 112 112 112 LEU LEU A . n 
A 1 113 ALA 113 113 113 ALA ALA A . n 
A 1 114 SER 114 114 114 SER SER A . n 
A 1 115 PRO 115 115 115 PRO PRO A . n 
A 1 116 ASN 116 116 116 ASN ASN A . n 
A 1 117 PRO 117 117 117 PRO PRO A . n 
A 1 118 ASN 118 118 118 ASN ASN A . n 
A 1 119 ASP 119 119 ?   ?   ?   A . n 
A 1 120 PRO 120 120 ?   ?   ?   A . n 
A 1 121 LEU 121 121 ?   ?   ?   A . n 
A 1 122 ALA 122 122 ?   ?   ?   A . n 
A 1 123 ASN 123 123 123 ASN ASN A . n 
A 1 124 ASP 124 124 124 ASP ASP A . n 
A 1 125 VAL 125 125 125 VAL VAL A . n 
A 1 126 ALA 126 126 126 ALA ALA A . n 
A 1 127 GLU 127 127 127 GLU GLU A . n 
A 1 128 ASP 128 128 128 ASP ASP A . n 
A 1 129 TRP 129 129 129 TRP TRP A . n 
A 1 130 ILE 130 130 130 ILE ILE A . n 
A 1 131 LYS 131 131 131 LYS LYS A . n 
A 1 132 ASN 132 132 132 ASN ASN A . n 
A 1 133 GLU 133 133 133 GLU GLU A . n 
A 1 134 GLN 134 134 134 GLN GLN A . n 
A 1 135 GLY 135 135 135 GLY GLY A . n 
A 1 136 ALA 136 136 136 ALA ALA A . n 
A 1 137 LYS 137 137 137 LYS LYS A . n 
A 1 138 ALA 138 138 138 ALA ALA A . n 
A 1 139 LYS 139 139 139 LYS LYS A . n 
A 1 140 ALA 140 140 140 ALA ALA A . n 
A 1 141 ARG 141 141 141 ARG ARG A . n 
A 1 142 GLU 142 142 142 GLU GLU A . n 
A 1 143 TRP 143 143 143 TRP TRP A . n 
A 1 144 THR 144 144 144 THR THR A . n 
A 1 145 LYS 145 145 145 LYS LYS A . n 
A 1 146 LEU 146 146 146 LEU LEU A . n 
A 1 147 TYR 147 147 147 TYR TYR A . n 
A 1 148 ALA 148 148 148 ALA ALA A . n 
A 1 149 LYS 149 149 149 LYS LYS A . n 
A 1 150 LYS 150 150 150 LYS LYS A . n 
A 1 151 LYS 151 151 151 LYS LYS A . n 
A 1 152 PRO 152 152 ?   ?   ?   A . n 
A 1 153 GLU 153 153 ?   ?   ?   A . n 
# 
loop_
_pdbx_nonpoly_scheme.asym_id 
_pdbx_nonpoly_scheme.entity_id 
_pdbx_nonpoly_scheme.mon_id 
_pdbx_nonpoly_scheme.ndb_seq_num 
_pdbx_nonpoly_scheme.pdb_seq_num 
_pdbx_nonpoly_scheme.auth_seq_num 
_pdbx_nonpoly_scheme.pdb_mon_id 
_pdbx_nonpoly_scheme.auth_mon_id 
_pdbx_nonpoly_scheme.pdb_strand_id 
_pdbx_nonpoly_scheme.pdb_ins_code 
B 2 NHE 1 201 1  NHE NHE A . 
C 3 HOH 1 301 2  HOH HOH A . 
C 3 HOH 2 302 3  HOH HOH A . 
C 3 HOH 3 303 4  HOH HOH A . 
C 3 HOH 4 304 5  HOH HOH A . 
C 3 HOH 5 305 6  HOH HOH A . 
C 3 HOH 6 306 7  HOH HOH A . 
C 3 HOH 7 307 10 HOH HOH A . 
C 3 HOH 8 308 12 HOH HOH A . 
# 
_pdbx_struct_assembly.id                   1 
_pdbx_struct_assembly.details              author_and_software_defined_assembly 
_pdbx_struct_assembly.method_details       PISA 
_pdbx_struct_assembly.oligomeric_details   monomeric 
_pdbx_struct_assembly.oligomeric_count     1 
# 
_pdbx_struct_assembly_gen.assembly_id       1 
_pdbx_struct_assembly_gen.oper_expression   1 
_pdbx_struct_assembly_gen.asym_id_list      A,B,C 
# 
_pdbx_struct_oper_list.id                   1 
_pdbx_struct_oper_list.type                 'identity operation' 
_pdbx_struct_oper_list.name                 1_555 
_pdbx_struct_oper_list.symmetry_operation   x,y,z 
_pdbx_struct_oper_list.matrix[1][1]         1.0000000000 
_pdbx_struct_oper_list.matrix[1][2]         0.0000000000 
_pdbx_struct_oper_list.matrix[1][3]         0.0000000000 
_pdbx_struct_oper_list.vector[1]            0.0000000000 
_pdbx_struct_oper_list.matrix[2][1]         0.0000000000 
_pdbx_struct_oper_list.matrix[2][2]         1.0000000000 
_pdbx_struct_oper_list.matrix[2][3]         0.0000000000 
_pdbx_struct_oper_list.vector[2]            0.0000000000 
_pdbx_struct_oper_list.matrix[3][1]         0.0000000000 
_pdbx_struct_oper_list.matrix[3][2]         0.0000000000 
_pdbx_struct_oper_list.matrix[3][3]         1.0000000000 
_pdbx_struct_oper_list.vector[3]            0.0000000000 
# 
loop_
_pdbx_audit_revision_history.ordinal 
_pdbx_audit_revision_history.data_content_type 
_pdbx_audit_revision_history.major_revision 
_pdbx_audit_revision_history.minor_revision 
_pdbx_audit_revision_history.revision_date 
1 'Structure model' 1 0 2013-01-09 
2 'Structure model' 1 1 2013-05-22 
3 'Structure model' 1 2 2017-11-15 
4 'Structure model' 1 3 2023-09-13 
# 
_pdbx_audit_revision_details.ordinal             1 
_pdbx_audit_revision_details.revision_ordinal    1 
_pdbx_audit_revision_details.data_content_type   'Structure model' 
_pdbx_audit_revision_details.provider            repository 
_pdbx_audit_revision_details.type                'Initial release' 
_pdbx_audit_revision_details.description         ? 
_pdbx_audit_revision_details.details             ? 
# 
loop_
_pdbx_audit_revision_group.ordinal 
_pdbx_audit_revision_group.revision_ordinal 
_pdbx_audit_revision_group.data_content_type 
_pdbx_audit_revision_group.group 
1 2 'Structure model' 'Database references'    
2 3 'Structure model' 'Refinement description' 
3 4 'Structure model' 'Data collection'        
4 4 'Structure model' 'Database references'    
5 4 'Structure model' 'Derived calculations'   
6 4 'Structure model' 'Refinement description' 
# 
loop_
_pdbx_audit_revision_category.ordinal 
_pdbx_audit_revision_category.revision_ordinal 
_pdbx_audit_revision_category.data_content_type 
_pdbx_audit_revision_category.category 
1 3 'Structure model' software                      
2 4 'Structure model' chem_comp_atom                
3 4 'Structure model' chem_comp_bond                
4 4 'Structure model' database_2                    
5 4 'Structure model' pdbx_initial_refinement_model 
6 4 'Structure model' struct_ref_seq_dif            
7 4 'Structure model' struct_site                   
# 
loop_
_pdbx_audit_revision_item.ordinal 
_pdbx_audit_revision_item.revision_ordinal 
_pdbx_audit_revision_item.data_content_type 
_pdbx_audit_revision_item.item 
1 3 'Structure model' '_software.name'                      
2 4 'Structure model' '_database_2.pdbx_DOI'                
3 4 'Structure model' '_database_2.pdbx_database_accession' 
4 4 'Structure model' '_struct_ref_seq_dif.details'         
5 4 'Structure model' '_struct_site.pdbx_auth_asym_id'      
6 4 'Structure model' '_struct_site.pdbx_auth_comp_id'      
7 4 'Structure model' '_struct_site.pdbx_auth_seq_id'       
# 
loop_
_software.name 
_software.classification 
_software.version 
_software.citation_id 
_software.pdbx_ordinal 
MAR345   'data collection' .        ? 1 
PHASER   phasing           .        ? 2 
REFMAC   refinement        5.6.0117 ? 3 
HKL-2000 'data reduction'  .        ? 4 
HKL-2000 'data scaling'    .        ? 5 
# 
loop_
_pdbx_validate_torsion.id 
_pdbx_validate_torsion.PDB_model_num 
_pdbx_validate_torsion.auth_comp_id 
_pdbx_validate_torsion.auth_asym_id 
_pdbx_validate_torsion.auth_seq_id 
_pdbx_validate_torsion.PDB_ins_code 
_pdbx_validate_torsion.label_alt_id 
_pdbx_validate_torsion.phi 
_pdbx_validate_torsion.psi 
1 1 LYS A 92  ? ? -109.96 -94.94 
2 1 ASN A 132 ? ? 67.06   71.51  
# 
loop_
_pdbx_unobs_or_zero_occ_atoms.id 
_pdbx_unobs_or_zero_occ_atoms.PDB_model_num 
_pdbx_unobs_or_zero_occ_atoms.polymer_flag 
_pdbx_unobs_or_zero_occ_atoms.occupancy_flag 
_pdbx_unobs_or_zero_occ_atoms.auth_asym_id 
_pdbx_unobs_or_zero_occ_atoms.auth_comp_id 
_pdbx_unobs_or_zero_occ_atoms.auth_seq_id 
_pdbx_unobs_or_zero_occ_atoms.PDB_ins_code 
_pdbx_unobs_or_zero_occ_atoms.auth_atom_id 
_pdbx_unobs_or_zero_occ_atoms.label_alt_id 
_pdbx_unobs_or_zero_occ_atoms.label_asym_id 
_pdbx_unobs_or_zero_occ_atoms.label_comp_id 
_pdbx_unobs_or_zero_occ_atoms.label_seq_id 
_pdbx_unobs_or_zero_occ_atoms.label_atom_id 
1  1 Y 1 A ASP 18  ? CG  ? A ASP 18  CG  
2  1 Y 1 A ASP 18  ? OD1 ? A ASP 18  OD1 
3  1 Y 1 A ASP 18  ? OD2 ? A ASP 18  OD2 
4  1 Y 1 A ASP 30  ? CG  ? A ASP 30  CG  
5  1 Y 1 A ASP 30  ? OD1 ? A ASP 30  OD1 
6  1 Y 1 A ASP 30  ? OD2 ? A ASP 30  OD2 
7  1 Y 1 A GLU 43  ? CG  ? A GLU 43  CG  
8  1 Y 1 A GLU 43  ? CD  ? A GLU 43  CD  
9  1 Y 1 A GLU 43  ? OE1 ? A GLU 43  OE1 
10 1 Y 1 A GLU 43  ? OE2 ? A GLU 43  OE2 
11 1 Y 1 A GLN 44  ? CG  ? A GLN 44  CG  
12 1 Y 1 A GLN 44  ? CD  ? A GLN 44  CD  
13 1 Y 1 A GLN 44  ? OE1 ? A GLN 44  OE1 
14 1 Y 1 A GLN 44  ? NE2 ? A GLN 44  NE2 
15 1 Y 1 A GLU 48  ? CG  ? A GLU 48  CG  
16 1 Y 1 A GLU 48  ? CD  ? A GLU 48  CD  
17 1 Y 1 A GLU 48  ? OE1 ? A GLU 48  OE1 
18 1 Y 1 A GLU 48  ? OE2 ? A GLU 48  OE2 
19 1 Y 1 A ASP 49  ? CG  ? A ASP 49  CG  
20 1 Y 1 A ASP 49  ? OD1 ? A ASP 49  OD1 
21 1 Y 1 A ASP 49  ? OD2 ? A ASP 49  OD2 
22 1 Y 1 A ARG 82  ? CG  ? A ARG 82  CG  
23 1 Y 1 A ARG 82  ? CD  ? A ARG 82  CD  
24 1 Y 1 A ARG 82  ? NE  ? A ARG 82  NE  
25 1 Y 1 A ARG 82  ? CZ  ? A ARG 82  CZ  
26 1 Y 1 A ARG 82  ? NH1 ? A ARG 82  NH1 
27 1 Y 1 A ARG 82  ? NH2 ? A ARG 82  NH2 
28 1 Y 1 A ARG 85  ? CG  ? A ARG 85  CG  
29 1 Y 1 A ARG 85  ? CD  ? A ARG 85  CD  
30 1 Y 1 A ARG 85  ? NE  ? A ARG 85  NE  
31 1 Y 1 A ARG 85  ? CZ  ? A ARG 85  CZ  
32 1 Y 1 A ARG 85  ? NH1 ? A ARG 85  NH1 
33 1 Y 1 A ARG 85  ? NH2 ? A ARG 85  NH2 
34 1 Y 1 A LYS 92  ? CG  ? A LYS 92  CG  
35 1 Y 1 A LYS 92  ? CD  ? A LYS 92  CD  
36 1 Y 1 A LYS 92  ? CE  ? A LYS 92  CE  
37 1 Y 1 A LYS 92  ? NZ  ? A LYS 92  NZ  
38 1 Y 1 A ASN 116 ? CG  ? A ASN 116 CG  
39 1 Y 1 A ASN 116 ? OD1 ? A ASN 116 OD1 
40 1 Y 1 A ASN 116 ? ND2 ? A ASN 116 ND2 
41 1 Y 1 A ASN 118 ? CG  ? A ASN 118 CG  
42 1 Y 1 A ASN 118 ? OD1 ? A ASN 118 OD1 
43 1 Y 1 A ASN 118 ? ND2 ? A ASN 118 ND2 
44 1 Y 1 A LYS 131 ? CG  ? A LYS 131 CG  
45 1 Y 1 A LYS 131 ? CD  ? A LYS 131 CD  
46 1 Y 1 A LYS 131 ? CE  ? A LYS 131 CE  
47 1 Y 1 A LYS 131 ? NZ  ? A LYS 131 NZ  
48 1 Y 1 A GLU 142 ? CG  ? A GLU 142 CG  
49 1 Y 1 A GLU 142 ? CD  ? A GLU 142 CD  
50 1 Y 1 A GLU 142 ? OE1 ? A GLU 142 OE1 
51 1 Y 1 A GLU 142 ? OE2 ? A GLU 142 OE2 
52 1 Y 1 A LYS 145 ? CG  ? A LYS 145 CG  
53 1 Y 1 A LYS 145 ? CD  ? A LYS 145 CD  
54 1 Y 1 A LYS 145 ? CE  ? A LYS 145 CE  
55 1 Y 1 A LYS 145 ? NZ  ? A LYS 145 NZ  
56 1 Y 1 A LYS 149 ? CG  ? A LYS 149 CG  
57 1 Y 1 A LYS 149 ? CD  ? A LYS 149 CD  
58 1 Y 1 A LYS 149 ? CE  ? A LYS 149 CE  
59 1 Y 1 A LYS 149 ? NZ  ? A LYS 149 NZ  
60 1 Y 1 A LYS 151 ? CG  ? A LYS 151 CG  
61 1 Y 1 A LYS 151 ? CD  ? A LYS 151 CD  
62 1 Y 1 A LYS 151 ? CE  ? A LYS 151 CE  
63 1 Y 1 A LYS 151 ? NZ  ? A LYS 151 NZ  
# 
loop_
_pdbx_unobs_or_zero_occ_residues.id 
_pdbx_unobs_or_zero_occ_residues.PDB_model_num 
_pdbx_unobs_or_zero_occ_residues.polymer_flag 
_pdbx_unobs_or_zero_occ_residues.occupancy_flag 
_pdbx_unobs_or_zero_occ_residues.auth_asym_id 
_pdbx_unobs_or_zero_occ_residues.auth_comp_id 
_pdbx_unobs_or_zero_occ_residues.auth_seq_id 
_pdbx_unobs_or_zero_occ_residues.PDB_ins_code 
_pdbx_unobs_or_zero_occ_residues.label_asym_id 
_pdbx_unobs_or_zero_occ_residues.label_comp_id 
_pdbx_unobs_or_zero_occ_residues.label_seq_id 
1 1 Y 1 A MET 1   ? A MET 1   
2 1 Y 1 A ALA 2   ? A ALA 2   
3 1 Y 1 A ASP 119 ? A ASP 119 
4 1 Y 1 A PRO 120 ? A PRO 120 
5 1 Y 1 A LEU 121 ? A LEU 121 
6 1 Y 1 A ALA 122 ? A ALA 122 
7 1 Y 1 A PRO 152 ? A PRO 152 
8 1 Y 1 A GLU 153 ? A GLU 153 
# 
loop_
_chem_comp_atom.comp_id 
_chem_comp_atom.atom_id 
_chem_comp_atom.type_symbol 
_chem_comp_atom.pdbx_aromatic_flag 
_chem_comp_atom.pdbx_stereo_config 
_chem_comp_atom.pdbx_ordinal 
ALA N      N N N 1   
ALA CA     C N S 2   
ALA C      C N N 3   
ALA O      O N N 4   
ALA CB     C N N 5   
ALA OXT    O N N 6   
ALA H      H N N 7   
ALA H2     H N N 8   
ALA HA     H N N 9   
ALA HB1    H N N 10  
ALA HB2    H N N 11  
ALA HB3    H N N 12  
ALA HXT    H N N 13  
ARG N      N N N 14  
ARG CA     C N S 15  
ARG C      C N N 16  
ARG O      O N N 17  
ARG CB     C N N 18  
ARG CG     C N N 19  
ARG CD     C N N 20  
ARG NE     N N N 21  
ARG CZ     C N N 22  
ARG NH1    N N N 23  
ARG NH2    N N N 24  
ARG OXT    O N N 25  
ARG H      H N N 26  
ARG H2     H N N 27  
ARG HA     H N N 28  
ARG HB2    H N N 29  
ARG HB3    H N N 30  
ARG HG2    H N N 31  
ARG HG3    H N N 32  
ARG HD2    H N N 33  
ARG HD3    H N N 34  
ARG HE     H N N 35  
ARG HH11   H N N 36  
ARG HH12   H N N 37  
ARG HH21   H N N 38  
ARG HH22   H N N 39  
ARG HXT    H N N 40  
ASN N      N N N 41  
ASN CA     C N S 42  
ASN C      C N N 43  
ASN O      O N N 44  
ASN CB     C N N 45  
ASN CG     C N N 46  
ASN OD1    O N N 47  
ASN ND2    N N N 48  
ASN OXT    O N N 49  
ASN H      H N N 50  
ASN H2     H N N 51  
ASN HA     H N N 52  
ASN HB2    H N N 53  
ASN HB3    H N N 54  
ASN HD21   H N N 55  
ASN HD22   H N N 56  
ASN HXT    H N N 57  
ASP N      N N N 58  
ASP CA     C N S 59  
ASP C      C N N 60  
ASP O      O N N 61  
ASP CB     C N N 62  
ASP CG     C N N 63  
ASP OD1    O N N 64  
ASP OD2    O N N 65  
ASP OXT    O N N 66  
ASP H      H N N 67  
ASP H2     H N N 68  
ASP HA     H N N 69  
ASP HB2    H N N 70  
ASP HB3    H N N 71  
ASP HD2    H N N 72  
ASP HXT    H N N 73  
CYS N      N N N 74  
CYS CA     C N R 75  
CYS C      C N N 76  
CYS O      O N N 77  
CYS CB     C N N 78  
CYS SG     S N N 79  
CYS OXT    O N N 80  
CYS H      H N N 81  
CYS H2     H N N 82  
CYS HA     H N N 83  
CYS HB2    H N N 84  
CYS HB3    H N N 85  
CYS HG     H N N 86  
CYS HXT    H N N 87  
GLN N      N N N 88  
GLN CA     C N S 89  
GLN C      C N N 90  
GLN O      O N N 91  
GLN CB     C N N 92  
GLN CG     C N N 93  
GLN CD     C N N 94  
GLN OE1    O N N 95  
GLN NE2    N N N 96  
GLN OXT    O N N 97  
GLN H      H N N 98  
GLN H2     H N N 99  
GLN HA     H N N 100 
GLN HB2    H N N 101 
GLN HB3    H N N 102 
GLN HG2    H N N 103 
GLN HG3    H N N 104 
GLN HE21   H N N 105 
GLN HE22   H N N 106 
GLN HXT    H N N 107 
GLU N      N N N 108 
GLU CA     C N S 109 
GLU C      C N N 110 
GLU O      O N N 111 
GLU CB     C N N 112 
GLU CG     C N N 113 
GLU CD     C N N 114 
GLU OE1    O N N 115 
GLU OE2    O N N 116 
GLU OXT    O N N 117 
GLU H      H N N 118 
GLU H2     H N N 119 
GLU HA     H N N 120 
GLU HB2    H N N 121 
GLU HB3    H N N 122 
GLU HG2    H N N 123 
GLU HG3    H N N 124 
GLU HE2    H N N 125 
GLU HXT    H N N 126 
GLY N      N N N 127 
GLY CA     C N N 128 
GLY C      C N N 129 
GLY O      O N N 130 
GLY OXT    O N N 131 
GLY H      H N N 132 
GLY H2     H N N 133 
GLY HA2    H N N 134 
GLY HA3    H N N 135 
GLY HXT    H N N 136 
HIS N      N N N 137 
HIS CA     C N S 138 
HIS C      C N N 139 
HIS O      O N N 140 
HIS CB     C N N 141 
HIS CG     C Y N 142 
HIS ND1    N Y N 143 
HIS CD2    C Y N 144 
HIS CE1    C Y N 145 
HIS NE2    N Y N 146 
HIS OXT    O N N 147 
HIS H      H N N 148 
HIS H2     H N N 149 
HIS HA     H N N 150 
HIS HB2    H N N 151 
HIS HB3    H N N 152 
HIS HD1    H N N 153 
HIS HD2    H N N 154 
HIS HE1    H N N 155 
HIS HE2    H N N 156 
HIS HXT    H N N 157 
HOH O      O N N 158 
HOH H1     H N N 159 
HOH H2     H N N 160 
ILE N      N N N 161 
ILE CA     C N S 162 
ILE C      C N N 163 
ILE O      O N N 164 
ILE CB     C N S 165 
ILE CG1    C N N 166 
ILE CG2    C N N 167 
ILE CD1    C N N 168 
ILE OXT    O N N 169 
ILE H      H N N 170 
ILE H2     H N N 171 
ILE HA     H N N 172 
ILE HB     H N N 173 
ILE HG12   H N N 174 
ILE HG13   H N N 175 
ILE HG21   H N N 176 
ILE HG22   H N N 177 
ILE HG23   H N N 178 
ILE HD11   H N N 179 
ILE HD12   H N N 180 
ILE HD13   H N N 181 
ILE HXT    H N N 182 
LEU N      N N N 183 
LEU CA     C N S 184 
LEU C      C N N 185 
LEU O      O N N 186 
LEU CB     C N N 187 
LEU CG     C N N 188 
LEU CD1    C N N 189 
LEU CD2    C N N 190 
LEU OXT    O N N 191 
LEU H      H N N 192 
LEU H2     H N N 193 
LEU HA     H N N 194 
LEU HB2    H N N 195 
LEU HB3    H N N 196 
LEU HG     H N N 197 
LEU HD11   H N N 198 
LEU HD12   H N N 199 
LEU HD13   H N N 200 
LEU HD21   H N N 201 
LEU HD22   H N N 202 
LEU HD23   H N N 203 
LEU HXT    H N N 204 
LYS N      N N N 205 
LYS CA     C N S 206 
LYS C      C N N 207 
LYS O      O N N 208 
LYS CB     C N N 209 
LYS CG     C N N 210 
LYS CD     C N N 211 
LYS CE     C N N 212 
LYS NZ     N N N 213 
LYS OXT    O N N 214 
LYS H      H N N 215 
LYS H2     H N N 216 
LYS HA     H N N 217 
LYS HB2    H N N 218 
LYS HB3    H N N 219 
LYS HG2    H N N 220 
LYS HG3    H N N 221 
LYS HD2    H N N 222 
LYS HD3    H N N 223 
LYS HE2    H N N 224 
LYS HE3    H N N 225 
LYS HZ1    H N N 226 
LYS HZ2    H N N 227 
LYS HZ3    H N N 228 
LYS HXT    H N N 229 
MET N      N N N 230 
MET CA     C N S 231 
MET C      C N N 232 
MET O      O N N 233 
MET CB     C N N 234 
MET CG     C N N 235 
MET SD     S N N 236 
MET CE     C N N 237 
MET OXT    O N N 238 
MET H      H N N 239 
MET H2     H N N 240 
MET HA     H N N 241 
MET HB2    H N N 242 
MET HB3    H N N 243 
MET HG2    H N N 244 
MET HG3    H N N 245 
MET HE1    H N N 246 
MET HE2    H N N 247 
MET HE3    H N N 248 
MET HXT    H N N 249 
NHE "C3'"  C N N 250 
NHE "C2'"  C N N 251 
NHE "C1'"  C N N 252 
NHE "C6'"  C N N 253 
NHE N      N N N 254 
NHE C1     C N N 255 
NHE C2     C N N 256 
NHE S      S N N 257 
NHE O1     O N N 258 
NHE O2     O N N 259 
NHE O3     O N N 260 
NHE "C5'"  C N N 261 
NHE "C4'"  C N N 262 
NHE "H3'1" H N N 263 
NHE "H3'2" H N N 264 
NHE "H2'1" H N N 265 
NHE "H2'2" H N N 266 
NHE "HC'1" H N N 267 
NHE "H6'1" H N N 268 
NHE "H6'2" H N N 269 
NHE HN     H N N 270 
NHE HC11   H N N 271 
NHE HC12   H N N 272 
NHE HC21   H N N 273 
NHE HC22   H N N 274 
NHE HO3    H N N 275 
NHE "H5'1" H N N 276 
NHE "H5'2" H N N 277 
NHE "H4'1" H N N 278 
NHE "H4'2" H N N 279 
PHE N      N N N 280 
PHE CA     C N S 281 
PHE C      C N N 282 
PHE O      O N N 283 
PHE CB     C N N 284 
PHE CG     C Y N 285 
PHE CD1    C Y N 286 
PHE CD2    C Y N 287 
PHE CE1    C Y N 288 
PHE CE2    C Y N 289 
PHE CZ     C Y N 290 
PHE OXT    O N N 291 
PHE H      H N N 292 
PHE H2     H N N 293 
PHE HA     H N N 294 
PHE HB2    H N N 295 
PHE HB3    H N N 296 
PHE HD1    H N N 297 
PHE HD2    H N N 298 
PHE HE1    H N N 299 
PHE HE2    H N N 300 
PHE HZ     H N N 301 
PHE HXT    H N N 302 
PRO N      N N N 303 
PRO CA     C N S 304 
PRO C      C N N 305 
PRO O      O N N 306 
PRO CB     C N N 307 
PRO CG     C N N 308 
PRO CD     C N N 309 
PRO OXT    O N N 310 
PRO H      H N N 311 
PRO HA     H N N 312 
PRO HB2    H N N 313 
PRO HB3    H N N 314 
PRO HG2    H N N 315 
PRO HG3    H N N 316 
PRO HD2    H N N 317 
PRO HD3    H N N 318 
PRO HXT    H N N 319 
SER N      N N N 320 
SER CA     C N S 321 
SER C      C N N 322 
SER O      O N N 323 
SER CB     C N N 324 
SER OG     O N N 325 
SER OXT    O N N 326 
SER H      H N N 327 
SER H2     H N N 328 
SER HA     H N N 329 
SER HB2    H N N 330 
SER HB3    H N N 331 
SER HG     H N N 332 
SER HXT    H N N 333 
THR N      N N N 334 
THR CA     C N S 335 
THR C      C N N 336 
THR O      O N N 337 
THR CB     C N R 338 
THR OG1    O N N 339 
THR CG2    C N N 340 
THR OXT    O N N 341 
THR H      H N N 342 
THR H2     H N N 343 
THR HA     H N N 344 
THR HB     H N N 345 
THR HG1    H N N 346 
THR HG21   H N N 347 
THR HG22   H N N 348 
THR HG23   H N N 349 
THR HXT    H N N 350 
TRP N      N N N 351 
TRP CA     C N S 352 
TRP C      C N N 353 
TRP O      O N N 354 
TRP CB     C N N 355 
TRP CG     C Y N 356 
TRP CD1    C Y N 357 
TRP CD2    C Y N 358 
TRP NE1    N Y N 359 
TRP CE2    C Y N 360 
TRP CE3    C Y N 361 
TRP CZ2    C Y N 362 
TRP CZ3    C Y N 363 
TRP CH2    C Y N 364 
TRP OXT    O N N 365 
TRP H      H N N 366 
TRP H2     H N N 367 
TRP HA     H N N 368 
TRP HB2    H N N 369 
TRP HB3    H N N 370 
TRP HD1    H N N 371 
TRP HE1    H N N 372 
TRP HE3    H N N 373 
TRP HZ2    H N N 374 
TRP HZ3    H N N 375 
TRP HH2    H N N 376 
TRP HXT    H N N 377 
TYR N      N N N 378 
TYR CA     C N S 379 
TYR C      C N N 380 
TYR O      O N N 381 
TYR CB     C N N 382 
TYR CG     C Y N 383 
TYR CD1    C Y N 384 
TYR CD2    C Y N 385 
TYR CE1    C Y N 386 
TYR CE2    C Y N 387 
TYR CZ     C Y N 388 
TYR OH     O N N 389 
TYR OXT    O N N 390 
TYR H      H N N 391 
TYR H2     H N N 392 
TYR HA     H N N 393 
TYR HB2    H N N 394 
TYR HB3    H N N 395 
TYR HD1    H N N 396 
TYR HD2    H N N 397 
TYR HE1    H N N 398 
TYR HE2    H N N 399 
TYR HH     H N N 400 
TYR HXT    H N N 401 
VAL N      N N N 402 
VAL CA     C N S 403 
VAL C      C N N 404 
VAL O      O N N 405 
VAL CB     C N N 406 
VAL CG1    C N N 407 
VAL CG2    C N N 408 
VAL OXT    O N N 409 
VAL H      H N N 410 
VAL H2     H N N 411 
VAL HA     H N N 412 
VAL HB     H N N 413 
VAL HG11   H N N 414 
VAL HG12   H N N 415 
VAL HG13   H N N 416 
VAL HG21   H N N 417 
VAL HG22   H N N 418 
VAL HG23   H N N 419 
VAL HXT    H N N 420 
# 
loop_
_chem_comp_bond.comp_id 
_chem_comp_bond.atom_id_1 
_chem_comp_bond.atom_id_2 
_chem_comp_bond.value_order 
_chem_comp_bond.pdbx_aromatic_flag 
_chem_comp_bond.pdbx_stereo_config 
_chem_comp_bond.pdbx_ordinal 
ALA N     CA     sing N N 1   
ALA N     H      sing N N 2   
ALA N     H2     sing N N 3   
ALA CA    C      sing N N 4   
ALA CA    CB     sing N N 5   
ALA CA    HA     sing N N 6   
ALA C     O      doub N N 7   
ALA C     OXT    sing N N 8   
ALA CB    HB1    sing N N 9   
ALA CB    HB2    sing N N 10  
ALA CB    HB3    sing N N 11  
ALA OXT   HXT    sing N N 12  
ARG N     CA     sing N N 13  
ARG N     H      sing N N 14  
ARG N     H2     sing N N 15  
ARG CA    C      sing N N 16  
ARG CA    CB     sing N N 17  
ARG CA    HA     sing N N 18  
ARG C     O      doub N N 19  
ARG C     OXT    sing N N 20  
ARG CB    CG     sing N N 21  
ARG CB    HB2    sing N N 22  
ARG CB    HB3    sing N N 23  
ARG CG    CD     sing N N 24  
ARG CG    HG2    sing N N 25  
ARG CG    HG3    sing N N 26  
ARG CD    NE     sing N N 27  
ARG CD    HD2    sing N N 28  
ARG CD    HD3    sing N N 29  
ARG NE    CZ     sing N N 30  
ARG NE    HE     sing N N 31  
ARG CZ    NH1    sing N N 32  
ARG CZ    NH2    doub N N 33  
ARG NH1   HH11   sing N N 34  
ARG NH1   HH12   sing N N 35  
ARG NH2   HH21   sing N N 36  
ARG NH2   HH22   sing N N 37  
ARG OXT   HXT    sing N N 38  
ASN N     CA     sing N N 39  
ASN N     H      sing N N 40  
ASN N     H2     sing N N 41  
ASN CA    C      sing N N 42  
ASN CA    CB     sing N N 43  
ASN CA    HA     sing N N 44  
ASN C     O      doub N N 45  
ASN C     OXT    sing N N 46  
ASN CB    CG     sing N N 47  
ASN CB    HB2    sing N N 48  
ASN CB    HB3    sing N N 49  
ASN CG    OD1    doub N N 50  
ASN CG    ND2    sing N N 51  
ASN ND2   HD21   sing N N 52  
ASN ND2   HD22   sing N N 53  
ASN OXT   HXT    sing N N 54  
ASP N     CA     sing N N 55  
ASP N     H      sing N N 56  
ASP N     H2     sing N N 57  
ASP CA    C      sing N N 58  
ASP CA    CB     sing N N 59  
ASP CA    HA     sing N N 60  
ASP C     O      doub N N 61  
ASP C     OXT    sing N N 62  
ASP CB    CG     sing N N 63  
ASP CB    HB2    sing N N 64  
ASP CB    HB3    sing N N 65  
ASP CG    OD1    doub N N 66  
ASP CG    OD2    sing N N 67  
ASP OD2   HD2    sing N N 68  
ASP OXT   HXT    sing N N 69  
CYS N     CA     sing N N 70  
CYS N     H      sing N N 71  
CYS N     H2     sing N N 72  
CYS CA    C      sing N N 73  
CYS CA    CB     sing N N 74  
CYS CA    HA     sing N N 75  
CYS C     O      doub N N 76  
CYS C     OXT    sing N N 77  
CYS CB    SG     sing N N 78  
CYS CB    HB2    sing N N 79  
CYS CB    HB3    sing N N 80  
CYS SG    HG     sing N N 81  
CYS OXT   HXT    sing N N 82  
GLN N     CA     sing N N 83  
GLN N     H      sing N N 84  
GLN N     H2     sing N N 85  
GLN CA    C      sing N N 86  
GLN CA    CB     sing N N 87  
GLN CA    HA     sing N N 88  
GLN C     O      doub N N 89  
GLN C     OXT    sing N N 90  
GLN CB    CG     sing N N 91  
GLN CB    HB2    sing N N 92  
GLN CB    HB3    sing N N 93  
GLN CG    CD     sing N N 94  
GLN CG    HG2    sing N N 95  
GLN CG    HG3    sing N N 96  
GLN CD    OE1    doub N N 97  
GLN CD    NE2    sing N N 98  
GLN NE2   HE21   sing N N 99  
GLN NE2   HE22   sing N N 100 
GLN OXT   HXT    sing N N 101 
GLU N     CA     sing N N 102 
GLU N     H      sing N N 103 
GLU N     H2     sing N N 104 
GLU CA    C      sing N N 105 
GLU CA    CB     sing N N 106 
GLU CA    HA     sing N N 107 
GLU C     O      doub N N 108 
GLU C     OXT    sing N N 109 
GLU CB    CG     sing N N 110 
GLU CB    HB2    sing N N 111 
GLU CB    HB3    sing N N 112 
GLU CG    CD     sing N N 113 
GLU CG    HG2    sing N N 114 
GLU CG    HG3    sing N N 115 
GLU CD    OE1    doub N N 116 
GLU CD    OE2    sing N N 117 
GLU OE2   HE2    sing N N 118 
GLU OXT   HXT    sing N N 119 
GLY N     CA     sing N N 120 
GLY N     H      sing N N 121 
GLY N     H2     sing N N 122 
GLY CA    C      sing N N 123 
GLY CA    HA2    sing N N 124 
GLY CA    HA3    sing N N 125 
GLY C     O      doub N N 126 
GLY C     OXT    sing N N 127 
GLY OXT   HXT    sing N N 128 
HIS N     CA     sing N N 129 
HIS N     H      sing N N 130 
HIS N     H2     sing N N 131 
HIS CA    C      sing N N 132 
HIS CA    CB     sing N N 133 
HIS CA    HA     sing N N 134 
HIS C     O      doub N N 135 
HIS C     OXT    sing N N 136 
HIS CB    CG     sing N N 137 
HIS CB    HB2    sing N N 138 
HIS CB    HB3    sing N N 139 
HIS CG    ND1    sing Y N 140 
HIS CG    CD2    doub Y N 141 
HIS ND1   CE1    doub Y N 142 
HIS ND1   HD1    sing N N 143 
HIS CD2   NE2    sing Y N 144 
HIS CD2   HD2    sing N N 145 
HIS CE1   NE2    sing Y N 146 
HIS CE1   HE1    sing N N 147 
HIS NE2   HE2    sing N N 148 
HIS OXT   HXT    sing N N 149 
HOH O     H1     sing N N 150 
HOH O     H2     sing N N 151 
ILE N     CA     sing N N 152 
ILE N     H      sing N N 153 
ILE N     H2     sing N N 154 
ILE CA    C      sing N N 155 
ILE CA    CB     sing N N 156 
ILE CA    HA     sing N N 157 
ILE C     O      doub N N 158 
ILE C     OXT    sing N N 159 
ILE CB    CG1    sing N N 160 
ILE CB    CG2    sing N N 161 
ILE CB    HB     sing N N 162 
ILE CG1   CD1    sing N N 163 
ILE CG1   HG12   sing N N 164 
ILE CG1   HG13   sing N N 165 
ILE CG2   HG21   sing N N 166 
ILE CG2   HG22   sing N N 167 
ILE CG2   HG23   sing N N 168 
ILE CD1   HD11   sing N N 169 
ILE CD1   HD12   sing N N 170 
ILE CD1   HD13   sing N N 171 
ILE OXT   HXT    sing N N 172 
LEU N     CA     sing N N 173 
LEU N     H      sing N N 174 
LEU N     H2     sing N N 175 
LEU CA    C      sing N N 176 
LEU CA    CB     sing N N 177 
LEU CA    HA     sing N N 178 
LEU C     O      doub N N 179 
LEU C     OXT    sing N N 180 
LEU CB    CG     sing N N 181 
LEU CB    HB2    sing N N 182 
LEU CB    HB3    sing N N 183 
LEU CG    CD1    sing N N 184 
LEU CG    CD2    sing N N 185 
LEU CG    HG     sing N N 186 
LEU CD1   HD11   sing N N 187 
LEU CD1   HD12   sing N N 188 
LEU CD1   HD13   sing N N 189 
LEU CD2   HD21   sing N N 190 
LEU CD2   HD22   sing N N 191 
LEU CD2   HD23   sing N N 192 
LEU OXT   HXT    sing N N 193 
LYS N     CA     sing N N 194 
LYS N     H      sing N N 195 
LYS N     H2     sing N N 196 
LYS CA    C      sing N N 197 
LYS CA    CB     sing N N 198 
LYS CA    HA     sing N N 199 
LYS C     O      doub N N 200 
LYS C     OXT    sing N N 201 
LYS CB    CG     sing N N 202 
LYS CB    HB2    sing N N 203 
LYS CB    HB3    sing N N 204 
LYS CG    CD     sing N N 205 
LYS CG    HG2    sing N N 206 
LYS CG    HG3    sing N N 207 
LYS CD    CE     sing N N 208 
LYS CD    HD2    sing N N 209 
LYS CD    HD3    sing N N 210 
LYS CE    NZ     sing N N 211 
LYS CE    HE2    sing N N 212 
LYS CE    HE3    sing N N 213 
LYS NZ    HZ1    sing N N 214 
LYS NZ    HZ2    sing N N 215 
LYS NZ    HZ3    sing N N 216 
LYS OXT   HXT    sing N N 217 
MET N     CA     sing N N 218 
MET N     H      sing N N 219 
MET N     H2     sing N N 220 
MET CA    C      sing N N 221 
MET CA    CB     sing N N 222 
MET CA    HA     sing N N 223 
MET C     O      doub N N 224 
MET C     OXT    sing N N 225 
MET CB    CG     sing N N 226 
MET CB    HB2    sing N N 227 
MET CB    HB3    sing N N 228 
MET CG    SD     sing N N 229 
MET CG    HG2    sing N N 230 
MET CG    HG3    sing N N 231 
MET SD    CE     sing N N 232 
MET CE    HE1    sing N N 233 
MET CE    HE2    sing N N 234 
MET CE    HE3    sing N N 235 
MET OXT   HXT    sing N N 236 
NHE "C3'" "C2'"  sing N N 237 
NHE "C3'" "C4'"  sing N N 238 
NHE "C3'" "H3'1" sing N N 239 
NHE "C3'" "H3'2" sing N N 240 
NHE "C2'" "C1'"  sing N N 241 
NHE "C2'" "H2'1" sing N N 242 
NHE "C2'" "H2'2" sing N N 243 
NHE "C1'" "C6'"  sing N N 244 
NHE "C1'" N      sing N N 245 
NHE "C1'" "HC'1" sing N N 246 
NHE "C6'" "C5'"  sing N N 247 
NHE "C6'" "H6'1" sing N N 248 
NHE "C6'" "H6'2" sing N N 249 
NHE N     C1     sing N N 250 
NHE N     HN     sing N N 251 
NHE C1    C2     sing N N 252 
NHE C1    HC11   sing N N 253 
NHE C1    HC12   sing N N 254 
NHE C2    S      sing N N 255 
NHE C2    HC21   sing N N 256 
NHE C2    HC22   sing N N 257 
NHE S     O1     doub N N 258 
NHE S     O2     doub N N 259 
NHE S     O3     sing N N 260 
NHE O3    HO3    sing N N 261 
NHE "C5'" "C4'"  sing N N 262 
NHE "C5'" "H5'1" sing N N 263 
NHE "C5'" "H5'2" sing N N 264 
NHE "C4'" "H4'1" sing N N 265 
NHE "C4'" "H4'2" sing N N 266 
PHE N     CA     sing N N 267 
PHE N     H      sing N N 268 
PHE N     H2     sing N N 269 
PHE CA    C      sing N N 270 
PHE CA    CB     sing N N 271 
PHE CA    HA     sing N N 272 
PHE C     O      doub N N 273 
PHE C     OXT    sing N N 274 
PHE CB    CG     sing N N 275 
PHE CB    HB2    sing N N 276 
PHE CB    HB3    sing N N 277 
PHE CG    CD1    doub Y N 278 
PHE CG    CD2    sing Y N 279 
PHE CD1   CE1    sing Y N 280 
PHE CD1   HD1    sing N N 281 
PHE CD2   CE2    doub Y N 282 
PHE CD2   HD2    sing N N 283 
PHE CE1   CZ     doub Y N 284 
PHE CE1   HE1    sing N N 285 
PHE CE2   CZ     sing Y N 286 
PHE CE2   HE2    sing N N 287 
PHE CZ    HZ     sing N N 288 
PHE OXT   HXT    sing N N 289 
PRO N     CA     sing N N 290 
PRO N     CD     sing N N 291 
PRO N     H      sing N N 292 
PRO CA    C      sing N N 293 
PRO CA    CB     sing N N 294 
PRO CA    HA     sing N N 295 
PRO C     O      doub N N 296 
PRO C     OXT    sing N N 297 
PRO CB    CG     sing N N 298 
PRO CB    HB2    sing N N 299 
PRO CB    HB3    sing N N 300 
PRO CG    CD     sing N N 301 
PRO CG    HG2    sing N N 302 
PRO CG    HG3    sing N N 303 
PRO CD    HD2    sing N N 304 
PRO CD    HD3    sing N N 305 
PRO OXT   HXT    sing N N 306 
SER N     CA     sing N N 307 
SER N     H      sing N N 308 
SER N     H2     sing N N 309 
SER CA    C      sing N N 310 
SER CA    CB     sing N N 311 
SER CA    HA     sing N N 312 
SER C     O      doub N N 313 
SER C     OXT    sing N N 314 
SER CB    OG     sing N N 315 
SER CB    HB2    sing N N 316 
SER CB    HB3    sing N N 317 
SER OG    HG     sing N N 318 
SER OXT   HXT    sing N N 319 
THR N     CA     sing N N 320 
THR N     H      sing N N 321 
THR N     H2     sing N N 322 
THR CA    C      sing N N 323 
THR CA    CB     sing N N 324 
THR CA    HA     sing N N 325 
THR C     O      doub N N 326 
THR C     OXT    sing N N 327 
THR CB    OG1    sing N N 328 
THR CB    CG2    sing N N 329 
THR CB    HB     sing N N 330 
THR OG1   HG1    sing N N 331 
THR CG2   HG21   sing N N 332 
THR CG2   HG22   sing N N 333 
THR CG2   HG23   sing N N 334 
THR OXT   HXT    sing N N 335 
TRP N     CA     sing N N 336 
TRP N     H      sing N N 337 
TRP N     H2     sing N N 338 
TRP CA    C      sing N N 339 
TRP CA    CB     sing N N 340 
TRP CA    HA     sing N N 341 
TRP C     O      doub N N 342 
TRP C     OXT    sing N N 343 
TRP CB    CG     sing N N 344 
TRP CB    HB2    sing N N 345 
TRP CB    HB3    sing N N 346 
TRP CG    CD1    doub Y N 347 
TRP CG    CD2    sing Y N 348 
TRP CD1   NE1    sing Y N 349 
TRP CD1   HD1    sing N N 350 
TRP CD2   CE2    doub Y N 351 
TRP CD2   CE3    sing Y N 352 
TRP NE1   CE2    sing Y N 353 
TRP NE1   HE1    sing N N 354 
TRP CE2   CZ2    sing Y N 355 
TRP CE3   CZ3    doub Y N 356 
TRP CE3   HE3    sing N N 357 
TRP CZ2   CH2    doub Y N 358 
TRP CZ2   HZ2    sing N N 359 
TRP CZ3   CH2    sing Y N 360 
TRP CZ3   HZ3    sing N N 361 
TRP CH2   HH2    sing N N 362 
TRP OXT   HXT    sing N N 363 
TYR N     CA     sing N N 364 
TYR N     H      sing N N 365 
TYR N     H2     sing N N 366 
TYR CA    C      sing N N 367 
TYR CA    CB     sing N N 368 
TYR CA    HA     sing N N 369 
TYR C     O      doub N N 370 
TYR C     OXT    sing N N 371 
TYR CB    CG     sing N N 372 
TYR CB    HB2    sing N N 373 
TYR CB    HB3    sing N N 374 
TYR CG    CD1    doub Y N 375 
TYR CG    CD2    sing Y N 376 
TYR CD1   CE1    sing Y N 377 
TYR CD1   HD1    sing N N 378 
TYR CD2   CE2    doub Y N 379 
TYR CD2   HD2    sing N N 380 
TYR CE1   CZ     doub Y N 381 
TYR CE1   HE1    sing N N 382 
TYR CE2   CZ     sing Y N 383 
TYR CE2   HE2    sing N N 384 
TYR CZ    OH     sing N N 385 
TYR OH    HH     sing N N 386 
TYR OXT   HXT    sing N N 387 
VAL N     CA     sing N N 388 
VAL N     H      sing N N 389 
VAL N     H2     sing N N 390 
VAL CA    C      sing N N 391 
VAL CA    CB     sing N N 392 
VAL CA    HA     sing N N 393 
VAL C     O      doub N N 394 
VAL C     OXT    sing N N 395 
VAL CB    CG1    sing N N 396 
VAL CB    CG2    sing N N 397 
VAL CB    HB     sing N N 398 
VAL CG1   HG11   sing N N 399 
VAL CG1   HG12   sing N N 400 
VAL CG1   HG13   sing N N 401 
VAL CG2   HG21   sing N N 402 
VAL CG2   HG22   sing N N 403 
VAL CG2   HG23   sing N N 404 
VAL OXT   HXT    sing N N 405 
# 
loop_
_pdbx_entity_nonpoly.entity_id 
_pdbx_entity_nonpoly.name 
_pdbx_entity_nonpoly.comp_id 
2 '2-[N-CYCLOHEXYLAMINO]ETHANE SULFONIC ACID' NHE 
3 water                                       HOH 
# 
_pdbx_initial_refinement_model.id               1 
_pdbx_initial_refinement_model.entity_id_list   ? 
_pdbx_initial_refinement_model.type             'experimental model' 
_pdbx_initial_refinement_model.source_name      PDB 
_pdbx_initial_refinement_model.accession_code   1JBB 
_pdbx_initial_refinement_model.details          ? 
# 
